data_2FKX
#
_entry.id   2FKX
#
_cell.length_a   1.000
_cell.length_b   1.000
_cell.length_c   1.000
_cell.angle_alpha   90.00
_cell.angle_beta   90.00
_cell.angle_gamma   90.00
#
_symmetry.space_group_name_H-M   'P 1'
#
_entity_poly.entity_id   1
_entity_poly.type   'polypeptide(L)'
_entity_poly.pdbx_seq_one_letter_code
;PITKEEKQKVIQEFARFPGDTGSTEVQVALLTLRINRLSEHLKVHKKDHHSHRGLLMMVGQRRRLLRYLQREDPERYRAL
IEKLGIRG
;
_entity_poly.pdbx_strand_id   A
#
# COMPACT_ATOMS: atom_id res chain seq x y z
N PRO A 1 -4.66 12.70 3.37
CA PRO A 1 -5.48 12.68 4.60
C PRO A 1 -6.89 12.24 4.26
N ILE A 2 -7.37 11.25 4.97
CA ILE A 2 -8.69 10.72 4.71
C ILE A 2 -9.79 11.55 5.39
N THR A 3 -11.00 11.24 5.02
CA THR A 3 -12.20 11.89 5.53
C THR A 3 -13.35 10.91 5.35
N LYS A 4 -14.55 11.36 5.63
CA LYS A 4 -15.75 10.53 5.45
C LYS A 4 -15.88 10.04 4.00
N GLU A 5 -15.86 10.96 3.05
CA GLU A 5 -16.00 10.56 1.63
C GLU A 5 -14.67 10.08 1.07
N GLU A 6 -13.59 10.31 1.81
CA GLU A 6 -12.28 9.85 1.37
C GLU A 6 -12.16 8.39 1.72
N LYS A 7 -12.86 8.02 2.77
CA LYS A 7 -12.91 6.65 3.21
C LYS A 7 -13.72 5.87 2.19
N GLN A 8 -14.86 6.45 1.84
CA GLN A 8 -15.74 5.85 0.84
C GLN A 8 -14.99 5.73 -0.49
N LYS A 9 -14.17 6.72 -0.81
CA LYS A 9 -13.36 6.69 -2.04
C LYS A 9 -12.32 5.55 -1.98
N VAL A 10 -11.63 5.41 -0.85
CA VAL A 10 -10.61 4.36 -0.70
C VAL A 10 -11.23 2.96 -0.73
N ILE A 11 -12.37 2.82 -0.10
CA ILE A 11 -13.06 1.54 -0.04
C ILE A 11 -13.63 1.15 -1.41
N GLN A 12 -14.22 2.11 -2.12
CA GLN A 12 -14.79 1.84 -3.44
C GLN A 12 -13.68 1.60 -4.46
N GLU A 13 -12.51 2.13 -4.19
CA GLU A 13 -11.38 1.97 -5.07
C GLU A 13 -10.71 0.61 -4.85
N PHE A 14 -10.28 0.39 -3.63
CA PHE A 14 -9.54 -0.81 -3.30
C PHE A 14 -10.36 -2.03 -2.86
N ALA A 15 -10.74 -2.04 -1.58
CA ALA A 15 -11.41 -3.20 -0.97
C ALA A 15 -12.68 -3.70 -1.62
N ARG A 16 -12.63 -4.94 -2.05
CA ARG A 16 -13.82 -5.59 -2.55
C ARG A 16 -13.81 -7.06 -2.12
N PHE A 17 -14.05 -7.25 -0.84
CA PHE A 17 -14.13 -8.58 -0.22
C PHE A 17 -15.27 -8.57 0.79
N PRO A 18 -15.69 -9.72 1.33
CA PRO A 18 -16.70 -9.75 2.40
C PRO A 18 -16.08 -9.18 3.67
N GLY A 19 -15.87 -7.88 3.63
CA GLY A 19 -15.24 -7.15 4.69
C GLY A 19 -14.38 -6.04 4.09
N ASP A 20 -14.92 -5.43 3.03
CA ASP A 20 -14.26 -4.36 2.30
C ASP A 20 -14.14 -3.08 3.12
N THR A 21 -13.31 -3.20 4.12
CA THR A 21 -12.98 -2.15 5.03
C THR A 21 -11.58 -2.43 5.58
N GLY A 22 -11.29 -3.73 5.71
CA GLY A 22 -10.00 -4.17 6.19
C GLY A 22 -9.43 -5.24 5.30
N SER A 23 -9.72 -5.12 4.02
CA SER A 23 -9.27 -6.07 3.03
C SER A 23 -7.79 -5.85 2.69
N THR A 24 -7.16 -6.90 2.21
CA THR A 24 -5.74 -6.86 1.82
C THR A 24 -5.41 -5.63 0.97
N GLU A 25 -6.27 -5.37 0.00
CA GLU A 25 -6.12 -4.23 -0.92
C GLU A 25 -5.96 -2.90 -0.17
N VAL A 26 -6.87 -2.63 0.77
CA VAL A 26 -6.81 -1.39 1.54
C VAL A 26 -5.62 -1.37 2.49
N GLN A 27 -5.24 -2.52 3.02
CA GLN A 27 -4.11 -2.57 3.94
C GLN A 27 -2.78 -2.37 3.20
N VAL A 28 -2.65 -2.95 2.01
CA VAL A 28 -1.45 -2.74 1.20
C VAL A 28 -1.46 -1.30 0.70
N ALA A 29 -2.67 -0.77 0.51
CA ALA A 29 -2.83 0.61 0.10
C ALA A 29 -2.31 1.51 1.21
N LEU A 30 -2.70 1.21 2.44
CA LEU A 30 -2.25 2.01 3.57
C LEU A 30 -0.78 1.74 3.88
N LEU A 31 -0.30 0.53 3.56
CA LEU A 31 1.10 0.20 3.77
C LEU A 31 1.95 1.03 2.79
N THR A 32 1.49 1.14 1.56
CA THR A 32 2.17 1.92 0.53
C THR A 32 2.05 3.43 0.82
N LEU A 33 0.87 3.87 1.26
CA LEU A 33 0.67 5.28 1.63
C LEU A 33 1.57 5.64 2.80
N ARG A 34 1.71 4.71 3.73
CA ARG A 34 2.57 4.92 4.88
C ARG A 34 4.03 5.06 4.42
N ILE A 35 4.46 4.17 3.52
CA ILE A 35 5.83 4.23 2.97
C ILE A 35 6.08 5.60 2.34
N ASN A 36 5.14 6.04 1.50
CA ASN A 36 5.26 7.35 0.84
C ASN A 36 5.31 8.48 1.87
N ARG A 37 4.36 8.45 2.82
CA ARG A 37 4.25 9.47 3.85
C ARG A 37 5.51 9.50 4.70
N LEU A 38 6.01 8.33 5.06
CA LEU A 38 7.19 8.24 5.90
C LEU A 38 8.44 8.64 5.12
N SER A 39 8.46 8.41 3.82
CA SER A 39 9.61 8.82 3.03
C SER A 39 9.67 10.36 2.98
N GLU A 40 8.52 11.02 2.83
CA GLU A 40 8.48 12.50 2.80
C GLU A 40 8.69 13.05 4.19
N HIS A 41 8.44 12.19 5.17
CA HIS A 41 8.62 12.51 6.57
C HIS A 41 10.13 12.52 6.86
N LEU A 42 10.79 11.47 6.39
CA LEU A 42 12.23 11.32 6.56
C LEU A 42 13.00 12.38 5.75
N LYS A 43 12.37 12.93 4.71
CA LYS A 43 13.03 13.97 3.89
C LYS A 43 12.99 15.31 4.61
N VAL A 44 12.41 15.29 5.80
CA VAL A 44 12.33 16.45 6.66
C VAL A 44 13.06 16.08 7.96
N HIS A 45 12.77 14.87 8.44
CA HIS A 45 13.38 14.34 9.64
C HIS A 45 14.84 13.96 9.42
N LYS A 46 15.69 14.95 9.55
CA LYS A 46 17.12 14.74 9.43
C LYS A 46 17.69 14.34 10.78
N LYS A 47 16.83 14.41 11.80
CA LYS A 47 17.19 14.04 13.17
C LYS A 47 16.99 12.55 13.39
N ASP A 48 16.38 11.89 12.42
CA ASP A 48 16.08 10.48 12.53
C ASP A 48 17.02 9.64 11.70
N HIS A 49 18.19 9.38 12.27
CA HIS A 49 19.17 8.54 11.63
C HIS A 49 18.72 7.07 11.72
N HIS A 50 19.40 6.18 11.03
CA HIS A 50 18.99 4.77 10.95
C HIS A 50 17.65 4.73 10.21
N SER A 51 17.52 5.70 9.31
CA SER A 51 16.32 5.94 8.52
C SER A 51 15.81 4.69 7.81
N HIS A 52 14.50 4.69 7.55
CA HIS A 52 13.80 3.54 6.95
C HIS A 52 13.63 2.49 8.05
N ARG A 53 13.62 3.00 9.30
CA ARG A 53 13.51 2.24 10.55
C ARG A 53 12.50 1.08 10.43
N GLY A 54 11.27 1.42 10.09
CA GLY A 54 10.26 0.40 9.91
C GLY A 54 9.79 0.35 8.46
N LEU A 55 10.50 1.04 7.57
CA LEU A 55 10.08 1.08 6.17
C LEU A 55 10.61 -0.13 5.42
N LEU A 56 11.68 -0.71 5.96
CA LEU A 56 12.30 -1.86 5.35
C LEU A 56 11.38 -3.07 5.47
N MET A 57 10.67 -3.15 6.58
CA MET A 57 9.70 -4.21 6.83
C MET A 57 8.60 -4.15 5.77
N MET A 58 8.08 -2.95 5.54
CA MET A 58 7.02 -2.75 4.56
C MET A 58 7.52 -2.98 3.13
N VAL A 59 8.72 -2.49 2.81
CA VAL A 59 9.30 -2.73 1.48
C VAL A 59 9.47 -4.24 1.28
N GLY A 60 9.86 -4.92 2.36
CA GLY A 60 10.01 -6.36 2.33
C GLY A 60 8.68 -7.08 2.13
N GLN A 61 7.63 -6.62 2.81
CA GLN A 61 6.30 -7.25 2.68
C GLN A 61 5.70 -6.94 1.31
N ARG A 62 6.14 -5.83 0.72
CA ARG A 62 5.66 -5.41 -0.58
C ARG A 62 6.30 -6.26 -1.68
N ARG A 63 7.54 -6.68 -1.47
CA ARG A 63 8.19 -7.54 -2.45
C ARG A 63 7.81 -9.00 -2.20
N ARG A 64 7.41 -9.31 -0.97
CA ARG A 64 6.94 -10.66 -0.64
C ARG A 64 5.53 -10.85 -1.23
N LEU A 65 4.80 -9.73 -1.29
CA LEU A 65 3.41 -9.69 -1.80
C LEU A 65 3.28 -10.36 -3.19
N LEU A 66 4.35 -10.29 -3.96
CA LEU A 66 4.41 -10.87 -5.31
C LEU A 66 3.84 -12.30 -5.39
N ARG A 67 4.50 -13.25 -4.75
CA ARG A 67 4.07 -14.67 -4.80
C ARG A 67 2.84 -14.95 -3.93
N TYR A 68 2.29 -13.94 -3.31
CA TYR A 68 1.11 -14.14 -2.49
C TYR A 68 -0.12 -13.59 -3.21
N LEU A 69 -0.09 -12.29 -3.45
CA LEU A 69 -1.18 -11.59 -4.12
C LEU A 69 -1.49 -12.17 -5.49
N GLN A 70 -0.45 -12.39 -6.28
CA GLN A 70 -0.61 -12.91 -7.64
C GLN A 70 -1.07 -14.36 -7.64
N ARG A 71 -0.65 -15.08 -6.63
CA ARG A 71 -0.95 -16.49 -6.53
C ARG A 71 -2.40 -16.76 -6.08
N GLU A 72 -2.89 -15.97 -5.14
CA GLU A 72 -4.25 -16.19 -4.62
C GLU A 72 -5.32 -15.58 -5.53
N ASP A 73 -4.86 -14.89 -6.58
CA ASP A 73 -5.71 -14.23 -7.55
C ASP A 73 -4.81 -13.51 -8.57
N PRO A 74 -4.77 -14.01 -9.82
CA PRO A 74 -3.93 -13.39 -10.87
C PRO A 74 -4.38 -11.98 -11.22
N GLU A 75 -5.67 -11.71 -11.04
CA GLU A 75 -6.21 -10.40 -11.35
C GLU A 75 -5.80 -9.42 -10.27
N ARG A 76 -5.84 -9.88 -9.03
CA ARG A 76 -5.47 -9.01 -7.93
C ARG A 76 -4.01 -8.57 -8.02
N TYR A 77 -3.14 -9.36 -8.65
CA TYR A 77 -1.75 -8.93 -8.79
C TYR A 77 -1.73 -7.65 -9.60
N ARG A 78 -2.10 -7.84 -10.86
CA ARG A 78 -2.09 -6.79 -11.82
C ARG A 78 -3.08 -5.67 -11.53
N ALA A 79 -4.19 -5.95 -10.87
CA ALA A 79 -5.14 -4.88 -10.61
C ALA A 79 -4.85 -4.14 -9.31
N LEU A 80 -4.20 -4.77 -8.34
CA LEU A 80 -3.89 -4.00 -7.14
C LEU A 80 -2.67 -3.13 -7.42
N ILE A 81 -1.85 -3.55 -8.37
CA ILE A 81 -0.69 -2.76 -8.71
C ILE A 81 -1.13 -1.61 -9.60
N GLU A 82 -2.24 -1.83 -10.28
CA GLU A 82 -2.91 -0.81 -11.05
C GLU A 82 -3.53 0.21 -10.07
N LYS A 83 -4.23 -0.30 -9.04
CA LYS A 83 -4.87 0.56 -8.03
C LYS A 83 -3.84 1.40 -7.27
N LEU A 84 -2.78 0.75 -6.77
CA LEU A 84 -1.74 1.45 -6.03
C LEU A 84 -1.02 2.47 -6.92
N GLY A 85 -0.79 2.09 -8.15
CA GLY A 85 -0.07 2.97 -9.06
C GLY A 85 1.37 2.55 -9.16
N ILE A 86 1.55 1.27 -9.35
CA ILE A 86 2.85 0.69 -9.46
C ILE A 86 3.21 0.52 -10.97
N ARG A 87 2.22 0.83 -11.84
CA ARG A 87 2.35 0.73 -13.32
C ARG A 87 3.22 1.88 -13.89
N GLY A 88 3.14 2.89 -13.04
CA GLY A 88 3.87 4.18 -13.06
C GLY A 88 2.92 5.36 -13.02
N PRO A 1 2.74 13.52 -0.56
CA PRO A 1 1.80 14.40 0.15
C PRO A 1 0.37 13.93 -0.05
N ILE A 2 -0.14 13.25 0.94
CA ILE A 2 -1.51 12.79 0.92
C ILE A 2 -2.22 13.53 2.02
N THR A 3 -3.46 13.84 1.84
CA THR A 3 -4.16 14.65 2.80
C THR A 3 -4.69 13.86 4.00
N LYS A 4 -4.83 14.54 5.13
CA LYS A 4 -5.37 13.90 6.33
C LYS A 4 -6.77 13.36 6.04
N GLU A 5 -7.56 14.17 5.34
CA GLU A 5 -8.91 13.79 4.98
C GLU A 5 -8.88 12.78 3.85
N GLU A 6 -7.73 12.66 3.23
CA GLU A 6 -7.55 11.72 2.15
C GLU A 6 -7.25 10.38 2.75
N LYS A 7 -6.72 10.43 3.96
CA LYS A 7 -6.41 9.24 4.70
C LYS A 7 -7.71 8.69 5.27
N GLN A 8 -8.60 9.60 5.67
CA GLN A 8 -9.92 9.22 6.17
C GLN A 8 -10.70 8.62 5.01
N LYS A 9 -10.69 9.35 3.91
CA LYS A 9 -11.38 8.99 2.68
C LYS A 9 -10.91 7.63 2.12
N VAL A 10 -9.60 7.41 2.01
CA VAL A 10 -9.10 6.13 1.47
C VAL A 10 -9.41 4.95 2.41
N ILE A 11 -9.17 5.13 3.69
CA ILE A 11 -9.40 4.05 4.64
C ILE A 11 -10.89 3.78 4.82
N GLN A 12 -11.71 4.82 4.80
CA GLN A 12 -13.14 4.60 4.97
C GLN A 12 -13.81 4.10 3.68
N GLU A 13 -13.13 4.29 2.54
CA GLU A 13 -13.65 3.80 1.27
C GLU A 13 -13.54 2.28 1.27
N PHE A 14 -12.34 1.82 1.61
CA PHE A 14 -12.06 0.40 1.66
C PHE A 14 -12.47 -0.20 3.01
N ALA A 15 -11.72 0.14 4.05
CA ALA A 15 -11.95 -0.35 5.40
C ALA A 15 -13.28 0.14 5.95
N ARG A 16 -13.81 -0.60 6.90
CA ARG A 16 -15.07 -0.23 7.50
C ARG A 16 -14.82 0.29 8.90
N PHE A 17 -13.58 0.17 9.30
CA PHE A 17 -13.11 0.60 10.58
C PHE A 17 -11.59 0.56 10.58
N PRO A 18 -10.91 1.46 11.31
CA PRO A 18 -9.45 1.37 11.42
C PRO A 18 -9.07 0.01 12.01
N GLY A 19 -8.70 -0.90 11.14
CA GLY A 19 -8.37 -2.25 11.53
C GLY A 19 -9.22 -3.24 10.75
N ASP A 20 -10.50 -2.89 10.61
CA ASP A 20 -11.43 -3.71 9.84
C ASP A 20 -11.36 -3.19 8.45
N THR A 21 -10.36 -3.63 7.78
CA THR A 21 -10.16 -3.20 6.45
C THR A 21 -10.99 -4.09 5.55
N GLY A 22 -11.22 -5.30 6.05
CA GLY A 22 -12.03 -6.26 5.35
C GLY A 22 -11.23 -7.16 4.46
N SER A 23 -9.97 -6.78 4.20
CA SER A 23 -9.15 -7.57 3.28
C SER A 23 -7.71 -7.06 3.15
N THR A 24 -6.97 -7.80 2.32
CA THR A 24 -5.56 -7.54 2.02
C THR A 24 -5.36 -6.24 1.22
N GLU A 25 -6.18 -6.07 0.18
CA GLU A 25 -6.12 -4.89 -0.72
C GLU A 25 -6.05 -3.59 0.05
N VAL A 26 -6.97 -3.45 0.98
CA VAL A 26 -7.08 -2.28 1.82
C VAL A 26 -5.81 -2.02 2.62
N GLN A 27 -5.18 -3.08 3.07
CA GLN A 27 -3.99 -2.97 3.87
C GLN A 27 -2.78 -2.64 2.99
N VAL A 28 -2.85 -3.01 1.72
CA VAL A 28 -1.80 -2.67 0.78
C VAL A 28 -1.99 -1.18 0.42
N ALA A 29 -3.24 -0.75 0.46
CA ALA A 29 -3.57 0.63 0.21
C ALA A 29 -2.99 1.49 1.33
N LEU A 30 -3.15 1.02 2.56
CA LEU A 30 -2.59 1.74 3.69
C LEU A 30 -1.07 1.53 3.77
N LEU A 31 -0.59 0.40 3.26
CA LEU A 31 0.86 0.14 3.26
C LEU A 31 1.54 1.13 2.31
N THR A 32 0.95 1.32 1.13
CA THR A 32 1.46 2.26 0.14
C THR A 32 1.39 3.70 0.68
N LEU A 33 0.30 4.00 1.39
CA LEU A 33 0.11 5.32 2.01
C LEU A 33 1.23 5.56 3.02
N ARG A 34 1.51 4.55 3.85
CA ARG A 34 2.59 4.65 4.83
C ARG A 34 3.93 4.82 4.12
N ILE A 35 4.19 3.98 3.10
CA ILE A 35 5.44 4.03 2.32
C ILE A 35 5.68 5.45 1.76
N ASN A 36 4.61 6.03 1.23
CA ASN A 36 4.64 7.38 0.64
C ASN A 36 5.01 8.42 1.69
N ARG A 37 4.32 8.41 2.81
CA ARG A 37 4.55 9.39 3.87
C ARG A 37 5.87 9.13 4.59
N LEU A 38 6.27 7.87 4.62
CA LEU A 38 7.51 7.45 5.26
C LEU A 38 8.70 8.01 4.51
N SER A 39 8.58 8.02 3.20
CA SER A 39 9.63 8.54 2.36
C SER A 39 9.75 10.06 2.52
N GLU A 40 8.62 10.78 2.51
CA GLU A 40 8.68 12.25 2.67
C GLU A 40 8.98 12.63 4.13
N HIS A 41 8.90 11.64 4.99
CA HIS A 41 9.23 11.80 6.39
C HIS A 41 10.75 11.94 6.45
N LEU A 42 11.42 10.99 5.81
CA LEU A 42 12.87 10.95 5.74
C LEU A 42 13.43 12.15 4.96
N LYS A 43 12.65 12.67 4.01
CA LYS A 43 13.07 13.81 3.17
C LYS A 43 13.03 15.13 3.94
N VAL A 44 12.70 15.02 5.21
CA VAL A 44 12.64 16.14 6.12
C VAL A 44 13.48 15.78 7.34
N HIS A 45 13.27 14.55 7.80
CA HIS A 45 13.96 13.99 8.95
C HIS A 45 15.39 13.53 8.62
N LYS A 46 16.12 14.34 7.84
CA LYS A 46 17.49 13.99 7.48
C LYS A 46 18.44 14.23 8.66
N LYS A 47 17.91 14.88 9.70
CA LYS A 47 18.68 15.06 10.93
C LYS A 47 18.50 13.82 11.80
N ASP A 48 17.64 12.92 11.34
CA ASP A 48 17.35 11.70 12.07
C ASP A 48 17.85 10.47 11.30
N HIS A 49 17.07 10.08 10.29
CA HIS A 49 17.31 8.89 9.48
C HIS A 49 17.16 7.61 10.32
N HIS A 50 17.05 6.49 9.61
CA HIS A 50 16.83 5.17 10.22
C HIS A 50 15.42 5.14 10.81
N SER A 51 14.59 6.05 10.29
CA SER A 51 13.19 6.17 10.68
C SER A 51 12.40 5.07 9.96
N HIS A 52 13.15 4.29 9.21
CA HIS A 52 12.67 3.16 8.44
C HIS A 52 13.08 1.87 9.17
N ARG A 53 13.50 2.08 10.43
CA ARG A 53 13.99 1.03 11.35
C ARG A 53 13.09 -0.21 11.39
N GLY A 54 11.89 -0.06 11.89
CA GLY A 54 10.96 -1.18 11.95
C GLY A 54 10.24 -1.37 10.64
N LEU A 55 10.53 -0.49 9.68
CA LEU A 55 9.87 -0.56 8.39
C LEU A 55 10.69 -1.38 7.41
N LEU A 56 11.78 -1.98 7.90
CA LEU A 56 12.62 -2.83 7.06
C LEU A 56 11.86 -4.11 6.77
N MET A 57 11.16 -4.59 7.80
CA MET A 57 10.32 -5.77 7.65
C MET A 57 9.18 -5.44 6.69
N MET A 58 8.64 -4.24 6.84
CA MET A 58 7.52 -3.78 6.02
C MET A 58 7.92 -3.59 4.54
N VAL A 59 9.11 -3.01 4.29
CA VAL A 59 9.57 -2.81 2.91
C VAL A 59 9.76 -4.18 2.24
N GLY A 60 10.27 -5.13 3.01
CA GLY A 60 10.43 -6.49 2.53
C GLY A 60 9.10 -7.15 2.26
N GLN A 61 8.08 -6.81 3.07
CA GLN A 61 6.74 -7.38 2.89
C GLN A 61 6.13 -6.90 1.59
N ARG A 62 6.38 -5.62 1.27
CA ARG A 62 5.85 -5.01 0.06
C ARG A 62 6.44 -5.68 -1.16
N ARG A 63 7.75 -5.88 -1.11
CA ARG A 63 8.48 -6.49 -2.20
C ARG A 63 8.03 -7.93 -2.48
N ARG A 64 7.68 -8.65 -1.42
CA ARG A 64 7.26 -10.04 -1.62
C ARG A 64 5.74 -10.24 -1.68
N LEU A 65 4.97 -9.35 -1.04
CA LEU A 65 3.50 -9.50 -1.05
C LEU A 65 2.94 -9.24 -2.46
N LEU A 66 3.61 -8.38 -3.22
CA LEU A 66 3.16 -8.09 -4.58
C LEU A 66 3.23 -9.34 -5.46
N ARG A 67 4.22 -10.19 -5.20
CA ARG A 67 4.39 -11.43 -5.96
C ARG A 67 3.40 -12.49 -5.49
N TYR A 68 3.22 -12.57 -4.18
CA TYR A 68 2.29 -13.52 -3.58
C TYR A 68 0.85 -13.23 -4.01
N LEU A 69 0.45 -11.97 -3.87
CA LEU A 69 -0.89 -11.52 -4.25
C LEU A 69 -1.12 -11.70 -5.75
N GLN A 70 -0.10 -11.34 -6.53
CA GLN A 70 -0.16 -11.43 -7.99
C GLN A 70 -0.42 -12.84 -8.47
N ARG A 71 0.24 -13.77 -7.84
CA ARG A 71 0.14 -15.15 -8.20
C ARG A 71 -1.19 -15.79 -7.78
N GLU A 72 -1.60 -15.60 -6.53
CA GLU A 72 -2.85 -16.22 -6.06
C GLU A 72 -4.09 -15.43 -6.48
N ASP A 73 -3.87 -14.33 -7.17
CA ASP A 73 -4.95 -13.51 -7.67
C ASP A 73 -4.40 -12.49 -8.65
N PRO A 74 -4.23 -12.90 -9.92
CA PRO A 74 -3.71 -12.02 -10.98
C PRO A 74 -4.69 -10.90 -11.28
N GLU A 75 -5.95 -11.13 -10.93
CA GLU A 75 -7.01 -10.17 -11.13
C GLU A 75 -6.78 -8.98 -10.20
N ARG A 76 -6.58 -9.28 -8.92
CA ARG A 76 -6.32 -8.25 -7.94
C ARG A 76 -4.98 -7.55 -8.20
N TYR A 77 -3.97 -8.28 -8.69
CA TYR A 77 -2.67 -7.65 -8.98
C TYR A 77 -2.86 -6.48 -9.89
N ARG A 78 -3.45 -6.84 -11.00
CA ARG A 78 -3.74 -5.98 -12.09
C ARG A 78 -4.57 -4.77 -11.71
N ALA A 79 -5.72 -5.01 -11.12
CA ALA A 79 -6.60 -3.91 -10.82
C ALA A 79 -6.26 -3.17 -9.53
N LEU A 80 -5.45 -3.76 -8.66
CA LEU A 80 -5.08 -3.03 -7.47
C LEU A 80 -3.95 -2.07 -7.83
N ILE A 81 -3.17 -2.39 -8.86
CA ILE A 81 -2.12 -1.46 -9.25
C ILE A 81 -2.77 -0.30 -9.99
N GLU A 82 -3.84 -0.63 -10.72
CA GLU A 82 -4.65 0.37 -11.40
C GLU A 82 -5.31 1.27 -10.35
N LYS A 83 -5.91 0.65 -9.34
CA LYS A 83 -6.63 1.38 -8.30
C LYS A 83 -5.70 2.19 -7.38
N LEU A 84 -4.60 1.60 -6.94
CA LEU A 84 -3.67 2.31 -6.05
C LEU A 84 -3.05 3.51 -6.75
N GLY A 85 -2.87 3.41 -8.05
CA GLY A 85 -2.26 4.51 -8.76
C GLY A 85 -0.79 4.26 -8.96
N ILE A 86 -0.50 3.05 -9.34
CA ILE A 86 0.87 2.65 -9.56
C ILE A 86 1.26 2.91 -11.04
N ARG A 87 0.26 3.04 -11.92
CA ARG A 87 0.49 3.31 -13.38
C ARG A 87 0.71 4.79 -13.57
N GLY A 88 0.16 5.45 -12.55
CA GLY A 88 0.36 6.86 -12.27
C GLY A 88 -0.80 7.52 -11.56
N PRO A 1 -15.07 10.75 -5.53
CA PRO A 1 -15.58 10.06 -4.32
C PRO A 1 -16.95 10.61 -3.86
N ILE A 2 -17.60 11.39 -4.71
CA ILE A 2 -18.86 12.03 -4.33
C ILE A 2 -20.09 11.10 -4.40
N THR A 3 -20.45 10.65 -5.60
CA THR A 3 -21.67 9.85 -5.74
C THR A 3 -21.51 8.34 -5.43
N LYS A 4 -22.60 7.59 -5.57
CA LYS A 4 -22.60 6.16 -5.25
C LYS A 4 -21.73 5.35 -6.23
N GLU A 5 -21.61 5.79 -7.47
CA GLU A 5 -20.74 5.09 -8.40
C GLU A 5 -19.31 5.49 -8.12
N GLU A 6 -19.19 6.57 -7.38
CA GLU A 6 -17.91 7.07 -6.98
C GLU A 6 -17.49 6.29 -5.75
N LYS A 7 -18.52 5.86 -5.03
CA LYS A 7 -18.42 5.04 -3.86
C LYS A 7 -17.91 3.66 -4.30
N GLN A 8 -18.50 3.17 -5.38
CA GLN A 8 -18.09 1.90 -5.97
C GLN A 8 -16.62 1.99 -6.39
N LYS A 9 -16.28 3.09 -7.05
CA LYS A 9 -14.93 3.32 -7.54
C LYS A 9 -13.91 3.55 -6.40
N VAL A 10 -14.36 4.03 -5.26
CA VAL A 10 -13.47 4.21 -4.12
C VAL A 10 -13.08 2.84 -3.54
N ILE A 11 -14.06 1.96 -3.47
CA ILE A 11 -13.84 0.61 -2.97
C ILE A 11 -13.08 -0.18 -4.04
N GLN A 12 -13.31 0.20 -5.29
CA GLN A 12 -12.62 -0.38 -6.44
C GLN A 12 -11.16 0.07 -6.40
N GLU A 13 -10.91 1.22 -5.78
CA GLU A 13 -9.54 1.70 -5.61
C GLU A 13 -8.94 0.92 -4.47
N PHE A 14 -9.36 1.30 -3.30
CA PHE A 14 -8.97 0.63 -2.08
C PHE A 14 -10.07 0.88 -1.10
N ALA A 15 -10.58 -0.16 -0.53
CA ALA A 15 -11.65 0.02 0.39
C ALA A 15 -11.15 0.32 1.80
N ARG A 16 -10.71 1.57 1.99
CA ARG A 16 -10.21 2.04 3.30
C ARG A 16 -10.99 3.29 3.69
N PHE A 17 -12.16 3.39 3.12
CA PHE A 17 -13.07 4.49 3.32
C PHE A 17 -14.41 3.86 3.62
N PRO A 18 -15.46 4.61 4.03
CA PRO A 18 -16.78 4.01 4.24
C PRO A 18 -17.14 3.08 3.06
N GLY A 19 -17.07 1.79 3.33
CA GLY A 19 -17.28 0.79 2.31
C GLY A 19 -16.19 -0.26 2.46
N ASP A 20 -15.19 0.14 3.27
CA ASP A 20 -14.05 -0.70 3.66
C ASP A 20 -14.48 -2.13 3.87
N THR A 21 -14.11 -2.92 2.90
CA THR A 21 -14.45 -4.30 2.91
C THR A 21 -13.23 -5.15 3.31
N GLY A 22 -12.18 -4.45 3.75
CA GLY A 22 -10.96 -5.11 4.23
C GLY A 22 -10.23 -5.94 3.18
N SER A 23 -10.17 -5.43 1.96
CA SER A 23 -9.47 -6.12 0.89
C SER A 23 -7.96 -6.12 1.15
N THR A 24 -7.25 -7.06 0.53
CA THR A 24 -5.80 -7.17 0.67
C THR A 24 -5.14 -5.90 0.11
N GLU A 25 -5.69 -5.46 -1.03
CA GLU A 25 -5.26 -4.24 -1.73
C GLU A 25 -5.17 -3.06 -0.75
N VAL A 26 -6.20 -2.96 0.08
CA VAL A 26 -6.34 -1.91 1.09
C VAL A 26 -5.17 -1.85 2.07
N GLN A 27 -4.72 -3.01 2.51
CA GLN A 27 -3.65 -3.07 3.49
C GLN A 27 -2.29 -2.81 2.87
N VAL A 28 -2.17 -3.11 1.58
CA VAL A 28 -0.96 -2.81 0.85
C VAL A 28 -0.97 -1.32 0.51
N ALA A 29 -2.19 -0.78 0.38
CA ALA A 29 -2.38 0.63 0.14
C ALA A 29 -1.97 1.41 1.38
N LEU A 30 -2.30 0.88 2.55
CA LEU A 30 -1.92 1.54 3.78
C LEU A 30 -0.43 1.31 4.04
N LEU A 31 0.12 0.20 3.55
CA LEU A 31 1.54 -0.08 3.69
C LEU A 31 2.30 0.94 2.83
N THR A 32 1.77 1.16 1.62
CA THR A 32 2.33 2.14 0.68
C THR A 32 2.16 3.56 1.22
N LEU A 33 1.03 3.83 1.89
CA LEU A 33 0.80 5.17 2.46
C LEU A 33 1.78 5.43 3.60
N ARG A 34 2.12 4.40 4.37
CA ARG A 34 3.09 4.58 5.45
C ARG A 34 4.47 4.83 4.83
N ILE A 35 4.80 4.12 3.74
CA ILE A 35 6.06 4.34 3.03
C ILE A 35 6.08 5.76 2.45
N ASN A 36 4.92 6.17 1.90
CA ASN A 36 4.74 7.52 1.35
C ASN A 36 4.98 8.58 2.43
N ARG A 37 4.35 8.36 3.58
CA ARG A 37 4.47 9.25 4.72
C ARG A 37 5.92 9.35 5.15
N LEU A 38 6.51 8.18 5.28
CA LEU A 38 7.88 8.04 5.70
C LEU A 38 8.84 8.72 4.73
N SER A 39 8.57 8.60 3.45
CA SER A 39 9.42 9.22 2.44
C SER A 39 9.35 10.75 2.56
N GLU A 40 8.18 11.27 2.89
CA GLU A 40 8.00 12.72 3.06
C GLU A 40 8.68 13.18 4.34
N HIS A 41 8.88 12.22 5.21
CA HIS A 41 9.59 12.45 6.44
C HIS A 41 11.08 12.48 6.16
N LEU A 42 11.56 11.34 5.64
CA LEU A 42 12.98 11.12 5.33
C LEU A 42 13.59 12.16 4.37
N LYS A 43 12.77 12.87 3.59
CA LYS A 43 13.35 13.87 2.70
C LYS A 43 13.76 15.13 3.48
N VAL A 44 13.61 15.01 4.80
CA VAL A 44 14.04 16.00 5.79
C VAL A 44 14.66 15.23 6.96
N HIS A 45 14.00 14.10 7.23
CA HIS A 45 14.24 13.20 8.38
C HIS A 45 13.86 13.95 9.65
N LYS A 46 12.72 13.59 10.19
CA LYS A 46 12.21 14.29 11.36
C LYS A 46 12.72 13.66 12.66
N LYS A 47 12.15 12.53 12.97
CA LYS A 47 12.44 11.78 14.19
C LYS A 47 12.54 10.31 13.84
N ASP A 48 12.69 10.10 12.55
CA ASP A 48 12.64 8.78 11.95
C ASP A 48 13.92 7.94 12.12
N HIS A 49 15.04 8.63 12.28
CA HIS A 49 16.36 7.99 12.38
C HIS A 49 16.82 7.52 10.99
N HIS A 50 18.12 7.32 10.82
CA HIS A 50 18.65 6.91 9.51
C HIS A 50 18.74 5.39 9.39
N SER A 51 18.09 4.75 10.32
CA SER A 51 18.05 3.30 10.39
C SER A 51 16.71 2.78 9.91
N HIS A 52 15.69 3.60 10.04
CA HIS A 52 14.34 3.20 9.66
C HIS A 52 13.94 3.75 8.30
N ARG A 53 14.91 4.25 7.54
CA ARG A 53 14.58 4.79 6.23
C ARG A 53 14.29 3.65 5.26
N GLY A 54 13.00 3.33 5.19
CA GLY A 54 12.52 2.24 4.39
C GLY A 54 13.09 0.96 4.92
N LEU A 55 12.84 0.75 6.21
CA LEU A 55 13.26 -0.45 6.87
C LEU A 55 12.78 -1.67 6.08
N LEU A 56 13.64 -2.67 6.03
CA LEU A 56 13.40 -3.90 5.28
C LEU A 56 12.03 -4.50 5.58
N MET A 57 11.55 -4.23 6.78
CA MET A 57 10.22 -4.63 7.22
C MET A 57 9.18 -4.38 6.12
N MET A 58 9.00 -3.11 5.78
CA MET A 58 8.00 -2.75 4.80
C MET A 58 8.47 -3.03 3.36
N VAL A 59 9.75 -2.81 3.09
CA VAL A 59 10.27 -3.06 1.75
C VAL A 59 10.12 -4.54 1.37
N GLY A 60 10.65 -5.40 2.22
CA GLY A 60 10.58 -6.83 1.96
C GLY A 60 9.17 -7.38 2.04
N GLN A 61 8.39 -6.93 3.01
CA GLN A 61 7.04 -7.45 3.15
C GLN A 61 6.11 -6.85 2.10
N ARG A 62 6.56 -5.79 1.43
CA ARG A 62 5.78 -5.22 0.35
C ARG A 62 5.90 -6.17 -0.82
N ARG A 63 7.14 -6.56 -1.11
CA ARG A 63 7.45 -7.49 -2.18
C ARG A 63 6.85 -8.86 -1.87
N ARG A 64 6.83 -9.21 -0.59
CA ARG A 64 6.27 -10.49 -0.18
C ARG A 64 4.73 -10.46 -0.23
N LEU A 65 4.11 -9.34 0.16
CA LEU A 65 2.64 -9.24 0.09
C LEU A 65 2.20 -9.21 -1.38
N LEU A 66 3.05 -8.65 -2.26
CA LEU A 66 2.75 -8.62 -3.70
C LEU A 66 2.60 -10.07 -4.19
N ARG A 67 3.43 -10.95 -3.64
CA ARG A 67 3.39 -12.36 -3.99
C ARG A 67 2.12 -13.04 -3.49
N TYR A 68 1.68 -12.69 -2.28
CA TYR A 68 0.47 -13.29 -1.73
C TYR A 68 -0.77 -12.79 -2.48
N LEU A 69 -0.81 -11.51 -2.82
CA LEU A 69 -1.96 -10.99 -3.56
C LEU A 69 -1.90 -11.47 -5.03
N GLN A 70 -0.69 -11.70 -5.52
CA GLN A 70 -0.47 -12.23 -6.87
C GLN A 70 -1.04 -13.64 -6.97
N ARG A 71 -0.78 -14.38 -5.91
CA ARG A 71 -1.22 -15.74 -5.79
C ARG A 71 -2.75 -15.86 -5.74
N GLU A 72 -3.37 -14.97 -5.00
CA GLU A 72 -4.82 -15.04 -4.82
C GLU A 72 -5.60 -14.35 -5.95
N ASP A 73 -4.86 -13.90 -6.95
CA ASP A 73 -5.41 -13.26 -8.14
C ASP A 73 -4.25 -12.72 -8.98
N PRO A 74 -3.93 -13.38 -10.08
CA PRO A 74 -2.81 -12.98 -10.93
C PRO A 74 -3.06 -11.67 -11.67
N GLU A 75 -4.32 -11.28 -11.80
CA GLU A 75 -4.66 -10.05 -12.50
C GLU A 75 -4.45 -8.87 -11.56
N ARG A 76 -4.83 -9.09 -10.32
CA ARG A 76 -4.69 -8.12 -9.26
C ARG A 76 -3.23 -7.70 -9.10
N TYR A 77 -2.32 -8.66 -9.26
CA TYR A 77 -0.89 -8.39 -9.15
C TYR A 77 -0.52 -7.29 -10.11
N ARG A 78 -0.92 -7.52 -11.35
CA ARG A 78 -0.64 -6.65 -12.47
C ARG A 78 -1.19 -5.25 -12.28
N ALA A 79 -2.47 -5.15 -11.97
CA ALA A 79 -3.07 -3.84 -11.87
C ALA A 79 -2.79 -3.15 -10.54
N LEU A 80 -2.46 -3.89 -9.50
CA LEU A 80 -2.15 -3.26 -8.25
C LEU A 80 -0.71 -2.71 -8.30
N ILE A 81 0.14 -3.31 -9.13
CA ILE A 81 1.50 -2.79 -9.21
C ILE A 81 1.48 -1.55 -10.09
N GLU A 82 0.57 -1.57 -11.04
CA GLU A 82 0.35 -0.45 -11.93
C GLU A 82 -0.34 0.69 -11.17
N LYS A 83 -1.35 0.37 -10.39
CA LYS A 83 -2.13 1.38 -9.68
C LYS A 83 -1.42 1.94 -8.44
N LEU A 84 -0.51 1.19 -7.82
CA LEU A 84 0.23 1.74 -6.68
C LEU A 84 1.45 2.50 -7.18
N GLY A 85 1.95 2.13 -8.34
CA GLY A 85 3.09 2.81 -8.90
C GLY A 85 4.38 2.07 -8.70
N ILE A 86 4.34 0.78 -8.98
CA ILE A 86 5.52 -0.05 -8.89
C ILE A 86 6.21 -0.01 -10.29
N ARG A 87 5.41 0.39 -11.32
CA ARG A 87 5.86 0.53 -12.73
C ARG A 87 6.87 1.66 -12.81
N GLY A 88 6.60 2.47 -11.80
CA GLY A 88 7.41 3.61 -11.38
C GLY A 88 6.62 4.76 -10.82
N PRO A 1 -26.33 6.97 -1.94
CA PRO A 1 -27.16 6.86 -3.16
C PRO A 1 -26.57 5.84 -4.12
N ILE A 2 -27.41 5.21 -4.92
CA ILE A 2 -26.99 4.20 -5.92
C ILE A 2 -26.51 2.86 -5.26
N THR A 3 -25.66 2.98 -4.23
CA THR A 3 -25.09 1.88 -3.38
C THR A 3 -24.31 0.81 -4.16
N LYS A 4 -24.88 0.25 -5.23
CA LYS A 4 -24.21 -0.79 -5.96
C LYS A 4 -22.95 -0.28 -6.68
N GLU A 5 -23.03 0.83 -7.38
CA GLU A 5 -21.85 1.35 -8.07
C GLU A 5 -20.97 2.12 -7.11
N GLU A 6 -21.51 2.33 -5.92
CA GLU A 6 -20.78 3.03 -4.90
C GLU A 6 -19.89 2.03 -4.22
N LYS A 7 -20.37 0.80 -4.22
CA LYS A 7 -19.64 -0.30 -3.69
C LYS A 7 -18.48 -0.61 -4.63
N GLN A 8 -18.78 -0.64 -5.94
CA GLN A 8 -17.75 -0.88 -6.94
C GLN A 8 -16.66 0.18 -6.82
N LYS A 9 -17.07 1.42 -6.63
CA LYS A 9 -16.17 2.56 -6.44
C LYS A 9 -15.31 2.36 -5.18
N VAL A 10 -15.90 1.75 -4.14
CA VAL A 10 -15.17 1.49 -2.89
C VAL A 10 -14.03 0.47 -3.12
N ILE A 11 -14.31 -0.61 -3.82
CA ILE A 11 -13.26 -1.60 -4.07
C ILE A 11 -12.29 -1.15 -5.16
N GLN A 12 -12.73 -0.15 -5.88
CA GLN A 12 -11.96 0.44 -6.94
C GLN A 12 -10.84 1.33 -6.39
N GLU A 13 -11.24 2.42 -5.73
CA GLU A 13 -10.29 3.39 -5.19
C GLU A 13 -9.93 3.07 -3.75
N PHE A 14 -10.64 2.11 -3.23
CA PHE A 14 -10.56 1.70 -1.82
C PHE A 14 -10.90 2.84 -0.87
N ALA A 15 -11.71 2.52 0.10
CA ALA A 15 -12.15 3.51 1.08
C ALA A 15 -11.00 3.91 2.01
N ARG A 16 -9.98 3.06 2.04
CA ARG A 16 -8.82 3.20 2.92
C ARG A 16 -9.26 3.31 4.37
N PHE A 17 -10.01 2.31 4.78
CA PHE A 17 -10.48 2.16 6.14
C PHE A 17 -10.31 0.69 6.50
N PRO A 18 -10.05 0.36 7.76
CA PRO A 18 -9.91 -1.05 8.18
C PRO A 18 -11.11 -1.91 7.78
N GLY A 19 -12.25 -1.27 7.62
CA GLY A 19 -13.44 -1.97 7.24
C GLY A 19 -14.07 -1.42 5.97
N ASP A 20 -13.25 -1.06 4.97
CA ASP A 20 -13.80 -0.55 3.69
C ASP A 20 -14.67 -1.65 3.09
N THR A 21 -13.99 -2.76 2.95
CA THR A 21 -14.48 -4.00 2.52
C THR A 21 -13.71 -4.97 3.39
N GLY A 22 -12.83 -4.35 4.21
CA GLY A 22 -11.89 -5.09 5.01
C GLY A 22 -11.00 -5.85 4.07
N SER A 23 -10.57 -5.16 3.01
CA SER A 23 -9.79 -5.78 1.95
C SER A 23 -8.30 -5.91 2.28
N THR A 24 -7.65 -6.85 1.61
CA THR A 24 -6.21 -7.03 1.76
C THR A 24 -5.54 -5.98 0.88
N GLU A 25 -6.23 -5.70 -0.22
CA GLU A 25 -5.79 -4.71 -1.20
C GLU A 25 -5.74 -3.31 -0.60
N VAL A 26 -6.82 -2.94 0.11
CA VAL A 26 -6.91 -1.63 0.77
C VAL A 26 -5.78 -1.44 1.78
N GLN A 27 -5.34 -2.54 2.36
CA GLN A 27 -4.31 -2.49 3.37
C GLN A 27 -2.94 -2.27 2.74
N VAL A 28 -2.71 -2.87 1.58
CA VAL A 28 -1.47 -2.64 0.87
C VAL A 28 -1.49 -1.22 0.33
N ALA A 29 -2.69 -0.73 0.04
CA ALA A 29 -2.87 0.64 -0.42
C ALA A 29 -2.52 1.59 0.72
N LEU A 30 -2.97 1.26 1.93
CA LEU A 30 -2.67 2.10 3.08
C LEU A 30 -1.22 1.86 3.55
N LEU A 31 -0.67 0.69 3.25
CA LEU A 31 0.71 0.38 3.61
C LEU A 31 1.63 1.19 2.70
N THR A 32 1.26 1.29 1.42
CA THR A 32 2.03 2.08 0.45
C THR A 32 1.90 3.57 0.81
N LEU A 33 0.69 3.99 1.20
CA LEU A 33 0.43 5.36 1.64
C LEU A 33 1.24 5.64 2.91
N ARG A 34 1.39 4.62 3.74
CA ARG A 34 2.16 4.74 4.96
C ARG A 34 3.64 4.93 4.60
N ILE A 35 4.18 4.07 3.73
CA ILE A 35 5.58 4.22 3.30
C ILE A 35 5.78 5.61 2.70
N ASN A 36 4.84 5.99 1.85
CA ASN A 36 4.81 7.30 1.21
C ASN A 36 4.97 8.45 2.20
N ARG A 37 4.11 8.48 3.22
CA ARG A 37 4.15 9.58 4.18
C ARG A 37 5.29 9.39 5.19
N LEU A 38 5.60 8.14 5.51
CA LEU A 38 6.67 7.84 6.45
C LEU A 38 7.99 8.33 5.84
N SER A 39 8.19 8.00 4.57
CA SER A 39 9.38 8.42 3.84
C SER A 39 9.43 9.95 3.72
N GLU A 40 8.28 10.61 3.59
CA GLU A 40 8.31 12.07 3.48
C GLU A 40 8.53 12.74 4.82
N HIS A 41 8.48 11.96 5.89
CA HIS A 41 8.83 12.47 7.20
C HIS A 41 10.34 12.23 7.36
N LEU A 42 10.83 11.17 6.72
CA LEU A 42 12.26 10.84 6.76
C LEU A 42 13.07 11.80 5.87
N LYS A 43 12.41 12.51 4.95
CA LYS A 43 13.12 13.49 4.12
C LYS A 43 13.39 14.74 4.95
N VAL A 44 12.77 14.75 6.13
CA VAL A 44 12.95 15.80 7.11
C VAL A 44 14.02 15.28 8.07
N HIS A 45 13.77 14.07 8.56
CA HIS A 45 14.71 13.34 9.41
C HIS A 45 15.77 12.71 8.48
N LYS A 46 16.50 13.59 7.78
CA LYS A 46 17.49 13.23 6.75
C LYS A 46 18.30 11.97 7.06
N LYS A 47 19.01 11.98 8.17
CA LYS A 47 19.75 10.79 8.61
C LYS A 47 19.48 10.57 10.08
N ASP A 48 18.36 11.12 10.54
CA ASP A 48 17.94 11.02 11.93
C ASP A 48 16.97 9.85 12.09
N HIS A 49 16.53 9.32 10.96
CA HIS A 49 15.55 8.25 10.96
C HIS A 49 16.08 6.88 11.39
N HIS A 50 15.29 6.23 12.24
CA HIS A 50 15.58 4.88 12.71
C HIS A 50 14.26 4.11 12.69
N SER A 51 13.37 4.59 11.84
CA SER A 51 12.05 4.02 11.68
C SER A 51 12.13 2.80 10.75
N HIS A 52 12.72 1.72 11.26
CA HIS A 52 12.92 0.50 10.47
C HIS A 52 11.62 -0.12 9.98
N ARG A 53 10.53 0.05 10.71
CA ARG A 53 9.24 -0.53 10.32
C ARG A 53 8.60 0.22 9.15
N GLY A 54 9.20 1.32 8.73
CA GLY A 54 8.68 2.07 7.61
C GLY A 54 9.80 2.46 6.67
N LEU A 55 10.94 1.84 6.91
CA LEU A 55 12.15 2.10 6.13
C LEU A 55 12.22 1.13 4.95
N LEU A 56 13.40 1.02 4.35
CA LEU A 56 13.62 0.13 3.19
C LEU A 56 13.19 -1.31 3.49
N MET A 57 13.28 -1.71 4.76
CA MET A 57 12.83 -3.04 5.18
C MET A 57 11.36 -3.24 4.82
N MET A 58 10.54 -2.24 5.14
CA MET A 58 9.11 -2.29 4.82
C MET A 58 8.90 -2.28 3.30
N VAL A 59 9.68 -1.45 2.62
CA VAL A 59 9.65 -1.35 1.16
C VAL A 59 9.94 -2.71 0.54
N GLY A 60 10.94 -3.38 1.08
CA GLY A 60 11.30 -4.70 0.60
C GLY A 60 10.26 -5.76 0.92
N GLN A 61 9.59 -5.64 2.06
CA GLN A 61 8.59 -6.63 2.44
C GLN A 61 7.33 -6.45 1.61
N ARG A 62 7.12 -5.26 1.04
CA ARG A 62 5.99 -5.05 0.18
C ARG A 62 6.38 -5.41 -1.25
N ARG A 63 7.69 -5.43 -1.52
CA ARG A 63 8.20 -5.81 -2.83
C ARG A 63 8.18 -7.35 -2.96
N ARG A 64 8.16 -8.03 -1.83
CA ARG A 64 8.08 -9.50 -1.83
C ARG A 64 6.64 -9.93 -1.52
N LEU A 65 5.77 -8.94 -1.36
CA LEU A 65 4.37 -9.18 -1.03
C LEU A 65 3.53 -9.54 -2.25
N LEU A 66 3.97 -9.14 -3.44
CA LEU A 66 3.21 -9.39 -4.66
C LEU A 66 2.97 -10.90 -4.85
N ARG A 67 4.03 -11.71 -4.92
CA ARG A 67 3.81 -13.15 -5.10
C ARG A 67 3.50 -13.85 -3.78
N TYR A 68 3.25 -13.06 -2.76
CA TYR A 68 2.87 -13.60 -1.47
C TYR A 68 1.34 -13.60 -1.42
N LEU A 69 0.76 -12.45 -1.73
CA LEU A 69 -0.70 -12.33 -1.75
C LEU A 69 -1.33 -12.99 -3.00
N GLN A 70 -0.56 -13.16 -4.09
CA GLN A 70 -1.12 -13.83 -5.30
C GLN A 70 -1.50 -15.27 -5.01
N ARG A 71 -0.88 -15.81 -3.98
CA ARG A 71 -1.12 -17.19 -3.58
C ARG A 71 -2.50 -17.36 -2.94
N GLU A 72 -2.99 -16.31 -2.30
CA GLU A 72 -4.28 -16.38 -1.62
C GLU A 72 -5.44 -15.89 -2.50
N ASP A 73 -5.06 -15.49 -3.72
CA ASP A 73 -5.99 -15.01 -4.74
C ASP A 73 -5.15 -14.51 -5.91
N PRO A 74 -5.22 -15.19 -7.05
CA PRO A 74 -4.42 -14.82 -8.23
C PRO A 74 -4.92 -13.56 -8.92
N GLU A 75 -6.15 -13.22 -8.65
CA GLU A 75 -6.76 -12.07 -9.29
C GLU A 75 -6.38 -10.80 -8.54
N ARG A 76 -6.28 -10.90 -7.22
CA ARG A 76 -5.88 -9.74 -6.43
C ARG A 76 -4.43 -9.38 -6.76
N TYR A 77 -3.63 -10.38 -7.15
CA TYR A 77 -2.24 -10.13 -7.56
C TYR A 77 -2.25 -9.12 -8.67
N ARG A 78 -2.93 -9.56 -9.72
CA ARG A 78 -3.08 -8.84 -10.94
C ARG A 78 -3.80 -7.52 -10.78
N ALA A 79 -4.87 -7.50 -10.01
CA ALA A 79 -5.62 -6.28 -9.88
C ALA A 79 -4.98 -5.30 -8.91
N LEU A 80 -4.29 -5.78 -7.88
CA LEU A 80 -3.66 -4.85 -6.98
C LEU A 80 -2.43 -4.22 -7.65
N ILE A 81 -1.84 -4.92 -8.62
CA ILE A 81 -0.69 -4.33 -9.29
C ILE A 81 -1.21 -3.30 -10.29
N GLU A 82 -2.41 -3.56 -10.80
CA GLU A 82 -3.08 -2.66 -11.69
C GLU A 82 -3.63 -1.44 -10.91
N LYS A 83 -4.16 -1.69 -9.71
CA LYS A 83 -4.70 -0.59 -8.87
C LYS A 83 -3.60 0.29 -8.28
N LEU A 84 -2.47 -0.30 -7.90
CA LEU A 84 -1.36 0.49 -7.36
C LEU A 84 -0.54 1.13 -8.47
N GLY A 85 -0.66 0.59 -9.69
CA GLY A 85 0.07 1.13 -10.81
C GLY A 85 1.52 0.70 -10.76
N ILE A 86 1.69 -0.59 -10.69
CA ILE A 86 3.00 -1.18 -10.58
C ILE A 86 3.64 -1.51 -11.97
N ARG A 87 2.78 -1.67 -13.01
CA ARG A 87 3.26 -1.94 -14.39
C ARG A 87 4.08 -0.80 -14.80
N GLY A 88 3.70 0.37 -14.40
CA GLY A 88 4.60 1.39 -14.66
C GLY A 88 4.55 2.53 -13.69
N PRO A 1 -20.74 15.28 -1.11
CA PRO A 1 -20.98 14.32 0.01
C PRO A 1 -22.28 13.58 -0.23
N ILE A 2 -22.17 12.38 -0.77
CA ILE A 2 -23.33 11.56 -1.01
C ILE A 2 -23.58 10.65 0.21
N THR A 3 -23.01 9.46 0.19
CA THR A 3 -23.14 8.46 1.29
C THR A 3 -22.84 7.10 0.71
N LYS A 4 -23.49 6.83 -0.42
CA LYS A 4 -23.33 5.57 -1.11
C LYS A 4 -22.23 5.62 -2.16
N GLU A 5 -22.28 6.61 -3.06
CA GLU A 5 -21.27 6.70 -4.12
C GLU A 5 -19.93 7.21 -3.56
N GLU A 6 -19.94 7.56 -2.28
CA GLU A 6 -18.75 8.00 -1.59
C GLU A 6 -17.89 6.78 -1.38
N LYS A 7 -18.58 5.73 -0.91
CA LYS A 7 -17.99 4.45 -0.63
C LYS A 7 -17.58 3.81 -1.94
N GLN A 8 -18.42 3.97 -2.93
CA GLN A 8 -18.17 3.46 -4.28
C GLN A 8 -16.81 3.96 -4.78
N LYS A 9 -16.57 5.26 -4.65
CA LYS A 9 -15.31 5.86 -5.09
C LYS A 9 -14.12 5.27 -4.31
N VAL A 10 -14.33 4.99 -3.02
CA VAL A 10 -13.28 4.38 -2.19
C VAL A 10 -12.92 2.99 -2.71
N ILE A 11 -13.91 2.29 -3.21
CA ILE A 11 -13.73 0.94 -3.76
C ILE A 11 -13.13 1.07 -5.17
N GLN A 12 -13.47 2.16 -5.86
CA GLN A 12 -12.90 2.45 -7.16
C GLN A 12 -11.41 2.71 -6.99
N GLU A 13 -11.03 3.19 -5.81
CA GLU A 13 -9.63 3.36 -5.48
C GLU A 13 -9.07 1.98 -5.18
N PHE A 14 -9.53 1.44 -4.07
CA PHE A 14 -9.16 0.10 -3.63
C PHE A 14 -10.39 -0.55 -2.98
N ALA A 15 -10.65 -0.05 -1.79
CA ALA A 15 -11.74 -0.43 -0.89
C ALA A 15 -11.28 -0.03 0.49
N ARG A 16 -12.13 -0.11 1.48
CA ARG A 16 -11.67 0.21 2.83
C ARG A 16 -12.51 -0.53 3.85
N PHE A 17 -13.02 -1.66 3.43
CA PHE A 17 -13.84 -2.48 4.27
C PHE A 17 -13.20 -3.85 4.38
N PRO A 18 -13.30 -4.51 5.54
CA PRO A 18 -12.67 -5.82 5.77
C PRO A 18 -12.92 -6.83 4.65
N GLY A 19 -11.90 -6.97 3.80
CA GLY A 19 -11.99 -7.88 2.69
C GLY A 19 -13.11 -7.58 1.71
N ASP A 20 -13.39 -6.30 1.42
CA ASP A 20 -14.49 -5.99 0.49
C ASP A 20 -14.10 -6.33 -0.96
N THR A 21 -12.81 -6.16 -1.25
CA THR A 21 -12.29 -6.48 -2.56
C THR A 21 -11.21 -7.53 -2.36
N GLY A 22 -11.16 -8.04 -1.14
CA GLY A 22 -10.14 -8.99 -0.75
C GLY A 22 -9.27 -8.36 0.34
N SER A 23 -9.06 -7.06 0.18
CA SER A 23 -8.29 -6.21 1.11
C SER A 23 -6.78 -6.46 1.04
N THR A 24 -6.38 -7.29 0.10
CA THR A 24 -4.95 -7.58 -0.11
C THR A 24 -4.32 -6.35 -0.77
N GLU A 25 -5.04 -5.85 -1.75
CA GLU A 25 -4.67 -4.65 -2.50
C GLU A 25 -4.68 -3.48 -1.52
N VAL A 26 -5.77 -3.47 -0.78
CA VAL A 26 -6.06 -2.47 0.22
C VAL A 26 -4.98 -2.40 1.31
N GLN A 27 -4.51 -3.55 1.78
CA GLN A 27 -3.51 -3.54 2.84
C GLN A 27 -2.12 -3.20 2.31
N VAL A 28 -1.86 -3.47 1.03
CA VAL A 28 -0.58 -3.09 0.43
C VAL A 28 -0.65 -1.59 0.14
N ALA A 29 -1.85 -1.12 -0.15
CA ALA A 29 -2.09 0.29 -0.39
C ALA A 29 -1.78 1.06 0.89
N LEU A 30 -2.29 0.56 2.00
CA LEU A 30 -2.05 1.20 3.28
C LEU A 30 -0.61 0.94 3.75
N LEU A 31 -0.03 -0.20 3.37
CA LEU A 31 1.34 -0.52 3.76
C LEU A 31 2.30 0.44 3.06
N THR A 32 2.05 0.68 1.77
CA THR A 32 2.87 1.58 0.99
C THR A 32 2.61 3.03 1.40
N LEU A 33 1.38 3.32 1.84
CA LEU A 33 1.05 4.67 2.33
C LEU A 33 1.88 4.98 3.57
N ARG A 34 2.13 3.95 4.40
CA ARG A 34 2.96 4.12 5.59
C ARG A 34 4.39 4.45 5.15
N ILE A 35 4.91 3.66 4.20
CA ILE A 35 6.24 3.90 3.64
C ILE A 35 6.29 5.33 3.08
N ASN A 36 5.30 5.62 2.26
CA ASN A 36 5.14 6.90 1.57
C ASN A 36 5.22 8.11 2.51
N ARG A 37 4.39 8.14 3.55
CA ARG A 37 4.39 9.29 4.44
C ARG A 37 5.60 9.29 5.36
N LEU A 38 6.19 8.11 5.58
CA LEU A 38 7.37 8.03 6.43
C LEU A 38 8.56 8.56 5.64
N SER A 39 8.62 8.20 4.37
CA SER A 39 9.67 8.68 3.49
C SER A 39 9.65 10.20 3.42
N GLU A 40 8.46 10.78 3.22
CA GLU A 40 8.35 12.23 3.11
C GLU A 40 8.44 12.92 4.46
N HIS A 41 8.34 12.13 5.53
CA HIS A 41 8.52 12.63 6.86
C HIS A 41 10.03 12.81 7.05
N LEU A 42 10.77 11.77 6.67
CA LEU A 42 12.23 11.77 6.77
C LEU A 42 12.87 12.63 5.66
N LYS A 43 12.07 13.09 4.68
CA LYS A 43 12.60 13.97 3.62
C LYS A 43 12.64 15.41 4.13
N VAL A 44 12.19 15.53 5.36
CA VAL A 44 12.18 16.79 6.08
C VAL A 44 12.97 16.56 7.35
N HIS A 45 12.56 15.51 8.06
CA HIS A 45 13.21 15.08 9.28
C HIS A 45 14.43 14.24 8.95
N LYS A 46 15.53 14.91 8.77
CA LYS A 46 16.78 14.24 8.44
C LYS A 46 17.80 14.41 9.56
N LYS A 47 17.52 15.34 10.46
CA LYS A 47 18.40 15.58 11.61
C LYS A 47 17.98 14.70 12.78
N ASP A 48 16.72 14.28 12.74
CA ASP A 48 16.12 13.53 13.84
C ASP A 48 16.52 12.04 13.84
N HIS A 49 16.07 11.31 12.86
CA HIS A 49 16.38 9.89 12.78
C HIS A 49 16.12 9.37 11.37
N HIS A 50 16.83 8.32 11.01
CA HIS A 50 16.65 7.65 9.72
C HIS A 50 17.62 6.48 9.61
N SER A 51 17.24 5.39 10.26
CA SER A 51 18.05 4.17 10.21
C SER A 51 17.57 3.32 9.03
N HIS A 52 16.34 3.60 8.58
CA HIS A 52 15.69 2.93 7.43
C HIS A 52 15.27 1.48 7.76
N ARG A 53 15.36 1.11 9.05
CA ARG A 53 15.03 -0.26 9.51
C ARG A 53 13.56 -0.63 9.25
N GLY A 54 12.67 0.25 9.64
CA GLY A 54 11.25 0.00 9.50
C GLY A 54 10.76 -0.01 8.06
N LEU A 55 11.42 0.72 7.17
CA LEU A 55 10.96 0.79 5.77
C LEU A 55 11.30 -0.52 5.07
N LEU A 56 12.32 -1.20 5.58
CA LEU A 56 12.74 -2.47 5.03
C LEU A 56 11.69 -3.53 5.35
N MET A 57 11.14 -3.45 6.56
CA MET A 57 10.11 -4.38 6.99
C MET A 57 8.87 -4.23 6.12
N MET A 58 8.48 -2.99 5.86
CA MET A 58 7.31 -2.70 5.04
C MET A 58 7.54 -3.11 3.57
N VAL A 59 8.71 -2.78 3.01
CA VAL A 59 9.00 -3.19 1.62
C VAL A 59 9.05 -4.72 1.54
N GLY A 60 9.56 -5.35 2.59
CA GLY A 60 9.62 -6.80 2.67
C GLY A 60 8.23 -7.42 2.64
N GLN A 61 7.31 -6.86 3.43
CA GLN A 61 5.93 -7.36 3.50
C GLN A 61 5.21 -7.11 2.18
N ARG A 62 5.68 -6.11 1.44
CA ARG A 62 5.11 -5.77 0.16
C ARG A 62 5.52 -6.80 -0.88
N ARG A 63 6.82 -7.13 -0.92
CA ARG A 63 7.34 -8.13 -1.85
C ARG A 63 6.72 -9.48 -1.54
N ARG A 64 6.56 -9.71 -0.26
CA ARG A 64 6.01 -10.95 0.25
C ARG A 64 4.55 -11.16 -0.17
N LEU A 65 3.75 -10.12 -0.02
CA LEU A 65 2.33 -10.24 -0.31
C LEU A 65 1.97 -10.07 -1.79
N LEU A 66 2.84 -9.45 -2.60
CA LEU A 66 2.54 -9.30 -4.03
C LEU A 66 2.48 -10.66 -4.73
N ARG A 67 3.10 -11.67 -4.12
CA ARG A 67 3.08 -13.04 -4.64
C ARG A 67 1.67 -13.62 -4.52
N TYR A 68 0.99 -13.24 -3.47
CA TYR A 68 -0.35 -13.70 -3.15
C TYR A 68 -1.41 -12.93 -3.94
N LEU A 69 -1.25 -11.62 -3.98
CA LEU A 69 -2.17 -10.71 -4.67
C LEU A 69 -2.26 -11.00 -6.17
N GLN A 70 -1.12 -11.22 -6.81
CA GLN A 70 -1.07 -11.47 -8.26
C GLN A 70 -1.79 -12.74 -8.68
N ARG A 71 -2.09 -13.60 -7.72
CA ARG A 71 -2.76 -14.87 -8.02
C ARG A 71 -4.26 -14.73 -8.26
N GLU A 72 -4.91 -13.81 -7.57
CA GLU A 72 -6.36 -13.70 -7.73
C GLU A 72 -6.75 -12.73 -8.84
N ASP A 73 -5.77 -12.00 -9.32
CA ASP A 73 -5.93 -11.08 -10.42
C ASP A 73 -4.55 -10.58 -10.83
N PRO A 74 -4.01 -11.14 -11.91
CA PRO A 74 -2.71 -10.76 -12.41
C PRO A 74 -2.66 -9.32 -12.91
N GLU A 75 -3.81 -8.77 -13.29
CA GLU A 75 -3.86 -7.41 -13.80
C GLU A 75 -3.72 -6.43 -12.61
N ARG A 76 -4.30 -6.81 -11.47
CA ARG A 76 -4.16 -6.01 -10.26
C ARG A 76 -2.69 -5.99 -9.83
N TYR A 77 -2.00 -7.12 -10.06
CA TYR A 77 -0.57 -7.22 -9.72
C TYR A 77 0.18 -6.10 -10.41
N ARG A 78 0.03 -6.12 -11.73
CA ARG A 78 0.67 -5.21 -12.63
C ARG A 78 0.37 -3.76 -12.33
N ALA A 79 -0.88 -3.44 -12.10
CA ALA A 79 -1.22 -2.05 -11.88
C ALA A 79 -0.94 -1.59 -10.45
N LEU A 80 -1.08 -2.44 -9.45
CA LEU A 80 -0.81 -1.98 -8.11
C LEU A 80 0.70 -1.86 -7.90
N ILE A 81 1.47 -2.57 -8.70
CA ILE A 81 2.91 -2.45 -8.53
C ILE A 81 3.35 -1.16 -9.22
N GLU A 82 2.77 -0.92 -10.38
CA GLU A 82 3.09 0.27 -11.14
C GLU A 82 2.57 1.54 -10.45
N LYS A 83 1.62 1.42 -9.51
CA LYS A 83 1.23 2.62 -8.78
C LYS A 83 1.87 2.67 -7.39
N LEU A 84 1.87 1.57 -6.63
CA LEU A 84 2.44 1.61 -5.27
C LEU A 84 3.47 0.51 -4.94
N GLY A 85 3.45 -0.59 -5.66
CA GLY A 85 4.31 -1.72 -5.29
C GLY A 85 5.75 -1.61 -5.74
N ILE A 86 5.90 -1.13 -6.92
CA ILE A 86 7.18 -1.00 -7.54
C ILE A 86 7.37 0.47 -7.95
N ARG A 87 6.20 1.20 -7.96
CA ARG A 87 6.03 2.71 -8.27
C ARG A 87 6.11 3.05 -9.76
N GLY A 88 6.68 2.00 -10.37
CA GLY A 88 7.02 1.84 -11.79
C GLY A 88 8.34 2.41 -12.21
N PRO A 1 -2.12 11.62 8.21
CA PRO A 1 -2.81 12.91 8.10
C PRO A 1 -3.99 12.81 7.14
N ILE A 2 -4.51 11.60 6.98
CA ILE A 2 -5.65 11.40 6.10
C ILE A 2 -6.89 11.92 6.81
N THR A 3 -7.66 12.71 6.13
CA THR A 3 -8.84 13.30 6.74
C THR A 3 -10.04 12.34 6.81
N LYS A 4 -11.13 12.82 7.41
CA LYS A 4 -12.34 12.02 7.61
C LYS A 4 -12.92 11.48 6.30
N GLU A 5 -13.01 12.32 5.29
CA GLU A 5 -13.52 11.88 4.00
C GLU A 5 -12.43 11.14 3.24
N GLU A 6 -11.20 11.35 3.68
CA GLU A 6 -10.08 10.74 3.02
C GLU A 6 -10.01 9.28 3.40
N LYS A 7 -10.32 8.97 4.66
CA LYS A 7 -10.34 7.60 5.07
C LYS A 7 -11.64 6.96 4.59
N GLN A 8 -12.69 7.76 4.52
CA GLN A 8 -13.99 7.26 4.04
C GLN A 8 -13.84 6.83 2.58
N LYS A 9 -13.09 7.64 1.86
CA LYS A 9 -12.78 7.44 0.46
C LYS A 9 -12.01 6.12 0.26
N VAL A 10 -11.04 5.85 1.14
CA VAL A 10 -10.26 4.62 1.07
C VAL A 10 -11.16 3.39 1.29
N ILE A 11 -12.12 3.55 2.18
CA ILE A 11 -13.07 2.50 2.53
C ILE A 11 -14.09 2.29 1.40
N GLN A 12 -14.37 3.36 0.67
CA GLN A 12 -15.31 3.29 -0.44
C GLN A 12 -14.66 2.78 -1.72
N GLU A 13 -13.47 3.25 -2.02
CA GLU A 13 -12.79 2.90 -3.26
C GLU A 13 -12.03 1.58 -3.21
N PHE A 14 -11.13 1.43 -2.25
CA PHE A 14 -10.36 0.19 -2.15
C PHE A 14 -11.27 -0.96 -1.75
N ALA A 15 -11.88 -0.82 -0.58
CA ALA A 15 -12.83 -1.81 -0.11
C ALA A 15 -14.05 -1.82 -1.02
N ARG A 16 -14.12 -2.82 -1.88
CA ARG A 16 -15.22 -2.92 -2.83
C ARG A 16 -16.28 -3.90 -2.33
N PHE A 17 -16.05 -4.36 -1.12
CA PHE A 17 -16.92 -5.27 -0.41
C PHE A 17 -16.79 -4.93 1.07
N PRO A 18 -17.81 -5.16 1.89
CA PRO A 18 -17.76 -4.84 3.33
C PRO A 18 -16.63 -5.59 4.04
N GLY A 19 -16.27 -6.74 3.52
CA GLY A 19 -15.21 -7.52 4.10
C GLY A 19 -13.83 -7.03 3.66
N ASP A 20 -13.77 -6.35 2.52
CA ASP A 20 -12.47 -5.91 2.00
C ASP A 20 -11.99 -4.59 2.62
N THR A 21 -12.67 -4.15 3.67
CA THR A 21 -12.29 -2.93 4.37
C THR A 21 -11.22 -3.30 5.40
N GLY A 22 -11.20 -4.57 5.76
CA GLY A 22 -10.21 -5.08 6.67
C GLY A 22 -9.35 -6.11 5.98
N SER A 23 -9.37 -6.05 4.66
CA SER A 23 -8.61 -6.99 3.85
C SER A 23 -7.45 -6.30 3.13
N THR A 24 -6.79 -7.09 2.32
CA THR A 24 -5.58 -6.69 1.58
C THR A 24 -5.57 -5.28 0.96
N GLU A 25 -6.56 -4.97 0.13
CA GLU A 25 -6.61 -3.67 -0.57
C GLU A 25 -6.44 -2.47 0.37
N VAL A 26 -7.25 -2.37 1.40
CA VAL A 26 -7.17 -1.25 2.33
C VAL A 26 -5.91 -1.31 3.21
N GLN A 27 -5.53 -2.50 3.67
CA GLN A 27 -4.36 -2.58 4.55
C GLN A 27 -3.02 -2.42 3.82
N VAL A 28 -2.99 -2.77 2.53
CA VAL A 28 -1.77 -2.55 1.74
C VAL A 28 -1.70 -1.07 1.40
N ALA A 29 -2.89 -0.47 1.25
CA ALA A 29 -2.97 0.96 0.99
C ALA A 29 -2.39 1.71 2.19
N LEU A 30 -2.72 1.24 3.38
CA LEU A 30 -2.18 1.86 4.58
C LEU A 30 -0.71 1.45 4.82
N LEU A 31 -0.33 0.26 4.35
CA LEU A 31 1.05 -0.20 4.50
C LEU A 31 1.97 0.65 3.60
N THR A 32 1.47 0.96 2.41
CA THR A 32 2.19 1.81 1.46
C THR A 32 2.20 3.26 1.97
N LEU A 33 1.11 3.67 2.63
CA LEU A 33 1.00 5.01 3.22
C LEU A 33 2.12 5.18 4.27
N ARG A 34 2.31 4.14 5.08
CA ARG A 34 3.38 4.14 6.09
C ARG A 34 4.73 4.39 5.41
N ILE A 35 5.03 3.56 4.40
CA ILE A 35 6.28 3.66 3.64
C ILE A 35 6.44 5.04 3.03
N ASN A 36 5.42 5.44 2.29
CA ASN A 36 5.42 6.70 1.56
C ASN A 36 5.61 7.92 2.47
N ARG A 37 4.83 8.00 3.54
CA ARG A 37 4.90 9.18 4.40
C ARG A 37 6.21 9.23 5.18
N LEU A 38 6.66 8.08 5.65
CA LEU A 38 7.88 8.04 6.43
C LEU A 38 9.08 8.30 5.53
N SER A 39 9.07 7.75 4.32
CA SER A 39 10.16 8.01 3.39
C SER A 39 10.16 9.49 3.00
N GLU A 40 8.96 10.06 2.85
CA GLU A 40 8.79 11.48 2.50
C GLU A 40 9.37 12.34 3.61
N HIS A 41 9.20 11.87 4.84
CA HIS A 41 9.72 12.55 5.99
C HIS A 41 11.24 12.48 5.99
N LEU A 42 11.79 11.26 5.89
CA LEU A 42 13.24 11.07 5.92
C LEU A 42 13.96 11.72 4.71
N LYS A 43 13.22 12.12 3.66
CA LYS A 43 13.84 12.81 2.50
C LYS A 43 14.43 14.14 2.94
N VAL A 44 13.85 14.65 4.01
CA VAL A 44 14.25 15.90 4.58
C VAL A 44 14.84 15.68 5.97
N HIS A 45 14.08 14.97 6.80
CA HIS A 45 14.44 14.70 8.18
C HIS A 45 15.75 13.91 8.35
N LYS A 46 15.87 12.82 7.60
CA LYS A 46 17.04 11.93 7.66
C LYS A 46 17.25 11.28 9.03
N LYS A 47 16.75 10.05 9.16
CA LYS A 47 16.91 9.23 10.35
C LYS A 47 16.20 9.75 11.62
N ASP A 48 15.09 10.48 11.46
CA ASP A 48 14.34 10.92 12.65
C ASP A 48 13.56 9.70 13.13
N HIS A 49 12.96 9.01 12.18
CA HIS A 49 12.31 7.75 12.45
C HIS A 49 12.96 6.72 11.55
N HIS A 50 14.00 6.10 12.07
CA HIS A 50 14.71 5.10 11.29
C HIS A 50 14.25 3.71 11.70
N SER A 51 13.04 3.72 12.23
CA SER A 51 12.33 2.52 12.61
C SER A 51 11.98 1.77 11.32
N HIS A 52 11.98 0.44 11.34
CA HIS A 52 11.69 -0.33 10.12
C HIS A 52 10.19 -0.37 9.83
N ARG A 53 9.49 0.64 10.31
CA ARG A 53 8.05 0.78 10.19
C ARG A 53 7.61 1.17 8.77
N GLY A 54 8.48 1.87 8.04
CA GLY A 54 8.12 2.24 6.69
C GLY A 54 9.31 2.64 5.83
N LEU A 55 10.50 2.24 6.21
CA LEU A 55 11.66 2.59 5.40
C LEU A 55 11.98 1.50 4.36
N LEU A 56 13.17 1.58 3.78
CA LEU A 56 13.63 0.67 2.71
C LEU A 56 13.37 -0.82 2.98
N MET A 57 13.47 -1.20 4.25
CA MET A 57 13.20 -2.58 4.69
C MET A 57 11.81 -3.05 4.24
N MET A 58 10.79 -2.29 4.59
CA MET A 58 9.43 -2.68 4.26
C MET A 58 9.10 -2.44 2.78
N VAL A 59 9.73 -1.45 2.14
CA VAL A 59 9.50 -1.23 0.72
C VAL A 59 10.06 -2.44 -0.04
N GLY A 60 11.13 -3.01 0.52
CA GLY A 60 11.70 -4.21 -0.02
C GLY A 60 10.71 -5.36 0.03
N GLN A 61 10.04 -5.52 1.17
CA GLN A 61 9.05 -6.60 1.29
C GLN A 61 7.74 -6.22 0.60
N ARG A 62 7.64 -4.95 0.16
CA ARG A 62 6.50 -4.48 -0.59
C ARG A 62 6.75 -4.87 -2.05
N ARG A 63 8.03 -4.89 -2.41
CA ARG A 63 8.44 -5.30 -3.75
C ARG A 63 8.21 -6.81 -3.91
N ARG A 64 8.50 -7.55 -2.84
CA ARG A 64 8.31 -9.01 -2.86
C ARG A 64 6.90 -9.38 -2.35
N LEU A 65 6.08 -8.36 -2.09
CA LEU A 65 4.74 -8.53 -1.54
C LEU A 65 3.84 -9.36 -2.46
N LEU A 66 4.12 -9.33 -3.76
CA LEU A 66 3.34 -10.08 -4.73
C LEU A 66 3.43 -11.58 -4.47
N ARG A 67 4.55 -12.00 -3.89
CA ARG A 67 4.81 -13.42 -3.63
C ARG A 67 3.86 -13.99 -2.58
N TYR A 68 3.37 -13.15 -1.70
CA TYR A 68 2.42 -13.61 -0.69
C TYR A 68 1.00 -13.47 -1.23
N LEU A 69 0.71 -12.25 -1.64
CA LEU A 69 -0.63 -11.85 -2.04
C LEU A 69 -1.20 -12.50 -3.32
N GLN A 70 -0.42 -12.61 -4.40
CA GLN A 70 -0.94 -13.17 -5.68
C GLN A 70 -1.59 -14.53 -5.47
N ARG A 71 -0.98 -15.29 -4.59
CA ARG A 71 -1.45 -16.61 -4.22
C ARG A 71 -2.89 -16.59 -3.75
N GLU A 72 -3.17 -15.68 -2.83
CA GLU A 72 -4.48 -15.60 -2.21
C GLU A 72 -5.38 -14.59 -2.91
N ASP A 73 -4.89 -14.01 -3.99
CA ASP A 73 -5.65 -13.10 -4.78
C ASP A 73 -5.02 -12.87 -6.16
N PRO A 74 -5.39 -13.72 -7.13
CA PRO A 74 -4.90 -13.58 -8.51
C PRO A 74 -5.57 -12.36 -9.15
N GLU A 75 -6.79 -12.10 -8.69
CA GLU A 75 -7.56 -10.95 -9.14
C GLU A 75 -6.92 -9.67 -8.63
N ARG A 76 -6.67 -9.62 -7.32
CA ARG A 76 -6.05 -8.43 -6.75
C ARG A 76 -4.57 -8.31 -7.17
N TYR A 77 -3.94 -9.42 -7.56
CA TYR A 77 -2.57 -9.34 -8.11
C TYR A 77 -2.63 -8.34 -9.25
N ARG A 78 -3.46 -8.71 -10.22
CA ARG A 78 -3.69 -7.95 -11.42
C ARG A 78 -4.33 -6.60 -11.14
N ALA A 79 -5.17 -6.51 -10.13
CA ALA A 79 -5.82 -5.25 -9.86
C ALA A 79 -4.93 -4.28 -9.09
N LEU A 80 -4.05 -4.75 -8.22
CA LEU A 80 -3.19 -3.79 -7.55
C LEU A 80 -2.02 -3.40 -8.45
N ILE A 81 -1.77 -4.19 -9.49
CA ILE A 81 -0.71 -3.81 -10.40
C ILE A 81 -1.24 -2.73 -11.34
N GLU A 82 -2.47 -2.91 -11.78
CA GLU A 82 -3.13 -1.95 -12.65
C GLU A 82 -3.57 -0.70 -11.86
N LYS A 83 -3.64 -0.82 -10.54
CA LYS A 83 -4.04 0.31 -9.71
C LYS A 83 -2.84 1.06 -9.10
N LEU A 84 -1.97 0.34 -8.41
CA LEU A 84 -0.85 0.97 -7.70
C LEU A 84 0.46 0.94 -8.50
N GLY A 85 0.63 -0.06 -9.31
CA GLY A 85 1.88 -0.23 -10.06
C GLY A 85 2.15 -1.69 -10.19
N ILE A 86 2.09 -2.35 -9.05
CA ILE A 86 2.19 -3.79 -9.01
C ILE A 86 1.51 -4.29 -7.73
N ARG A 87 2.02 -3.87 -6.59
CA ARG A 87 1.44 -4.15 -5.28
C ARG A 87 1.55 -2.88 -4.48
N GLY A 88 2.20 -2.02 -5.24
CA GLY A 88 2.41 -0.60 -5.00
C GLY A 88 3.63 -0.19 -5.78
N PRO A 1 -21.41 7.75 -12.28
CA PRO A 1 -20.83 7.70 -10.93
C PRO A 1 -21.87 7.17 -9.95
N ILE A 2 -21.67 7.42 -8.67
CA ILE A 2 -22.60 6.98 -7.62
C ILE A 2 -22.53 5.46 -7.35
N THR A 3 -22.64 5.16 -6.04
CA THR A 3 -22.65 3.81 -5.45
C THR A 3 -21.72 2.79 -6.10
N LYS A 4 -22.25 2.04 -7.05
CA LYS A 4 -21.48 1.01 -7.71
C LYS A 4 -20.22 1.56 -8.39
N GLU A 5 -20.34 2.73 -9.02
CA GLU A 5 -19.19 3.35 -9.68
C GLU A 5 -18.31 4.03 -8.66
N GLU A 6 -18.88 4.29 -7.50
CA GLU A 6 -18.15 4.91 -6.44
C GLU A 6 -17.33 3.82 -5.77
N LYS A 7 -17.81 2.59 -5.92
CA LYS A 7 -17.12 1.44 -5.39
C LYS A 7 -15.96 1.09 -6.31
N GLN A 8 -16.20 1.15 -7.62
CA GLN A 8 -15.12 0.86 -8.56
C GLN A 8 -13.98 1.85 -8.32
N LYS A 9 -14.38 3.08 -8.01
CA LYS A 9 -13.48 4.16 -7.62
C LYS A 9 -12.70 3.76 -6.36
N VAL A 10 -13.40 3.12 -5.42
CA VAL A 10 -12.78 2.64 -4.17
C VAL A 10 -11.78 1.51 -4.45
N ILE A 11 -12.06 0.65 -5.41
CA ILE A 11 -11.10 -0.43 -5.68
C ILE A 11 -9.90 0.05 -6.48
N GLN A 12 -10.02 1.18 -7.14
CA GLN A 12 -8.90 1.71 -7.87
C GLN A 12 -8.08 2.69 -7.01
N GLU A 13 -8.74 3.57 -6.28
CA GLU A 13 -8.02 4.56 -5.45
C GLU A 13 -7.84 4.05 -4.03
N PHE A 14 -8.52 2.97 -3.77
CA PHE A 14 -8.57 2.30 -2.47
C PHE A 14 -9.04 3.20 -1.34
N ALA A 15 -9.78 2.58 -0.44
CA ALA A 15 -10.33 3.25 0.71
C ALA A 15 -9.20 3.68 1.68
N ARG A 16 -8.23 2.78 1.84
CA ARG A 16 -7.06 2.95 2.76
C ARG A 16 -7.52 2.98 4.21
N PHE A 17 -8.70 2.46 4.44
CA PHE A 17 -9.25 2.37 5.76
C PHE A 17 -9.10 0.91 6.20
N PRO A 18 -9.01 0.64 7.52
CA PRO A 18 -8.81 -0.68 8.12
C PRO A 18 -8.97 -1.89 7.18
N GLY A 19 -10.14 -2.04 6.62
CA GLY A 19 -10.38 -3.13 5.67
C GLY A 19 -11.56 -2.76 4.80
N ASP A 20 -11.64 -1.46 4.48
CA ASP A 20 -12.82 -0.92 3.78
C ASP A 20 -12.90 -1.18 2.29
N THR A 21 -12.09 -2.06 1.80
CA THR A 21 -12.20 -2.45 0.43
C THR A 21 -12.18 -3.97 0.34
N GLY A 22 -11.91 -4.61 1.49
CA GLY A 22 -11.81 -6.07 1.55
C GLY A 22 -10.78 -6.59 0.56
N SER A 23 -9.77 -5.79 0.33
CA SER A 23 -8.75 -6.11 -0.64
C SER A 23 -7.40 -6.29 0.04
N THR A 24 -6.50 -6.98 -0.63
CA THR A 24 -5.16 -7.12 -0.12
C THR A 24 -4.36 -5.92 -0.64
N GLU A 25 -4.77 -5.49 -1.83
CA GLU A 25 -4.19 -4.33 -2.50
C GLU A 25 -4.37 -3.07 -1.63
N VAL A 26 -5.58 -2.90 -1.08
CA VAL A 26 -5.91 -1.74 -0.21
C VAL A 26 -4.95 -1.66 0.98
N GLN A 27 -4.47 -2.82 1.42
CA GLN A 27 -3.59 -2.90 2.57
C GLN A 27 -2.16 -2.52 2.19
N VAL A 28 -1.73 -2.97 1.01
CA VAL A 28 -0.41 -2.61 0.54
C VAL A 28 -0.43 -1.14 0.17
N ALA A 29 -1.61 -0.68 -0.21
CA ALA A 29 -1.81 0.71 -0.54
C ALA A 29 -1.59 1.56 0.69
N LEU A 30 -2.18 1.18 1.82
CA LEU A 30 -1.95 1.99 3.00
C LEU A 30 -0.64 1.62 3.71
N LEU A 31 -0.09 0.44 3.41
CA LEU A 31 1.21 0.05 3.98
C LEU A 31 2.30 0.90 3.32
N THR A 32 2.22 1.02 2.00
CA THR A 32 3.18 1.83 1.23
C THR A 32 2.97 3.32 1.50
N LEU A 33 1.72 3.74 1.57
CA LEU A 33 1.41 5.15 1.85
C LEU A 33 1.87 5.50 3.27
N ARG A 34 1.83 4.53 4.18
CA ARG A 34 2.31 4.75 5.55
C ARG A 34 3.83 4.97 5.49
N ILE A 35 4.54 4.07 4.80
CA ILE A 35 5.99 4.20 4.64
C ILE A 35 6.32 5.53 3.96
N ASN A 36 5.53 5.85 2.93
CA ASN A 36 5.70 7.09 2.17
C ASN A 36 5.49 8.34 3.05
N ARG A 37 4.40 8.35 3.83
CA ARG A 37 4.10 9.50 4.67
C ARG A 37 5.16 9.66 5.77
N LEU A 38 5.72 8.54 6.18
CA LEU A 38 6.77 8.52 7.17
C LEU A 38 8.05 9.02 6.51
N SER A 39 8.25 8.62 5.26
CA SER A 39 9.40 9.10 4.48
C SER A 39 9.28 10.61 4.25
N GLU A 40 8.04 11.09 4.03
CA GLU A 40 7.78 12.52 3.83
C GLU A 40 8.04 13.29 5.13
N HIS A 41 7.82 12.60 6.26
CA HIS A 41 8.04 13.18 7.57
C HIS A 41 9.53 13.33 7.82
N LEU A 42 10.29 12.28 7.53
CA LEU A 42 11.76 12.33 7.69
C LEU A 42 12.38 13.19 6.57
N LYS A 43 11.58 13.53 5.56
CA LYS A 43 12.02 14.40 4.46
C LYS A 43 11.91 15.86 4.94
N VAL A 44 11.23 16.01 6.08
CA VAL A 44 11.09 17.29 6.75
C VAL A 44 12.26 17.38 7.74
N HIS A 45 12.63 16.21 8.26
CA HIS A 45 13.76 16.07 9.15
C HIS A 45 15.04 16.56 8.45
N LYS A 46 16.08 16.84 9.21
CA LYS A 46 17.29 17.45 8.66
C LYS A 46 18.08 16.62 7.65
N LYS A 47 18.70 15.55 8.10
CA LYS A 47 19.55 14.76 7.23
C LYS A 47 19.60 13.32 7.70
N ASP A 48 18.60 12.93 8.45
CA ASP A 48 18.62 11.60 9.02
C ASP A 48 17.34 10.85 8.73
N HIS A 49 17.40 10.07 7.69
CA HIS A 49 16.32 9.23 7.30
C HIS A 49 16.88 7.85 7.01
N HIS A 50 17.25 7.14 8.06
CA HIS A 50 17.78 5.80 7.91
C HIS A 50 17.25 4.90 9.01
N SER A 51 16.20 5.38 9.66
CA SER A 51 15.56 4.60 10.70
C SER A 51 14.53 3.69 10.05
N HIS A 52 15.03 2.78 9.21
CA HIS A 52 14.19 1.84 8.49
C HIS A 52 14.05 0.54 9.28
N ARG A 53 14.73 0.48 10.42
CA ARG A 53 14.63 -0.69 11.29
C ARG A 53 13.19 -0.71 11.80
N GLY A 54 12.54 -1.84 11.65
CA GLY A 54 11.14 -1.93 12.01
C GLY A 54 10.29 -1.95 10.75
N LEU A 55 10.62 -1.07 9.78
CA LEU A 55 9.87 -0.99 8.52
C LEU A 55 10.35 -2.09 7.57
N LEU A 56 11.35 -2.83 8.03
CA LEU A 56 11.92 -3.92 7.26
C LEU A 56 10.88 -5.03 7.09
N MET A 57 10.05 -5.21 8.12
CA MET A 57 8.98 -6.19 8.06
C MET A 57 7.97 -5.79 6.99
N MET A 58 7.68 -4.49 6.92
CA MET A 58 6.74 -3.96 5.93
C MET A 58 7.27 -4.21 4.52
N VAL A 59 8.57 -3.95 4.32
CA VAL A 59 9.21 -4.18 3.03
C VAL A 59 9.18 -5.68 2.70
N GLY A 60 9.41 -6.51 3.72
CA GLY A 60 9.37 -7.95 3.53
C GLY A 60 7.98 -8.42 3.14
N GLN A 61 6.96 -7.80 3.73
CA GLN A 61 5.58 -8.13 3.42
C GLN A 61 5.28 -7.77 1.97
N ARG A 62 5.91 -6.69 1.52
CA ARG A 62 5.76 -6.23 0.15
C ARG A 62 6.32 -7.29 -0.80
N ARG A 63 7.46 -7.86 -0.41
CA ARG A 63 8.12 -8.88 -1.22
C ARG A 63 7.27 -10.14 -1.35
N ARG A 64 6.61 -10.55 -0.27
CA ARG A 64 5.76 -11.73 -0.34
C ARG A 64 4.40 -11.40 -0.96
N LEU A 65 3.91 -10.17 -0.75
CA LEU A 65 2.62 -9.77 -1.33
C LEU A 65 2.78 -9.56 -2.85
N LEU A 66 4.02 -9.35 -3.29
CA LEU A 66 4.35 -9.30 -4.71
C LEU A 66 3.87 -10.62 -5.32
N ARG A 67 4.25 -11.69 -4.64
CA ARG A 67 3.92 -13.05 -5.04
C ARG A 67 2.50 -13.44 -4.58
N TYR A 68 1.69 -12.44 -4.29
CA TYR A 68 0.31 -12.70 -3.90
C TYR A 68 -0.63 -11.87 -4.77
N LEU A 69 -0.41 -10.55 -4.78
CA LEU A 69 -1.22 -9.65 -5.60
C LEU A 69 -1.04 -9.99 -7.07
N GLN A 70 0.21 -10.14 -7.48
CA GLN A 70 0.52 -10.46 -8.87
C GLN A 70 0.13 -11.88 -9.19
N ARG A 71 0.08 -12.69 -8.15
CA ARG A 71 -0.24 -14.10 -8.26
C ARG A 71 -1.70 -14.36 -8.62
N GLU A 72 -2.60 -13.57 -8.05
CA GLU A 72 -4.03 -13.76 -8.31
C GLU A 72 -4.41 -13.18 -9.68
N ASP A 73 -3.60 -12.21 -10.10
CA ASP A 73 -3.77 -11.52 -11.35
C ASP A 73 -2.57 -10.58 -11.53
N PRO A 74 -1.70 -10.88 -12.48
CA PRO A 74 -0.49 -10.07 -12.73
C PRO A 74 -0.80 -8.61 -13.03
N GLU A 75 -1.93 -8.37 -13.66
CA GLU A 75 -2.34 -7.02 -14.04
C GLU A 75 -2.68 -6.23 -12.79
N ARG A 76 -3.39 -6.87 -11.86
CA ARG A 76 -3.76 -6.24 -10.60
C ARG A 76 -2.51 -5.80 -9.83
N TYR A 77 -1.42 -6.57 -9.89
CA TYR A 77 -0.20 -6.18 -9.17
C TYR A 77 0.34 -4.87 -9.75
N ARG A 78 0.44 -4.86 -11.07
CA ARG A 78 0.97 -3.75 -11.80
C ARG A 78 0.12 -2.51 -11.63
N ALA A 79 -1.18 -2.70 -11.63
CA ALA A 79 -2.05 -1.56 -11.47
C ALA A 79 -2.00 -1.08 -10.02
N LEU A 80 -1.80 -2.01 -9.09
CA LEU A 80 -1.70 -1.64 -7.69
C LEU A 80 -0.45 -0.78 -7.44
N ILE A 81 0.60 -0.99 -8.23
CA ILE A 81 1.80 -0.19 -8.02
C ILE A 81 1.58 1.20 -8.61
N GLU A 82 0.73 1.24 -9.62
CA GLU A 82 0.33 2.50 -10.20
C GLU A 82 -0.70 3.17 -9.27
N LYS A 83 -1.52 2.35 -8.60
CA LYS A 83 -2.55 2.84 -7.65
C LYS A 83 -1.92 3.51 -6.43
N LEU A 84 -0.95 2.85 -5.80
CA LEU A 84 -0.34 3.46 -4.63
C LEU A 84 0.73 4.48 -5.01
N GLY A 85 1.20 4.40 -6.25
CA GLY A 85 2.17 5.37 -6.71
C GLY A 85 3.60 4.97 -6.46
N ILE A 86 3.99 3.82 -7.01
CA ILE A 86 5.35 3.35 -6.90
C ILE A 86 6.17 3.99 -8.02
N ARG A 87 5.50 4.36 -9.12
CA ARG A 87 6.15 5.02 -10.31
C ARG A 87 5.99 6.54 -10.22
N GLY A 88 4.97 6.74 -9.36
CA GLY A 88 4.30 7.98 -8.95
C GLY A 88 3.23 8.50 -9.87
N PRO A 1 -19.88 -10.99 -12.95
CA PRO A 1 -18.66 -10.76 -13.74
C PRO A 1 -18.05 -9.41 -13.39
N ILE A 2 -16.73 -9.36 -13.31
CA ILE A 2 -16.06 -8.11 -13.02
C ILE A 2 -16.02 -7.26 -14.28
N THR A 3 -16.67 -6.13 -14.24
CA THR A 3 -16.70 -5.26 -15.40
C THR A 3 -15.69 -4.11 -15.27
N LYS A 4 -15.64 -3.27 -16.30
CA LYS A 4 -14.79 -2.09 -16.28
C LYS A 4 -15.23 -1.19 -15.12
N GLU A 5 -16.52 -1.22 -14.86
CA GLU A 5 -17.15 -0.41 -13.82
C GLU A 5 -16.89 -1.04 -12.45
N GLU A 6 -16.51 -2.31 -12.49
CA GLU A 6 -16.18 -3.04 -11.29
C GLU A 6 -14.78 -2.69 -10.91
N LYS A 7 -13.98 -2.48 -11.95
CA LYS A 7 -12.62 -2.11 -11.79
C LYS A 7 -12.54 -0.62 -11.47
N GLN A 8 -13.45 0.16 -12.06
CA GLN A 8 -13.54 1.58 -11.77
C GLN A 8 -13.90 1.73 -10.28
N LYS A 9 -14.73 0.79 -9.80
CA LYS A 9 -15.12 0.72 -8.40
C LYS A 9 -13.86 0.43 -7.54
N VAL A 10 -12.94 -0.39 -8.07
CA VAL A 10 -11.67 -0.71 -7.38
C VAL A 10 -10.83 0.58 -7.20
N ILE A 11 -10.83 1.41 -8.23
CA ILE A 11 -10.09 2.68 -8.21
C ILE A 11 -10.80 3.65 -7.25
N GLN A 12 -12.11 3.64 -7.35
CA GLN A 12 -12.98 4.46 -6.52
C GLN A 12 -12.84 4.12 -5.03
N GLU A 13 -12.89 2.84 -4.73
CA GLU A 13 -12.82 2.37 -3.35
C GLU A 13 -11.43 2.51 -2.73
N PHE A 14 -10.42 2.01 -3.41
CA PHE A 14 -9.11 2.06 -2.81
C PHE A 14 -8.23 3.22 -3.32
N ALA A 15 -7.29 2.89 -4.21
CA ALA A 15 -6.30 3.83 -4.76
C ALA A 15 -5.84 4.86 -3.75
N ARG A 16 -4.89 4.47 -2.92
CA ARG A 16 -4.37 5.40 -1.91
C ARG A 16 -3.05 6.02 -2.37
N PHE A 17 -2.75 5.72 -3.61
CA PHE A 17 -1.59 6.24 -4.30
C PHE A 17 -1.87 6.05 -5.79
N PRO A 18 -1.46 6.97 -6.67
CA PRO A 18 -1.65 6.78 -8.10
C PRO A 18 -1.09 5.46 -8.58
N GLY A 19 -1.98 4.53 -8.89
CA GLY A 19 -1.57 3.21 -9.32
C GLY A 19 -1.81 2.17 -8.25
N ASP A 20 -1.82 2.60 -6.99
CA ASP A 20 -2.02 1.67 -5.89
C ASP A 20 -3.49 1.60 -5.53
N THR A 21 -4.21 1.10 -6.50
CA THR A 21 -5.61 0.86 -6.41
C THR A 21 -5.81 -0.64 -6.26
N GLY A 22 -5.18 -1.37 -7.17
CA GLY A 22 -5.26 -2.81 -7.16
C GLY A 22 -3.89 -3.37 -6.90
N SER A 23 -3.25 -2.79 -5.94
CA SER A 23 -1.93 -3.18 -5.54
C SER A 23 -2.11 -4.01 -4.28
N THR A 24 -2.54 -5.28 -4.45
CA THR A 24 -2.87 -6.10 -3.27
C THR A 24 -3.87 -5.27 -2.51
N GLU A 25 -4.72 -4.74 -3.38
CA GLU A 25 -5.77 -3.82 -3.09
C GLU A 25 -5.34 -2.65 -2.23
N VAL A 26 -6.26 -2.20 -1.43
CA VAL A 26 -6.07 -1.08 -0.54
C VAL A 26 -5.03 -1.35 0.56
N GLN A 27 -4.59 -2.60 0.72
CA GLN A 27 -3.64 -2.90 1.80
C GLN A 27 -2.23 -2.49 1.42
N VAL A 28 -1.76 -2.88 0.25
CA VAL A 28 -0.46 -2.41 -0.16
C VAL A 28 -0.61 -0.93 -0.49
N ALA A 29 -1.82 -0.54 -0.90
CA ALA A 29 -2.10 0.85 -1.16
C ALA A 29 -1.87 1.67 0.11
N LEU A 30 -2.28 1.10 1.24
CA LEU A 30 -2.08 1.79 2.51
C LEU A 30 -0.62 1.63 2.97
N LEU A 31 0.03 0.55 2.58
CA LEU A 31 1.42 0.33 2.95
C LEU A 31 2.32 1.28 2.13
N THR A 32 1.97 1.47 0.86
CA THR A 32 2.68 2.41 -0.02
C THR A 32 2.55 3.82 0.54
N LEU A 33 1.33 4.19 0.95
CA LEU A 33 1.08 5.50 1.55
C LEU A 33 1.82 5.62 2.88
N ARG A 34 1.97 4.50 3.59
CA ARG A 34 2.72 4.50 4.84
C ARG A 34 4.20 4.81 4.50
N ILE A 35 4.76 4.09 3.52
CA ILE A 35 6.14 4.34 3.06
C ILE A 35 6.27 5.81 2.65
N ASN A 36 5.28 6.22 1.88
CA ASN A 36 5.16 7.59 1.36
C ASN A 36 5.29 8.65 2.45
N ARG A 37 4.38 8.65 3.41
CA ARG A 37 4.38 9.68 4.44
C ARG A 37 5.47 9.43 5.48
N LEU A 38 5.98 8.21 5.53
CA LEU A 38 7.07 7.85 6.42
C LEU A 38 8.32 8.51 5.90
N SER A 39 8.52 8.36 4.61
CA SER A 39 9.66 8.93 3.92
C SER A 39 9.63 10.47 4.02
N GLU A 40 8.44 11.07 3.90
CA GLU A 40 8.31 12.53 3.98
C GLU A 40 8.54 13.03 5.39
N HIS A 41 8.19 12.19 6.35
CA HIS A 41 8.35 12.51 7.73
C HIS A 41 9.82 12.42 8.11
N LEU A 42 10.43 11.30 7.72
CA LEU A 42 11.84 11.03 8.03
C LEU A 42 12.80 11.79 7.10
N LYS A 43 12.25 12.50 6.13
CA LYS A 43 13.03 13.35 5.21
C LYS A 43 13.33 14.67 5.92
N VAL A 44 12.83 14.72 7.15
CA VAL A 44 12.99 15.84 8.06
C VAL A 44 13.44 15.25 9.39
N HIS A 45 12.67 14.25 9.82
CA HIS A 45 12.98 13.52 11.04
C HIS A 45 14.06 12.48 10.76
N LYS A 46 15.28 12.97 10.74
CA LYS A 46 16.44 12.13 10.50
C LYS A 46 17.40 12.26 11.68
N LYS A 47 16.84 12.75 12.77
CA LYS A 47 17.59 12.96 14.01
C LYS A 47 17.07 12.00 15.05
N ASP A 48 15.76 11.96 15.11
CA ASP A 48 15.00 11.13 16.01
C ASP A 48 14.59 9.83 15.32
N HIS A 49 14.57 9.87 13.99
CA HIS A 49 14.20 8.70 13.23
C HIS A 49 15.26 8.33 12.20
N HIS A 50 15.80 7.16 12.37
CA HIS A 50 16.80 6.64 11.44
C HIS A 50 16.25 5.34 10.87
N SER A 51 14.93 5.24 10.93
CA SER A 51 14.20 4.07 10.46
C SER A 51 13.89 4.16 8.96
N HIS A 52 14.41 5.21 8.32
CA HIS A 52 14.17 5.41 6.88
C HIS A 52 14.89 4.32 6.09
N ARG A 53 15.98 3.84 6.66
CA ARG A 53 16.76 2.75 6.06
C ARG A 53 15.88 1.48 5.95
N GLY A 54 14.80 1.46 6.71
CA GLY A 54 13.90 0.31 6.74
C GLY A 54 12.76 0.37 5.72
N LEU A 55 12.68 1.44 4.91
CA LEU A 55 11.57 1.54 3.93
C LEU A 55 11.76 0.55 2.78
N LEU A 56 12.99 0.08 2.62
CA LEU A 56 13.32 -0.85 1.56
C LEU A 56 12.70 -2.21 1.84
N MET A 57 12.68 -2.58 3.11
CA MET A 57 12.07 -3.82 3.55
C MET A 57 10.58 -3.83 3.18
N MET A 58 9.93 -2.68 3.34
CA MET A 58 8.50 -2.57 3.00
C MET A 58 8.30 -2.62 1.48
N VAL A 59 9.23 -2.02 0.71
CA VAL A 59 9.17 -2.06 -0.75
C VAL A 59 9.22 -3.52 -1.22
N GLY A 60 10.15 -4.28 -0.62
CA GLY A 60 10.26 -5.69 -0.95
C GLY A 60 9.02 -6.46 -0.55
N GLN A 61 8.45 -6.10 0.60
CA GLN A 61 7.24 -6.74 1.10
C GLN A 61 6.08 -6.48 0.15
N ARG A 62 6.08 -5.28 -0.46
CA ARG A 62 5.04 -4.89 -1.36
C ARG A 62 5.13 -5.67 -2.67
N ARG A 63 6.36 -6.03 -3.06
CA ARG A 63 6.55 -6.81 -4.27
C ARG A 63 6.28 -8.30 -4.01
N ARG A 64 6.35 -8.74 -2.76
CA ARG A 64 6.14 -10.17 -2.44
C ARG A 64 4.87 -10.42 -1.60
N LEU A 65 4.11 -9.39 -1.26
CA LEU A 65 2.95 -9.57 -0.38
C LEU A 65 1.85 -10.46 -0.97
N LEU A 66 1.72 -10.48 -2.29
CA LEU A 66 0.71 -11.35 -2.92
C LEU A 66 0.99 -12.83 -2.61
N ARG A 67 2.26 -13.14 -2.35
CA ARG A 67 2.66 -14.51 -2.04
C ARG A 67 2.30 -14.85 -0.58
N TYR A 68 2.00 -13.82 0.18
CA TYR A 68 1.57 -13.98 1.56
C TYR A 68 0.03 -13.87 1.59
N LEU A 69 -0.51 -13.03 0.69
CA LEU A 69 -1.97 -12.84 0.55
C LEU A 69 -2.64 -14.20 0.29
N GLN A 70 -2.04 -14.97 -0.59
CA GLN A 70 -2.57 -16.29 -0.93
C GLN A 70 -2.50 -17.25 0.25
N ARG A 71 -1.64 -16.95 1.18
CA ARG A 71 -1.50 -17.77 2.37
C ARG A 71 -2.60 -17.44 3.37
N GLU A 72 -3.14 -16.23 3.30
CA GLU A 72 -4.20 -15.82 4.24
C GLU A 72 -5.57 -16.32 3.76
N ASP A 73 -5.56 -16.87 2.55
CA ASP A 73 -6.72 -17.45 1.88
C ASP A 73 -6.35 -17.69 0.42
N PRO A 74 -6.28 -18.95 -0.01
CA PRO A 74 -5.88 -19.28 -1.37
C PRO A 74 -6.93 -18.90 -2.41
N GLU A 75 -8.18 -18.74 -2.01
CA GLU A 75 -9.20 -18.41 -2.98
C GLU A 75 -9.27 -16.90 -3.14
N ARG A 76 -9.06 -16.16 -2.05
CA ARG A 76 -9.04 -14.71 -2.15
C ARG A 76 -7.90 -14.30 -3.08
N TYR A 77 -6.80 -15.06 -3.02
CA TYR A 77 -5.63 -14.81 -3.88
C TYR A 77 -6.03 -14.63 -5.32
N ARG A 78 -6.52 -15.72 -5.89
CA ARG A 78 -6.88 -15.75 -7.27
C ARG A 78 -8.00 -14.81 -7.64
N ALA A 79 -8.96 -14.58 -6.75
CA ALA A 79 -10.04 -13.70 -7.13
C ALA A 79 -9.63 -12.23 -7.01
N LEU A 80 -8.74 -11.90 -6.09
CA LEU A 80 -8.30 -10.52 -5.99
C LEU A 80 -7.32 -10.23 -7.13
N ILE A 81 -6.62 -11.25 -7.62
CA ILE A 81 -5.65 -10.99 -8.70
C ILE A 81 -6.42 -10.80 -9.99
N GLU A 82 -7.57 -11.45 -10.03
CA GLU A 82 -8.48 -11.35 -11.13
C GLU A 82 -9.19 -9.97 -11.11
N LYS A 83 -9.64 -9.54 -9.92
CA LYS A 83 -10.30 -8.23 -9.77
C LYS A 83 -9.41 -7.09 -10.22
N LEU A 84 -8.22 -7.09 -9.66
CA LEU A 84 -7.24 -6.04 -9.89
C LEU A 84 -6.60 -6.15 -11.27
N GLY A 85 -6.60 -7.35 -11.82
CA GLY A 85 -6.01 -7.56 -13.11
C GLY A 85 -4.51 -7.59 -13.01
N ILE A 86 -4.03 -8.56 -12.29
CA ILE A 86 -2.63 -8.73 -12.08
C ILE A 86 -2.04 -9.59 -13.22
N ARG A 87 -2.86 -10.48 -13.80
CA ARG A 87 -2.45 -11.32 -14.96
C ARG A 87 -3.10 -10.72 -16.26
N GLY A 88 -4.10 -9.93 -15.83
CA GLY A 88 -5.08 -9.07 -16.57
C GLY A 88 -6.44 -9.71 -16.69
N PRO A 1 -2.60 18.99 6.84
CA PRO A 1 -3.09 17.68 6.38
C PRO A 1 -4.56 17.58 6.69
N ILE A 2 -5.29 16.85 5.90
CA ILE A 2 -6.68 16.62 6.20
C ILE A 2 -6.77 15.17 6.69
N THR A 3 -5.98 14.33 6.00
CA THR A 3 -5.81 12.91 6.31
C THR A 3 -7.07 12.08 6.14
N LYS A 4 -8.14 12.51 6.78
CA LYS A 4 -9.40 11.80 6.75
C LYS A 4 -9.86 11.42 5.34
N GLU A 5 -10.07 12.39 4.46
CA GLU A 5 -10.51 12.03 3.12
C GLU A 5 -9.36 11.82 2.16
N GLU A 6 -8.15 11.97 2.66
CA GLU A 6 -6.99 11.76 1.83
C GLU A 6 -6.72 10.28 1.83
N LYS A 7 -6.90 9.72 3.01
CA LYS A 7 -6.78 8.31 3.20
C LYS A 7 -8.02 7.63 2.63
N GLN A 8 -9.16 8.30 2.78
CA GLN A 8 -10.41 7.82 2.23
C GLN A 8 -10.28 7.63 0.72
N LYS A 9 -9.64 8.59 0.08
CA LYS A 9 -9.41 8.53 -1.35
C LYS A 9 -8.55 7.32 -1.69
N VAL A 10 -7.53 7.06 -0.87
CA VAL A 10 -6.67 5.89 -1.06
C VAL A 10 -7.51 4.60 -0.92
N ILE A 11 -8.37 4.60 0.08
CA ILE A 11 -9.24 3.46 0.35
C ILE A 11 -10.23 3.26 -0.81
N GLN A 12 -10.77 4.37 -1.30
CA GLN A 12 -11.72 4.31 -2.42
C GLN A 12 -11.02 3.96 -3.73
N GLU A 13 -9.71 4.11 -3.77
CA GLU A 13 -8.97 3.77 -4.96
C GLU A 13 -8.79 2.26 -5.03
N PHE A 14 -8.54 1.66 -3.88
CA PHE A 14 -8.34 0.23 -3.80
C PHE A 14 -9.65 -0.49 -3.44
N ALA A 15 -10.04 -0.37 -2.18
CA ALA A 15 -11.26 -0.99 -1.67
C ALA A 15 -12.50 -0.43 -2.37
N ARG A 16 -13.56 -1.21 -2.49
CA ARG A 16 -14.75 -0.68 -3.15
C ARG A 16 -15.80 -0.30 -2.11
N PHE A 17 -15.51 -0.60 -0.86
CA PHE A 17 -16.43 -0.34 0.23
C PHE A 17 -15.63 0.00 1.49
N PRO A 18 -16.22 0.69 2.47
CA PRO A 18 -15.54 1.01 3.73
C PRO A 18 -15.26 -0.26 4.53
N GLY A 19 -15.97 -1.33 4.18
CA GLY A 19 -15.75 -2.62 4.82
C GLY A 19 -14.69 -3.43 4.07
N ASP A 20 -14.50 -3.10 2.78
CA ASP A 20 -13.55 -3.82 1.90
C ASP A 20 -12.11 -3.32 2.13
N THR A 21 -11.94 -2.56 3.20
CA THR A 21 -10.64 -2.05 3.58
C THR A 21 -10.00 -3.05 4.53
N GLY A 22 -10.82 -4.03 4.94
CA GLY A 22 -10.34 -5.12 5.77
C GLY A 22 -9.60 -6.12 4.91
N SER A 23 -9.67 -5.88 3.61
CA SER A 23 -9.00 -6.71 2.64
C SER A 23 -7.49 -6.45 2.68
N THR A 24 -6.73 -7.53 2.62
CA THR A 24 -5.26 -7.47 2.72
C THR A 24 -4.62 -6.55 1.67
N GLU A 25 -5.18 -6.56 0.47
CA GLU A 25 -4.71 -5.71 -0.63
C GLU A 25 -4.70 -4.24 -0.20
N VAL A 26 -5.81 -3.84 0.40
CA VAL A 26 -6.01 -2.48 0.86
C VAL A 26 -5.11 -2.16 2.05
N GLN A 27 -4.71 -3.18 2.77
CA GLN A 27 -3.80 -2.99 3.90
C GLN A 27 -2.39 -2.72 3.37
N VAL A 28 -2.06 -3.34 2.23
CA VAL A 28 -0.79 -3.10 1.57
C VAL A 28 -0.82 -1.67 0.98
N ALA A 29 -2.04 -1.23 0.67
CA ALA A 29 -2.25 0.11 0.18
C ALA A 29 -1.95 1.09 1.31
N LEU A 30 -2.45 0.78 2.50
CA LEU A 30 -2.20 1.63 3.64
C LEU A 30 -0.73 1.48 4.11
N LEU A 31 -0.15 0.31 3.88
CA LEU A 31 1.25 0.09 4.22
C LEU A 31 2.12 0.95 3.28
N THR A 32 1.63 1.14 2.06
CA THR A 32 2.29 2.02 1.08
C THR A 32 2.15 3.47 1.56
N LEU A 33 0.97 3.83 2.07
CA LEU A 33 0.74 5.16 2.61
C LEU A 33 1.72 5.42 3.75
N ARG A 34 2.01 4.37 4.53
CA ARG A 34 2.99 4.45 5.60
C ARG A 34 4.38 4.72 4.99
N ILE A 35 4.80 3.86 4.04
CA ILE A 35 6.09 4.02 3.35
C ILE A 35 6.21 5.43 2.78
N ASN A 36 5.18 5.82 2.05
CA ASN A 36 5.08 7.11 1.37
C ASN A 36 5.23 8.30 2.34
N ARG A 37 4.49 8.28 3.45
CA ARG A 37 4.55 9.40 4.40
C ARG A 37 5.89 9.41 5.14
N LEU A 38 6.38 8.22 5.50
CA LEU A 38 7.62 8.10 6.23
C LEU A 38 8.81 8.47 5.34
N SER A 39 8.68 8.15 4.07
CA SER A 39 9.69 8.50 3.09
C SER A 39 9.87 10.01 2.99
N GLU A 40 8.77 10.74 2.76
CA GLU A 40 8.86 12.19 2.61
C GLU A 40 9.08 12.88 3.97
N HIS A 41 8.92 12.11 5.04
CA HIS A 41 9.21 12.58 6.38
C HIS A 41 10.73 12.63 6.54
N LEU A 42 11.36 11.54 6.15
CA LEU A 42 12.81 11.39 6.23
C LEU A 42 13.54 12.09 5.07
N LYS A 43 12.80 12.65 4.11
CA LYS A 43 13.45 13.43 3.04
C LYS A 43 13.67 14.85 3.54
N VAL A 44 13.12 15.10 4.71
CA VAL A 44 13.24 16.38 5.37
C VAL A 44 14.09 16.18 6.63
N HIS A 45 13.66 15.22 7.41
CA HIS A 45 14.34 14.84 8.63
C HIS A 45 15.63 14.08 8.29
N LYS A 46 16.67 14.26 9.11
CA LYS A 46 17.92 13.54 8.88
C LYS A 46 17.67 12.04 9.01
N LYS A 47 17.19 11.68 10.18
CA LYS A 47 16.82 10.31 10.50
C LYS A 47 16.04 10.27 11.80
N ASP A 48 14.82 10.81 11.74
CA ASP A 48 13.94 10.83 12.91
C ASP A 48 13.54 9.40 13.26
N HIS A 49 12.78 8.79 12.37
CA HIS A 49 12.40 7.39 12.56
C HIS A 49 13.35 6.51 11.75
N HIS A 50 14.42 6.08 12.39
CA HIS A 50 15.42 5.26 11.73
C HIS A 50 15.32 3.80 12.16
N SER A 51 14.14 3.47 12.65
CA SER A 51 13.81 2.12 13.09
C SER A 51 13.49 1.22 11.89
N HIS A 52 13.91 1.67 10.70
CA HIS A 52 13.70 0.99 9.40
C HIS A 52 12.22 1.03 8.98
N ARG A 53 11.43 1.77 9.73
CA ARG A 53 10.01 1.94 9.45
C ARG A 53 9.84 2.86 8.25
N GLY A 54 9.55 2.28 7.11
CA GLY A 54 9.38 3.06 5.90
C GLY A 54 10.61 2.95 5.02
N LEU A 55 11.64 2.35 5.59
CA LEU A 55 12.89 2.16 4.86
C LEU A 55 12.84 0.85 4.07
N LEU A 56 14.00 0.44 3.57
CA LEU A 56 14.15 -0.79 2.77
C LEU A 56 13.37 -1.98 3.34
N MET A 57 13.41 -2.12 4.67
CA MET A 57 12.72 -3.20 5.38
C MET A 57 11.26 -3.35 4.95
N MET A 58 10.50 -2.27 5.01
CA MET A 58 9.09 -2.35 4.68
C MET A 58 8.87 -2.33 3.15
N VAL A 59 9.81 -1.76 2.42
CA VAL A 59 9.73 -1.76 0.95
C VAL A 59 9.89 -3.20 0.44
N GLY A 60 10.90 -3.89 0.99
CA GLY A 60 11.15 -5.28 0.62
C GLY A 60 10.03 -6.20 1.09
N GLN A 61 9.41 -5.84 2.22
CA GLN A 61 8.28 -6.61 2.75
C GLN A 61 7.14 -6.57 1.74
N ARG A 62 6.87 -5.37 1.26
CA ARG A 62 5.82 -5.14 0.29
C ARG A 62 6.14 -5.84 -1.02
N ARG A 63 7.42 -5.84 -1.38
CA ARG A 63 7.89 -6.48 -2.59
C ARG A 63 7.60 -7.98 -2.56
N ARG A 64 7.73 -8.58 -1.39
CA ARG A 64 7.47 -10.01 -1.24
C ARG A 64 5.97 -10.29 -1.17
N LEU A 65 5.20 -9.34 -0.64
CA LEU A 65 3.75 -9.49 -0.51
C LEU A 65 3.06 -9.52 -1.87
N LEU A 66 3.75 -9.05 -2.92
CA LEU A 66 3.18 -9.04 -4.27
C LEU A 66 2.73 -10.44 -4.70
N ARG A 67 3.57 -11.46 -4.51
CA ARG A 67 3.15 -12.83 -4.89
C ARG A 67 2.12 -13.39 -3.90
N TYR A 68 2.02 -12.78 -2.71
CA TYR A 68 1.03 -13.23 -1.73
C TYR A 68 -0.37 -12.81 -2.22
N LEU A 69 -0.56 -11.51 -2.50
CA LEU A 69 -1.86 -11.05 -2.98
C LEU A 69 -2.17 -11.64 -4.36
N GLN A 70 -1.13 -11.89 -5.14
CA GLN A 70 -1.27 -12.51 -6.46
C GLN A 70 -1.99 -13.84 -6.37
N ARG A 71 -1.59 -14.62 -5.40
CA ARG A 71 -2.16 -15.93 -5.22
C ARG A 71 -3.51 -15.88 -4.51
N GLU A 72 -3.89 -14.72 -3.98
CA GLU A 72 -5.19 -14.56 -3.32
C GLU A 72 -6.24 -14.19 -4.37
N ASP A 73 -5.72 -13.67 -5.50
CA ASP A 73 -6.49 -13.23 -6.64
C ASP A 73 -5.54 -12.54 -7.63
N PRO A 74 -5.34 -13.13 -8.82
CA PRO A 74 -4.43 -12.58 -9.84
C PRO A 74 -4.89 -11.22 -10.39
N GLU A 75 -6.17 -10.93 -10.21
CA GLU A 75 -6.72 -9.66 -10.69
C GLU A 75 -6.27 -8.55 -9.75
N ARG A 76 -6.24 -8.85 -8.45
CA ARG A 76 -5.76 -7.89 -7.47
C ARG A 76 -4.25 -7.67 -7.67
N TYR A 77 -3.54 -8.70 -8.12
CA TYR A 77 -2.10 -8.59 -8.37
C TYR A 77 -1.81 -7.46 -9.32
N ARG A 78 -2.40 -7.59 -10.51
CA ARG A 78 -2.17 -6.63 -11.55
C ARG A 78 -2.76 -5.25 -11.23
N ALA A 79 -3.82 -5.18 -10.44
CA ALA A 79 -4.36 -3.86 -10.14
C ALA A 79 -3.63 -3.23 -8.95
N LEU A 80 -2.97 -4.04 -8.14
CA LEU A 80 -2.22 -3.51 -7.04
C LEU A 80 -0.92 -2.93 -7.59
N ILE A 81 -0.41 -3.51 -8.67
CA ILE A 81 0.82 -3.00 -9.25
C ILE A 81 0.49 -1.72 -10.02
N GLU A 82 -0.72 -1.69 -10.54
CA GLU A 82 -1.25 -0.54 -11.26
C GLU A 82 -1.56 0.60 -10.30
N LYS A 83 -2.19 0.30 -9.16
CA LYS A 83 -2.58 1.37 -8.25
C LYS A 83 -1.44 1.83 -7.34
N LEU A 84 -0.53 0.94 -6.96
CA LEU A 84 0.61 1.37 -6.15
C LEU A 84 1.63 2.08 -7.04
N GLY A 85 1.72 1.65 -8.28
CA GLY A 85 2.66 2.25 -9.21
C GLY A 85 3.98 1.51 -9.18
N ILE A 86 3.93 0.26 -9.55
CA ILE A 86 5.10 -0.60 -9.51
C ILE A 86 5.93 -0.50 -10.83
N ARG A 87 5.26 -0.18 -11.95
CA ARG A 87 5.95 -0.05 -13.26
C ARG A 87 6.55 1.35 -13.34
N GLY A 88 5.83 2.11 -12.53
CA GLY A 88 6.10 3.51 -12.19
C GLY A 88 4.89 4.36 -11.99
N PRO A 1 -6.88 3.72 16.06
CA PRO A 1 -7.13 2.82 14.93
C PRO A 1 -8.25 3.40 14.10
N ILE A 2 -8.51 2.85 12.94
CA ILE A 2 -9.63 3.35 12.16
C ILE A 2 -10.91 3.00 12.90
N THR A 3 -11.66 4.01 13.30
CA THR A 3 -12.89 3.79 14.04
C THR A 3 -14.00 3.19 13.18
N LYS A 4 -15.16 2.97 13.77
CA LYS A 4 -16.28 2.33 13.05
C LYS A 4 -16.58 2.97 11.70
N GLU A 5 -16.75 4.28 11.69
CA GLU A 5 -17.08 4.97 10.44
C GLU A 5 -15.83 5.08 9.57
N GLU A 6 -14.67 4.92 10.20
CA GLU A 6 -13.42 5.00 9.49
C GLU A 6 -13.19 3.72 8.73
N LYS A 7 -13.74 2.65 9.29
CA LYS A 7 -13.68 1.36 8.67
C LYS A 7 -14.63 1.39 7.49
N GLN A 8 -15.78 2.01 7.71
CA GLN A 8 -16.78 2.13 6.67
C GLN A 8 -16.19 2.93 5.48
N LYS A 9 -15.32 3.91 5.78
CA LYS A 9 -14.62 4.67 4.74
C LYS A 9 -13.78 3.70 3.89
N VAL A 10 -12.97 2.90 4.59
CA VAL A 10 -12.05 1.94 3.95
C VAL A 10 -12.79 0.84 3.17
N ILE A 11 -13.84 0.30 3.76
CA ILE A 11 -14.64 -0.77 3.15
C ILE A 11 -15.34 -0.26 1.90
N GLN A 12 -15.70 0.99 1.94
CA GLN A 12 -16.37 1.63 0.84
C GLN A 12 -15.39 1.94 -0.29
N GLU A 13 -14.18 2.31 0.08
CA GLU A 13 -13.16 2.67 -0.89
C GLU A 13 -12.49 1.44 -1.48
N PHE A 14 -11.97 0.56 -0.65
CA PHE A 14 -11.33 -0.63 -1.18
C PHE A 14 -12.31 -1.81 -1.23
N ALA A 15 -12.15 -2.80 -0.34
CA ALA A 15 -13.00 -4.01 -0.31
C ALA A 15 -13.08 -4.79 -1.63
N ARG A 16 -13.10 -6.10 -1.54
CA ARG A 16 -13.31 -6.90 -2.73
C ARG A 16 -14.55 -7.76 -2.53
N PHE A 17 -15.26 -7.44 -1.47
CA PHE A 17 -16.51 -8.07 -1.12
C PHE A 17 -17.21 -7.25 -0.06
N PRO A 18 -18.54 -7.06 -0.13
CA PRO A 18 -19.27 -6.36 0.92
C PRO A 18 -19.12 -7.13 2.23
N GLY A 19 -18.35 -6.57 3.13
CA GLY A 19 -18.07 -7.24 4.40
C GLY A 19 -16.60 -7.42 4.52
N ASP A 20 -15.99 -7.35 3.38
CA ASP A 20 -14.58 -7.43 3.28
C ASP A 20 -14.04 -6.02 3.31
N THR A 21 -12.82 -5.91 3.72
CA THR A 21 -12.18 -4.66 3.88
C THR A 21 -11.24 -4.40 2.71
N GLY A 22 -11.01 -5.43 1.91
CA GLY A 22 -10.13 -5.32 0.77
C GLY A 22 -9.18 -6.51 0.72
N SER A 23 -9.20 -7.28 1.80
CA SER A 23 -8.41 -8.50 1.97
C SER A 23 -6.91 -8.24 1.93
N THR A 24 -6.35 -8.18 0.75
CA THR A 24 -4.93 -7.97 0.58
C THR A 24 -4.66 -6.52 0.22
N GLU A 25 -5.43 -6.08 -0.76
CA GLU A 25 -5.37 -4.72 -1.30
C GLU A 25 -5.49 -3.67 -0.19
N VAL A 26 -6.39 -3.90 0.76
CA VAL A 26 -6.58 -2.97 1.87
C VAL A 26 -5.28 -2.77 2.66
N GLN A 27 -4.49 -3.83 2.75
CA GLN A 27 -3.25 -3.78 3.51
C GLN A 27 -2.14 -3.14 2.69
N VAL A 28 -2.16 -3.36 1.38
CA VAL A 28 -1.18 -2.71 0.53
C VAL A 28 -1.52 -1.23 0.48
N ALA A 29 -2.80 -0.93 0.63
CA ALA A 29 -3.27 0.43 0.65
C ALA A 29 -2.68 1.13 1.87
N LEU A 30 -2.68 0.43 2.99
CA LEU A 30 -2.12 1.01 4.20
C LEU A 30 -0.58 0.95 4.16
N LEU A 31 -0.03 -0.08 3.52
CA LEU A 31 1.41 -0.25 3.41
C LEU A 31 2.01 0.88 2.53
N THR A 32 1.34 1.16 1.42
CA THR A 32 1.79 2.21 0.50
C THR A 32 1.59 3.58 1.14
N LEU A 33 0.50 3.73 1.90
CA LEU A 33 0.23 4.98 2.60
C LEU A 33 1.33 5.23 3.64
N ARG A 34 1.71 4.18 4.36
CA ARG A 34 2.78 4.28 5.34
C ARG A 34 4.12 4.59 4.67
N ILE A 35 4.43 3.88 3.57
CA ILE A 35 5.68 4.14 2.83
C ILE A 35 5.69 5.60 2.32
N ASN A 36 4.52 6.08 1.89
CA ASN A 36 4.36 7.47 1.45
C ASN A 36 4.69 8.41 2.63
N ARG A 37 4.18 8.06 3.83
CA ARG A 37 4.44 8.87 5.03
C ARG A 37 5.91 8.84 5.38
N LEU A 38 6.52 7.66 5.27
CA LEU A 38 7.91 7.49 5.58
C LEU A 38 8.77 8.30 4.63
N SER A 39 8.37 8.34 3.36
CA SER A 39 9.10 9.11 2.36
C SER A 39 9.08 10.59 2.70
N GLU A 40 7.91 11.11 3.08
CA GLU A 40 7.83 12.54 3.39
C GLU A 40 8.29 12.82 4.83
N HIS A 41 8.65 11.75 5.54
CA HIS A 41 9.24 11.86 6.86
C HIS A 41 10.75 12.00 6.65
N LEU A 42 11.30 11.20 5.71
CA LEU A 42 12.72 11.27 5.36
C LEU A 42 12.99 12.55 4.58
N LYS A 43 11.94 13.19 4.10
CA LYS A 43 12.06 14.46 3.40
C LYS A 43 12.12 15.61 4.42
N VAL A 44 12.19 15.20 5.68
CA VAL A 44 12.36 16.08 6.83
C VAL A 44 13.64 15.59 7.49
N HIS A 45 13.62 14.32 7.84
CA HIS A 45 14.77 13.64 8.39
C HIS A 45 15.65 13.18 7.22
N LYS A 46 16.38 14.08 6.59
CA LYS A 46 17.21 13.64 5.47
C LYS A 46 18.52 13.05 5.96
N LYS A 47 18.64 12.92 7.27
CA LYS A 47 19.73 12.18 7.88
C LYS A 47 19.26 10.72 7.99
N ASP A 48 17.97 10.54 7.62
CA ASP A 48 17.19 9.28 7.62
C ASP A 48 17.25 8.47 8.92
N HIS A 49 17.48 9.19 10.00
CA HIS A 49 17.47 8.58 11.32
C HIS A 49 16.05 8.66 11.91
N HIS A 50 15.80 7.91 12.98
CA HIS A 50 14.48 7.85 13.64
C HIS A 50 13.44 7.29 12.67
N SER A 51 13.93 6.57 11.69
CA SER A 51 13.08 6.02 10.65
C SER A 51 13.45 4.58 10.34
N HIS A 52 14.74 4.31 10.19
CA HIS A 52 15.21 2.97 9.85
C HIS A 52 15.28 2.05 11.07
N ARG A 53 14.22 2.07 11.85
CA ARG A 53 14.12 1.21 13.01
C ARG A 53 13.62 -0.15 12.55
N GLY A 54 12.56 -0.13 11.77
CA GLY A 54 12.00 -1.35 11.27
C GLY A 54 11.29 -1.15 9.94
N LEU A 55 11.75 -0.20 9.12
CA LEU A 55 11.05 0.03 7.84
C LEU A 55 11.42 -1.04 6.83
N LEU A 56 12.30 -1.94 7.26
CA LEU A 56 12.69 -3.08 6.46
C LEU A 56 11.47 -3.99 6.36
N MET A 57 10.68 -4.00 7.44
CA MET A 57 9.45 -4.78 7.47
C MET A 57 8.44 -4.17 6.51
N MET A 58 8.52 -2.85 6.31
CA MET A 58 7.64 -2.16 5.36
C MET A 58 8.01 -2.57 3.94
N VAL A 59 9.31 -2.50 3.63
CA VAL A 59 9.81 -2.91 2.33
C VAL A 59 9.49 -4.40 2.12
N GLY A 60 9.72 -5.18 3.18
CA GLY A 60 9.42 -6.60 3.13
C GLY A 60 7.93 -6.89 2.97
N GLN A 61 7.09 -6.05 3.57
CA GLN A 61 5.64 -6.22 3.47
C GLN A 61 5.20 -5.95 2.03
N ARG A 62 5.90 -5.00 1.40
CA ARG A 62 5.62 -4.67 0.03
C ARG A 62 6.01 -5.85 -0.85
N ARG A 63 7.18 -6.44 -0.55
CA ARG A 63 7.65 -7.62 -1.27
C ARG A 63 6.69 -8.80 -1.06
N ARG A 64 6.08 -8.87 0.12
CA ARG A 64 5.13 -9.93 0.44
C ARG A 64 3.87 -9.82 -0.43
N LEU A 65 3.23 -8.65 -0.43
CA LEU A 65 1.98 -8.54 -1.16
C LEU A 65 2.16 -8.41 -2.68
N LEU A 66 3.30 -7.88 -3.16
CA LEU A 66 3.51 -7.87 -4.61
C LEU A 66 3.63 -9.32 -5.09
N ARG A 67 4.24 -10.15 -4.24
CA ARG A 67 4.40 -11.58 -4.51
C ARG A 67 3.03 -12.26 -4.61
N TYR A 68 2.09 -11.80 -3.78
CA TYR A 68 0.73 -12.33 -3.79
C TYR A 68 0.06 -12.04 -5.13
N LEU A 69 0.12 -10.79 -5.59
CA LEU A 69 -0.52 -10.50 -6.86
C LEU A 69 0.29 -10.99 -8.06
N GLN A 70 1.51 -11.45 -7.80
CA GLN A 70 2.30 -12.08 -8.85
C GLN A 70 1.76 -13.50 -9.09
N ARG A 71 0.68 -13.85 -8.40
CA ARG A 71 0.01 -15.13 -8.64
C ARG A 71 -1.06 -14.91 -9.71
N GLU A 72 -1.55 -13.67 -9.78
CA GLU A 72 -2.57 -13.28 -10.76
C GLU A 72 -1.84 -12.86 -12.04
N ASP A 73 -1.03 -11.84 -11.85
CA ASP A 73 -0.21 -11.29 -12.90
C ASP A 73 1.22 -11.43 -12.38
N PRO A 74 1.90 -12.51 -12.73
CA PRO A 74 3.24 -12.77 -12.22
C PRO A 74 4.31 -11.92 -12.83
N GLU A 75 3.99 -11.19 -13.87
CA GLU A 75 5.01 -10.36 -14.45
C GLU A 75 5.11 -9.03 -13.71
N ARG A 76 4.16 -8.19 -13.90
CA ARG A 76 4.21 -6.87 -13.33
C ARG A 76 3.43 -6.78 -12.01
N TYR A 77 2.89 -7.91 -11.52
CA TYR A 77 1.92 -7.87 -10.41
C TYR A 77 0.99 -6.74 -10.77
N ARG A 78 0.63 -6.85 -12.04
CA ARG A 78 -0.21 -5.92 -12.78
C ARG A 78 -1.56 -5.74 -12.12
N ALA A 79 -1.95 -6.70 -11.31
CA ALA A 79 -3.20 -6.56 -10.61
C ALA A 79 -3.02 -5.68 -9.39
N LEU A 80 -1.78 -5.47 -8.96
CA LEU A 80 -1.55 -4.56 -7.84
C LEU A 80 -1.50 -3.17 -8.40
N ILE A 81 -1.09 -3.06 -9.66
CA ILE A 81 -1.04 -1.76 -10.27
C ILE A 81 -2.50 -1.33 -10.54
N GLU A 82 -3.34 -2.33 -10.79
CA GLU A 82 -4.77 -2.13 -10.96
C GLU A 82 -5.41 -1.71 -9.64
N LYS A 83 -5.15 -2.48 -8.58
CA LYS A 83 -5.77 -2.23 -7.29
C LYS A 83 -5.25 -0.97 -6.57
N LEU A 84 -3.98 -0.65 -6.71
CA LEU A 84 -3.48 0.56 -6.07
C LEU A 84 -3.90 1.78 -6.90
N GLY A 85 -4.11 1.57 -8.18
CA GLY A 85 -4.53 2.66 -9.04
C GLY A 85 -3.36 3.42 -9.57
N ILE A 86 -2.49 2.71 -10.23
CA ILE A 86 -1.31 3.31 -10.80
C ILE A 86 -1.63 3.86 -12.19
N ARG A 87 -2.55 3.21 -12.92
CA ARG A 87 -2.99 3.68 -14.28
C ARG A 87 -4.24 4.59 -14.14
N GLY A 88 -4.71 4.40 -12.91
CA GLY A 88 -5.81 5.03 -12.22
C GLY A 88 -7.00 4.14 -12.04
N PRO A 1 -15.52 7.25 -21.34
CA PRO A 1 -15.33 7.96 -20.06
C PRO A 1 -14.08 7.44 -19.39
N ILE A 2 -13.46 8.26 -18.59
CA ILE A 2 -12.27 7.86 -17.87
C ILE A 2 -12.66 7.62 -16.43
N THR A 3 -11.93 6.76 -15.73
CA THR A 3 -12.22 6.48 -14.33
C THR A 3 -13.59 5.86 -14.13
N LYS A 4 -14.06 5.21 -15.18
CA LYS A 4 -15.32 4.53 -15.13
C LYS A 4 -15.10 3.06 -14.76
N GLU A 5 -14.42 2.33 -15.64
CA GLU A 5 -14.16 0.91 -15.42
C GLU A 5 -12.90 0.78 -14.57
N GLU A 6 -12.13 1.84 -14.63
CA GLU A 6 -10.89 1.94 -13.92
C GLU A 6 -11.18 2.01 -12.44
N LYS A 7 -12.27 2.68 -12.14
CA LYS A 7 -12.73 2.87 -10.79
C LYS A 7 -13.45 1.62 -10.31
N GLN A 8 -14.20 1.01 -11.20
CA GLN A 8 -14.90 -0.23 -10.87
C GLN A 8 -13.85 -1.27 -10.50
N LYS A 9 -12.81 -1.34 -11.32
CA LYS A 9 -11.70 -2.26 -11.09
C LYS A 9 -11.03 -1.94 -9.74
N VAL A 10 -10.95 -0.64 -9.39
CA VAL A 10 -10.39 -0.22 -8.09
C VAL A 10 -11.20 -0.84 -6.94
N ILE A 11 -12.51 -0.89 -7.13
CA ILE A 11 -13.42 -1.45 -6.13
C ILE A 11 -13.41 -2.99 -6.23
N GLN A 12 -12.75 -3.50 -7.26
CA GLN A 12 -12.54 -4.93 -7.38
C GLN A 12 -11.20 -5.30 -6.73
N GLU A 13 -10.33 -4.30 -6.58
CA GLU A 13 -8.98 -4.53 -6.05
C GLU A 13 -8.78 -4.33 -4.52
N PHE A 14 -9.06 -3.15 -4.01
CA PHE A 14 -8.65 -2.82 -2.63
C PHE A 14 -9.34 -3.42 -1.35
N ALA A 15 -10.39 -2.76 -0.80
CA ALA A 15 -10.93 -3.11 0.56
C ALA A 15 -11.17 -4.57 0.94
N ARG A 16 -10.74 -4.85 2.19
CA ARG A 16 -10.82 -6.17 2.80
C ARG A 16 -12.23 -6.58 3.21
N PHE A 17 -12.86 -7.11 2.21
CA PHE A 17 -14.15 -7.77 2.22
C PHE A 17 -14.32 -8.18 0.77
N PRO A 18 -14.97 -9.29 0.48
CA PRO A 18 -15.12 -9.77 -0.91
C PRO A 18 -15.82 -8.77 -1.82
N GLY A 19 -15.02 -7.87 -2.38
CA GLY A 19 -15.57 -6.88 -3.28
C GLY A 19 -16.05 -5.63 -2.57
N ASP A 20 -15.52 -5.33 -1.37
CA ASP A 20 -15.98 -4.12 -0.67
C ASP A 20 -15.51 -2.93 -1.47
N THR A 21 -14.22 -2.88 -1.56
CA THR A 21 -13.58 -1.95 -2.38
C THR A 21 -12.56 -2.81 -3.07
N GLY A 22 -12.69 -4.13 -2.82
CA GLY A 22 -11.83 -5.04 -3.51
C GLY A 22 -11.47 -6.37 -2.84
N SER A 23 -10.50 -6.34 -1.92
CA SER A 23 -9.94 -7.61 -1.43
C SER A 23 -8.83 -7.46 -0.31
N THR A 24 -7.55 -7.31 -0.72
CA THR A 24 -6.38 -7.24 0.23
C THR A 24 -5.44 -6.10 -0.15
N GLU A 25 -5.51 -5.77 -1.42
CA GLU A 25 -4.78 -4.68 -2.04
C GLU A 25 -4.98 -3.39 -1.23
N VAL A 26 -6.12 -3.31 -0.56
CA VAL A 26 -6.47 -2.18 0.31
C VAL A 26 -5.41 -1.94 1.37
N GLN A 27 -4.90 -3.03 1.92
CA GLN A 27 -3.91 -2.94 2.96
C GLN A 27 -2.55 -2.64 2.36
N VAL A 28 -2.33 -3.17 1.16
CA VAL A 28 -1.10 -2.89 0.46
C VAL A 28 -1.07 -1.39 0.13
N ALA A 29 -2.26 -0.85 -0.09
CA ALA A 29 -2.40 0.58 -0.36
C ALA A 29 -2.01 1.37 0.87
N LEU A 30 -2.55 0.97 2.02
CA LEU A 30 -2.24 1.67 3.26
C LEU A 30 -0.81 1.35 3.73
N LEU A 31 -0.30 0.18 3.36
CA LEU A 31 1.04 -0.21 3.72
C LEU A 31 2.04 0.68 2.95
N THR A 32 1.75 0.89 1.67
CA THR A 32 2.57 1.77 0.82
C THR A 32 2.37 3.23 1.24
N LEU A 33 1.14 3.57 1.62
CA LEU A 33 0.79 4.91 2.10
C LEU A 33 1.67 5.27 3.30
N ARG A 34 1.74 4.39 4.30
CA ARG A 34 2.56 4.70 5.47
C ARG A 34 4.07 4.63 5.16
N ILE A 35 4.47 3.86 4.14
CA ILE A 35 5.89 3.85 3.73
C ILE A 35 6.21 5.20 3.08
N ASN A 36 5.26 5.74 2.30
CA ASN A 36 5.45 7.05 1.68
C ASN A 36 5.34 8.14 2.76
N ARG A 37 4.48 7.90 3.76
CA ARG A 37 4.33 8.82 4.89
C ARG A 37 5.67 8.95 5.59
N LEU A 38 6.28 7.79 5.79
CA LEU A 38 7.56 7.68 6.41
C LEU A 38 8.61 8.41 5.59
N SER A 39 8.62 8.16 4.29
CA SER A 39 9.57 8.80 3.38
C SER A 39 9.36 10.32 3.32
N GLU A 40 8.11 10.77 3.36
CA GLU A 40 7.79 12.21 3.32
C GLU A 40 8.16 12.85 4.66
N HIS A 41 8.29 11.98 5.67
CA HIS A 41 8.71 12.37 7.01
C HIS A 41 10.24 12.40 7.04
N LEU A 42 10.85 11.49 6.27
CA LEU A 42 12.31 11.43 6.12
C LEU A 42 12.79 12.64 5.32
N LYS A 43 11.87 13.27 4.59
CA LYS A 43 12.24 14.46 3.84
C LYS A 43 12.04 15.70 4.70
N VAL A 44 11.77 15.44 5.96
CA VAL A 44 11.69 16.46 7.00
C VAL A 44 12.91 16.22 7.88
N HIS A 45 13.13 14.93 8.18
CA HIS A 45 14.29 14.49 8.94
C HIS A 45 15.55 14.69 8.11
N LYS A 46 16.29 15.75 8.39
CA LYS A 46 17.51 16.03 7.64
C LYS A 46 18.64 15.08 8.07
N LYS A 47 18.49 14.52 9.26
CA LYS A 47 19.44 13.55 9.78
C LYS A 47 19.05 12.14 9.29
N ASP A 48 17.85 12.07 8.66
CA ASP A 48 17.21 10.83 8.14
C ASP A 48 16.74 9.91 9.29
N HIS A 49 17.59 9.77 10.30
CA HIS A 49 17.32 8.95 11.47
C HIS A 49 17.31 7.45 11.12
N HIS A 50 16.96 6.63 12.09
CA HIS A 50 16.95 5.17 11.89
C HIS A 50 15.53 4.70 11.60
N SER A 51 14.73 5.65 11.20
CA SER A 51 13.33 5.46 10.93
C SER A 51 13.06 4.47 9.79
N HIS A 52 13.64 4.72 8.63
CA HIS A 52 13.40 3.88 7.45
C HIS A 52 13.87 2.43 7.65
N ARG A 53 15.01 2.26 8.31
CA ARG A 53 15.54 0.91 8.51
C ARG A 53 14.65 0.06 9.43
N GLY A 54 13.83 0.72 10.21
CA GLY A 54 12.94 0.01 11.10
C GLY A 54 11.70 -0.50 10.38
N LEU A 55 11.20 0.30 9.45
CA LEU A 55 9.99 -0.08 8.72
C LEU A 55 10.31 -0.87 7.45
N LEU A 56 11.54 -1.39 7.39
CA LEU A 56 11.97 -2.24 6.29
C LEU A 56 11.13 -3.50 6.33
N MET A 57 10.63 -3.81 7.53
CA MET A 57 9.72 -4.92 7.74
C MET A 57 8.51 -4.79 6.79
N MET A 58 7.99 -3.55 6.68
CA MET A 58 6.86 -3.32 5.79
C MET A 58 7.31 -3.46 4.34
N VAL A 59 8.47 -2.89 4.02
CA VAL A 59 9.03 -2.98 2.67
C VAL A 59 9.24 -4.45 2.26
N GLY A 60 9.74 -5.25 3.19
CA GLY A 60 9.97 -6.66 2.96
C GLY A 60 8.68 -7.44 2.73
N GLN A 61 7.69 -7.26 3.60
CA GLN A 61 6.42 -7.97 3.48
C GLN A 61 5.59 -7.40 2.32
N ARG A 62 6.01 -6.23 1.86
CA ARG A 62 5.38 -5.56 0.74
C ARG A 62 5.68 -6.34 -0.52
N ARG A 63 6.97 -6.55 -0.75
CA ARG A 63 7.40 -7.28 -1.93
C ARG A 63 6.91 -8.72 -1.87
N ARG A 64 6.87 -9.27 -0.66
CA ARG A 64 6.39 -10.63 -0.48
C ARG A 64 4.89 -10.72 -0.74
N LEU A 65 4.12 -9.75 -0.28
CA LEU A 65 2.67 -9.76 -0.48
C LEU A 65 2.36 -9.46 -1.96
N LEU A 66 3.20 -8.66 -2.60
CA LEU A 66 3.04 -8.37 -4.02
C LEU A 66 3.31 -9.66 -4.82
N ARG A 67 4.27 -10.47 -4.37
CA ARG A 67 4.57 -11.75 -5.03
C ARG A 67 3.48 -12.77 -4.73
N TYR A 68 2.64 -12.45 -3.75
CA TYR A 68 1.52 -13.31 -3.40
C TYR A 68 0.29 -12.93 -4.25
N LEU A 69 -0.14 -11.66 -4.15
CA LEU A 69 -1.31 -11.18 -4.89
C LEU A 69 -1.15 -11.33 -6.42
N GLN A 70 0.09 -11.23 -6.91
CA GLN A 70 0.36 -11.36 -8.35
C GLN A 70 0.00 -12.74 -8.88
N ARG A 71 -0.09 -13.70 -7.97
CA ARG A 71 -0.43 -15.07 -8.34
C ARG A 71 -1.92 -15.23 -8.61
N GLU A 72 -2.73 -14.46 -7.91
CA GLU A 72 -4.18 -14.61 -8.04
C GLU A 72 -4.75 -13.71 -9.14
N ASP A 73 -3.83 -13.04 -9.82
CA ASP A 73 -4.08 -12.21 -10.98
C ASP A 73 -2.79 -11.47 -11.35
N PRO A 74 -2.05 -11.99 -12.33
CA PRO A 74 -0.77 -11.42 -12.75
C PRO A 74 -0.90 -10.02 -13.33
N GLU A 75 -2.08 -9.71 -13.86
CA GLU A 75 -2.31 -8.43 -14.48
C GLU A 75 -2.58 -7.38 -13.41
N ARG A 76 -3.25 -7.81 -12.35
CA ARG A 76 -3.51 -6.93 -11.23
C ARG A 76 -2.21 -6.55 -10.53
N TYR A 77 -1.22 -7.46 -10.58
CA TYR A 77 0.10 -7.16 -10.01
C TYR A 77 0.63 -5.90 -10.66
N ARG A 78 0.54 -5.93 -11.98
CA ARG A 78 0.98 -4.87 -12.85
C ARG A 78 0.23 -3.58 -12.58
N ALA A 79 -1.06 -3.66 -12.44
CA ALA A 79 -1.84 -2.45 -12.24
C ALA A 79 -1.78 -1.96 -10.80
N LEU A 80 -1.53 -2.84 -9.85
CA LEU A 80 -1.42 -2.39 -8.47
C LEU A 80 -0.08 -1.68 -8.30
N ILE A 81 0.92 -2.04 -9.10
CA ILE A 81 2.20 -1.35 -8.98
C ILE A 81 2.09 -0.01 -9.68
N GLU A 82 1.21 0.02 -10.67
CA GLU A 82 0.88 1.21 -11.42
C GLU A 82 0.05 2.19 -10.58
N LYS A 83 -0.96 1.68 -9.88
CA LYS A 83 -1.85 2.56 -9.10
C LYS A 83 -1.24 3.05 -7.80
N LEU A 84 -0.45 2.21 -7.14
CA LEU A 84 0.17 2.64 -5.90
C LEU A 84 1.38 3.53 -6.18
N GLY A 85 2.04 3.29 -7.30
CA GLY A 85 3.23 4.06 -7.60
C GLY A 85 4.41 3.37 -6.97
N ILE A 86 4.62 2.18 -7.43
CA ILE A 86 5.65 1.33 -6.92
C ILE A 86 7.00 1.65 -7.59
N ARG A 87 6.97 2.23 -8.78
CA ARG A 87 8.22 2.66 -9.49
C ARG A 87 8.69 4.00 -8.86
N GLY A 88 7.55 4.62 -8.50
CA GLY A 88 7.28 5.91 -7.84
C GLY A 88 6.78 6.93 -8.83
N PRO A 1 -10.09 21.07 3.65
CA PRO A 1 -10.88 20.09 2.86
C PRO A 1 -10.01 18.88 2.57
N ILE A 2 -10.57 17.88 1.88
CA ILE A 2 -9.80 16.67 1.55
C ILE A 2 -9.50 15.84 2.86
N THR A 3 -8.84 14.69 2.70
CA THR A 3 -8.42 13.80 3.81
C THR A 3 -9.55 12.85 4.27
N LYS A 4 -10.78 13.32 4.25
CA LYS A 4 -11.91 12.52 4.67
C LYS A 4 -12.35 11.59 3.55
N GLU A 5 -12.52 12.15 2.36
CA GLU A 5 -12.97 11.38 1.21
C GLU A 5 -11.79 10.66 0.59
N GLU A 6 -10.61 10.99 1.08
CA GLU A 6 -9.39 10.38 0.62
C GLU A 6 -9.23 9.06 1.36
N LYS A 7 -9.85 9.04 2.52
CA LYS A 7 -9.88 7.87 3.34
C LYS A 7 -10.88 6.92 2.70
N GLN A 8 -12.02 7.49 2.31
CA GLN A 8 -13.06 6.74 1.62
C GLN A 8 -12.47 6.14 0.34
N LYS A 9 -11.63 6.94 -0.33
CA LYS A 9 -10.98 6.50 -1.56
C LYS A 9 -10.10 5.26 -1.34
N VAL A 10 -9.14 5.33 -0.43
CA VAL A 10 -8.23 4.20 -0.19
C VAL A 10 -8.96 2.92 0.21
N ILE A 11 -9.94 3.07 1.05
CA ILE A 11 -10.71 1.97 1.59
C ILE A 11 -11.64 1.34 0.53
N GLN A 12 -12.26 2.19 -0.28
CA GLN A 12 -13.21 1.72 -1.28
C GLN A 12 -12.57 1.39 -2.64
N GLU A 13 -11.43 1.98 -2.95
CA GLU A 13 -10.76 1.68 -4.22
C GLU A 13 -9.93 0.41 -4.08
N PHE A 14 -9.19 0.31 -2.99
CA PHE A 14 -8.33 -0.84 -2.76
C PHE A 14 -9.10 -2.05 -2.24
N ALA A 15 -9.60 -1.97 -1.01
CA ALA A 15 -10.32 -3.09 -0.41
C ALA A 15 -11.64 -3.35 -1.10
N ARG A 16 -12.61 -2.47 -0.86
CA ARG A 16 -13.93 -2.59 -1.47
C ARG A 16 -14.66 -3.86 -1.00
N PHE A 17 -14.36 -4.28 0.23
CA PHE A 17 -14.96 -5.46 0.82
C PHE A 17 -15.86 -5.03 1.99
N PRO A 18 -16.64 -5.94 2.60
CA PRO A 18 -17.44 -5.59 3.79
C PRO A 18 -16.49 -5.18 4.93
N GLY A 19 -15.26 -5.66 4.82
CA GLY A 19 -14.23 -5.32 5.77
C GLY A 19 -13.14 -4.49 5.08
N ASP A 20 -13.61 -3.55 4.24
CA ASP A 20 -12.75 -2.63 3.43
C ASP A 20 -11.93 -1.68 4.28
N THR A 21 -11.93 -1.96 5.53
CA THR A 21 -11.26 -1.17 6.52
C THR A 21 -9.91 -1.76 6.86
N GLY A 22 -9.72 -3.03 6.54
CA GLY A 22 -8.46 -3.68 6.88
C GLY A 22 -8.01 -4.73 5.89
N SER A 23 -8.52 -4.68 4.67
CA SER A 23 -8.08 -5.61 3.65
C SER A 23 -6.60 -5.36 3.34
N THR A 24 -5.88 -6.43 3.04
CA THR A 24 -4.43 -6.38 2.77
C THR A 24 -4.00 -5.24 1.85
N GLU A 25 -4.76 -5.06 0.79
CA GLU A 25 -4.50 -4.02 -0.20
C GLU A 25 -4.46 -2.61 0.42
N VAL A 26 -5.40 -2.32 1.30
CA VAL A 26 -5.45 -1.02 1.98
C VAL A 26 -4.21 -0.77 2.86
N GLN A 27 -3.74 -1.78 3.56
CA GLN A 27 -2.57 -1.55 4.42
C GLN A 27 -1.27 -1.47 3.62
N VAL A 28 -1.26 -2.04 2.42
CA VAL A 28 -0.10 -1.91 1.55
C VAL A 28 -0.18 -0.53 0.89
N ALA A 29 -1.41 -0.06 0.71
CA ALA A 29 -1.65 1.26 0.16
C ALA A 29 -1.13 2.30 1.15
N LEU A 30 -1.43 2.10 2.44
CA LEU A 30 -0.97 3.02 3.45
C LEU A 30 0.55 2.84 3.68
N LEU A 31 1.06 1.65 3.41
CA LEU A 31 2.48 1.39 3.55
C LEU A 31 3.23 2.14 2.44
N THR A 32 2.64 2.14 1.24
CA THR A 32 3.22 2.85 0.09
C THR A 32 3.06 4.36 0.28
N LEU A 33 2.05 4.75 1.07
CA LEU A 33 1.81 6.15 1.40
C LEU A 33 2.93 6.66 2.32
N ARG A 34 3.16 5.95 3.44
CA ARG A 34 4.21 6.37 4.38
C ARG A 34 5.59 6.30 3.73
N ILE A 35 5.74 5.51 2.68
CA ILE A 35 6.98 5.56 1.94
C ILE A 35 6.92 6.84 1.10
N ASN A 36 5.95 6.86 0.15
CA ASN A 36 5.77 7.95 -0.83
C ASN A 36 7.13 8.51 -1.15
N ARG A 37 7.88 7.62 -1.80
CA ARG A 37 9.28 7.86 -2.16
C ARG A 37 9.97 8.49 -0.97
N LEU A 38 10.26 7.60 0.02
CA LEU A 38 10.66 7.93 1.44
C LEU A 38 10.71 9.40 1.81
N SER A 39 9.72 10.07 1.26
CA SER A 39 9.47 11.46 1.42
C SER A 39 8.51 11.56 2.57
N GLU A 40 7.41 10.84 2.46
CA GLU A 40 6.41 10.83 3.52
C GLU A 40 6.96 10.02 4.70
N HIS A 41 8.12 9.43 4.46
CA HIS A 41 8.83 8.69 5.47
C HIS A 41 9.62 9.68 6.32
N LEU A 42 10.49 10.44 5.65
CA LEU A 42 11.36 11.41 6.34
C LEU A 42 10.60 12.64 6.87
N LYS A 43 9.33 12.79 6.52
CA LYS A 43 8.54 13.91 7.06
C LYS A 43 7.90 13.50 8.39
N VAL A 44 8.17 12.26 8.76
CA VAL A 44 7.72 11.67 10.00
C VAL A 44 8.97 11.23 10.74
N HIS A 45 9.84 10.57 9.99
CA HIS A 45 11.13 10.12 10.48
C HIS A 45 12.06 11.31 10.44
N LYS A 46 12.10 12.01 11.56
CA LYS A 46 12.89 13.21 11.70
C LYS A 46 13.59 13.14 13.05
N LYS A 47 14.87 12.81 12.95
CA LYS A 47 15.78 12.61 14.09
C LYS A 47 15.62 11.19 14.63
N ASP A 48 14.91 10.39 13.86
CA ASP A 48 14.73 8.97 14.10
C ASP A 48 15.18 8.33 12.81
N HIS A 49 16.47 8.15 12.70
CA HIS A 49 17.07 7.60 11.50
C HIS A 49 17.64 6.22 11.76
N HIS A 50 17.25 5.65 12.90
CA HIS A 50 17.68 4.30 13.29
C HIS A 50 16.70 3.31 12.68
N SER A 51 15.92 3.85 11.79
CA SER A 51 14.91 3.13 11.09
C SER A 51 15.22 3.15 9.59
N HIS A 52 14.62 2.25 8.86
CA HIS A 52 14.86 2.14 7.42
C HIS A 52 13.62 1.58 6.74
N ARG A 53 12.46 1.97 7.26
CA ARG A 53 11.18 1.51 6.72
C ARG A 53 11.00 1.94 5.26
N GLY A 54 11.52 3.11 4.93
CA GLY A 54 11.43 3.61 3.56
C GLY A 54 12.38 2.91 2.61
N LEU A 55 13.29 2.13 3.17
CA LEU A 55 14.25 1.38 2.38
C LEU A 55 13.69 -0.02 2.09
N LEU A 56 14.56 -0.93 1.67
CA LEU A 56 14.17 -2.32 1.32
C LEU A 56 13.36 -3.03 2.42
N MET A 57 13.49 -2.59 3.67
CA MET A 57 12.74 -3.19 4.77
C MET A 57 11.25 -3.29 4.45
N MET A 58 10.58 -2.16 4.28
CA MET A 58 9.15 -2.21 4.01
C MET A 58 8.87 -2.32 2.51
N VAL A 59 9.80 -1.90 1.66
CA VAL A 59 9.64 -2.06 0.21
C VAL A 59 9.66 -3.56 -0.11
N GLY A 60 10.57 -4.27 0.54
CA GLY A 60 10.66 -5.72 0.40
C GLY A 60 9.44 -6.38 1.03
N GLN A 61 9.01 -5.82 2.16
CA GLN A 61 7.84 -6.32 2.89
C GLN A 61 6.61 -6.26 2.00
N ARG A 62 6.46 -5.17 1.26
CA ARG A 62 5.30 -4.99 0.41
C ARG A 62 5.33 -5.94 -0.78
N ARG A 63 6.51 -6.16 -1.35
CA ARG A 63 6.60 -7.05 -2.50
C ARG A 63 6.49 -8.52 -2.07
N ARG A 64 6.58 -8.76 -0.77
CA ARG A 64 6.37 -10.09 -0.25
C ARG A 64 4.88 -10.21 0.14
N LEU A 65 4.31 -9.10 0.65
CA LEU A 65 2.89 -9.08 1.05
C LEU A 65 1.98 -9.32 -0.15
N LEU A 66 2.34 -8.78 -1.31
CA LEU A 66 1.55 -8.98 -2.51
C LEU A 66 1.64 -10.44 -2.96
N ARG A 67 2.70 -11.12 -2.55
CA ARG A 67 2.87 -12.53 -2.88
C ARG A 67 2.02 -13.37 -1.91
N TYR A 68 1.81 -12.85 -0.69
CA TYR A 68 0.91 -13.51 0.25
C TYR A 68 -0.51 -13.31 -0.22
N LEU A 69 -0.78 -12.11 -0.75
CA LEU A 69 -2.10 -11.81 -1.31
C LEU A 69 -2.33 -12.69 -2.55
N GLN A 70 -1.25 -12.98 -3.25
CA GLN A 70 -1.27 -13.87 -4.42
C GLN A 70 -1.85 -15.22 -4.01
N ARG A 71 -1.44 -15.66 -2.84
CA ARG A 71 -1.89 -16.92 -2.26
C ARG A 71 -3.31 -16.81 -1.72
N GLU A 72 -3.79 -15.59 -1.57
CA GLU A 72 -5.14 -15.38 -1.06
C GLU A 72 -6.13 -15.22 -2.22
N ASP A 73 -5.56 -14.82 -3.35
CA ASP A 73 -6.30 -14.56 -4.57
C ASP A 73 -5.32 -14.17 -5.68
N PRO A 74 -5.21 -15.01 -6.71
CA PRO A 74 -4.31 -14.74 -7.83
C PRO A 74 -4.75 -13.55 -8.68
N GLU A 75 -6.02 -13.20 -8.60
CA GLU A 75 -6.54 -12.09 -9.38
C GLU A 75 -6.25 -10.78 -8.68
N ARG A 76 -6.29 -10.78 -7.35
CA ARG A 76 -5.95 -9.55 -6.65
C ARG A 76 -4.43 -9.39 -6.54
N TYR A 77 -3.67 -10.46 -6.79
CA TYR A 77 -2.20 -10.34 -6.85
C TYR A 77 -1.89 -9.32 -7.90
N ARG A 78 -2.36 -9.66 -9.10
CA ARG A 78 -2.17 -8.88 -10.27
C ARG A 78 -2.95 -7.56 -10.16
N ALA A 79 -4.03 -7.52 -9.39
CA ALA A 79 -4.76 -6.28 -9.27
C ALA A 79 -4.15 -5.34 -8.24
N LEU A 80 -3.51 -5.87 -7.20
CA LEU A 80 -2.85 -4.97 -6.26
C LEU A 80 -1.61 -4.39 -6.91
N ILE A 81 -1.01 -5.15 -7.82
CA ILE A 81 0.19 -4.66 -8.48
C ILE A 81 -0.23 -3.61 -9.52
N GLU A 82 -1.44 -3.79 -9.99
CA GLU A 82 -2.03 -2.86 -10.92
C GLU A 82 -2.53 -1.61 -10.17
N LYS A 83 -2.99 -1.77 -8.91
CA LYS A 83 -3.44 -0.63 -8.11
C LYS A 83 -2.24 0.20 -7.62
N LEU A 84 -1.20 -0.49 -7.15
CA LEU A 84 0.01 0.19 -6.66
C LEU A 84 0.81 0.82 -7.79
N GLY A 85 0.72 0.25 -8.98
CA GLY A 85 1.44 0.76 -10.12
C GLY A 85 2.79 0.10 -10.27
N ILE A 86 2.76 -1.19 -10.15
CA ILE A 86 3.90 -2.05 -10.25
C ILE A 86 4.05 -2.53 -11.72
N ARG A 87 3.14 -2.02 -12.60
CA ARG A 87 3.08 -2.33 -14.06
C ARG A 87 4.42 -2.15 -14.67
N GLY A 88 5.10 -1.26 -14.06
CA GLY A 88 6.50 -1.17 -14.36
C GLY A 88 7.27 -0.27 -13.42
N PRO A 1 -3.29 16.35 3.35
CA PRO A 1 -3.10 15.30 4.38
C PRO A 1 -4.31 14.41 4.41
N ILE A 2 -4.19 13.22 4.98
CA ILE A 2 -5.32 12.32 5.02
C ILE A 2 -6.35 12.79 6.00
N THR A 3 -7.60 12.73 5.60
CA THR A 3 -8.68 13.13 6.46
C THR A 3 -9.86 12.14 6.38
N LYS A 4 -11.01 12.48 6.96
CA LYS A 4 -12.15 11.56 7.02
C LYS A 4 -12.65 11.10 5.63
N GLU A 5 -12.87 12.02 4.71
CA GLU A 5 -13.36 11.62 3.39
C GLU A 5 -12.23 11.07 2.54
N GLU A 6 -11.03 11.15 3.09
CA GLU A 6 -9.84 10.65 2.43
C GLU A 6 -9.75 9.17 2.74
N LYS A 7 -10.30 8.82 3.92
CA LYS A 7 -10.39 7.46 4.35
C LYS A 7 -11.47 6.79 3.52
N GLN A 8 -12.59 7.49 3.40
CA GLN A 8 -13.73 7.03 2.61
C GLN A 8 -13.31 6.81 1.16
N LYS A 9 -12.38 7.66 0.71
CA LYS A 9 -11.81 7.59 -0.61
C LYS A 9 -11.09 6.24 -0.82
N VAL A 10 -10.13 5.94 0.07
CA VAL A 10 -9.37 4.67 0.01
C VAL A 10 -10.29 3.45 0.17
N ILE A 11 -11.28 3.60 1.04
CA ILE A 11 -12.24 2.56 1.35
C ILE A 11 -13.15 2.27 0.17
N GLN A 12 -13.32 3.26 -0.67
CA GLN A 12 -14.13 3.09 -1.84
C GLN A 12 -13.30 2.66 -3.06
N GLU A 13 -12.19 3.36 -3.32
CA GLU A 13 -11.32 3.06 -4.47
C GLU A 13 -10.77 1.64 -4.45
N PHE A 14 -10.25 1.26 -3.31
CA PHE A 14 -9.63 -0.04 -3.17
C PHE A 14 -10.60 -1.12 -2.72
N ALA A 15 -11.09 -0.98 -1.49
CA ALA A 15 -12.03 -1.93 -0.92
C ALA A 15 -13.29 -2.05 -1.79
N ARG A 16 -13.55 -3.26 -2.26
CA ARG A 16 -14.67 -3.52 -3.16
C ARG A 16 -15.98 -3.72 -2.39
N PHE A 17 -15.83 -3.97 -1.10
CA PHE A 17 -16.94 -4.23 -0.22
C PHE A 17 -16.63 -3.64 1.16
N PRO A 18 -17.63 -3.45 2.02
CA PRO A 18 -17.40 -2.94 3.38
C PRO A 18 -16.56 -3.92 4.22
N GLY A 19 -16.60 -5.20 3.84
CA GLY A 19 -15.80 -6.21 4.53
C GLY A 19 -14.48 -6.46 3.80
N ASP A 20 -14.38 -5.92 2.57
CA ASP A 20 -13.19 -6.07 1.73
C ASP A 20 -12.25 -4.89 2.00
N THR A 21 -12.45 -4.32 3.17
CA THR A 21 -11.70 -3.17 3.64
C THR A 21 -10.42 -3.61 4.35
N GLY A 22 -10.46 -4.82 4.89
CA GLY A 22 -9.31 -5.38 5.56
C GLY A 22 -8.53 -6.26 4.62
N SER A 23 -8.91 -6.19 3.35
CA SER A 23 -8.27 -6.96 2.30
C SER A 23 -6.86 -6.45 2.03
N THR A 24 -6.03 -7.37 1.64
CA THR A 24 -4.61 -7.12 1.39
C THR A 24 -4.34 -5.91 0.47
N GLU A 25 -5.04 -5.82 -0.66
CA GLU A 25 -4.85 -4.71 -1.60
C GLU A 25 -5.11 -3.36 -0.93
N VAL A 26 -6.14 -3.31 -0.09
CA VAL A 26 -6.49 -2.10 0.63
C VAL A 26 -5.42 -1.77 1.67
N GLN A 27 -4.82 -2.81 2.24
CA GLN A 27 -3.76 -2.63 3.23
C GLN A 27 -2.49 -2.15 2.53
N VAL A 28 -2.34 -2.50 1.25
CA VAL A 28 -1.22 -2.02 0.46
C VAL A 28 -1.44 -0.55 0.17
N ALA A 29 -2.71 -0.17 0.06
CA ALA A 29 -3.06 1.21 -0.16
C ALA A 29 -2.60 2.03 1.02
N LEU A 30 -2.85 1.52 2.21
CA LEU A 30 -2.43 2.24 3.40
C LEU A 30 -0.92 2.06 3.64
N LEU A 31 -0.34 0.95 3.15
CA LEU A 31 1.09 0.72 3.30
C LEU A 31 1.86 1.73 2.42
N THR A 32 1.28 2.03 1.26
CA THR A 32 1.86 3.01 0.34
C THR A 32 1.72 4.42 0.93
N LEU A 33 0.58 4.71 1.57
CA LEU A 33 0.36 6.01 2.22
C LEU A 33 1.38 6.18 3.35
N ARG A 34 1.66 5.07 4.07
CA ARG A 34 2.67 5.08 5.13
C ARG A 34 4.04 5.46 4.54
N ILE A 35 4.45 4.74 3.49
CA ILE A 35 5.74 5.00 2.82
C ILE A 35 5.75 6.43 2.24
N ASN A 36 4.62 6.87 1.72
CA ASN A 36 4.46 8.21 1.18
C ASN A 36 4.71 9.26 2.27
N ARG A 37 4.03 9.09 3.39
CA ARG A 37 4.13 10.02 4.50
C ARG A 37 5.51 9.92 5.15
N LEU A 38 6.11 8.72 5.05
CA LEU A 38 7.43 8.44 5.56
C LEU A 38 8.42 9.28 4.75
N SER A 39 8.25 9.24 3.45
CA SER A 39 9.07 10.02 2.52
C SER A 39 8.95 11.51 2.82
N GLU A 40 7.73 11.99 3.01
CA GLU A 40 7.50 13.42 3.24
C GLU A 40 7.80 13.80 4.69
N HIS A 41 8.12 12.80 5.50
CA HIS A 41 8.48 13.03 6.87
C HIS A 41 10.00 13.17 6.96
N LEU A 42 10.73 12.18 6.43
CA LEU A 42 12.19 12.18 6.48
C LEU A 42 12.82 13.13 5.44
N LYS A 43 12.01 13.69 4.55
CA LYS A 43 12.53 14.67 3.59
C LYS A 43 12.50 16.06 4.26
N VAL A 44 12.02 16.03 5.50
CA VAL A 44 11.94 17.19 6.38
C VAL A 44 12.87 16.89 7.55
N HIS A 45 12.66 15.73 8.14
CA HIS A 45 13.50 15.24 9.23
C HIS A 45 14.79 14.75 8.60
N LYS A 46 15.77 15.65 8.62
CA LYS A 46 17.06 15.45 7.96
C LYS A 46 17.89 14.29 8.45
N LYS A 47 17.56 13.14 7.86
CA LYS A 47 18.28 11.90 8.03
C LYS A 47 18.27 11.37 9.46
N ASP A 48 17.29 11.78 10.23
CA ASP A 48 17.14 11.28 11.57
C ASP A 48 16.19 10.11 11.47
N HIS A 49 16.71 9.03 10.95
CA HIS A 49 15.92 7.84 10.72
C HIS A 49 16.65 6.55 11.08
N HIS A 50 16.25 5.97 12.19
CA HIS A 50 16.79 4.68 12.61
C HIS A 50 15.70 3.67 12.36
N SER A 51 14.75 4.12 11.57
CA SER A 51 13.57 3.37 11.22
C SER A 51 13.74 2.50 9.98
N HIS A 52 14.63 2.90 9.06
CA HIS A 52 14.73 2.18 7.78
C HIS A 52 15.11 0.70 7.90
N ARG A 53 16.03 0.36 8.79
CA ARG A 53 16.42 -1.04 8.93
C ARG A 53 15.32 -1.85 9.61
N GLY A 54 14.56 -1.20 10.48
CA GLY A 54 13.45 -1.88 11.13
C GLY A 54 12.24 -1.96 10.22
N LEU A 55 12.02 -0.89 9.46
CA LEU A 55 10.87 -0.83 8.55
C LEU A 55 11.14 -1.60 7.26
N LEU A 56 12.22 -2.36 7.25
CA LEU A 56 12.52 -3.22 6.13
C LEU A 56 11.47 -4.30 6.11
N MET A 57 10.87 -4.53 7.29
CA MET A 57 9.78 -5.49 7.42
C MET A 57 8.58 -5.05 6.58
N MET A 58 8.35 -3.74 6.45
CA MET A 58 7.22 -3.27 5.65
C MET A 58 7.59 -3.21 4.17
N VAL A 59 8.84 -2.85 3.89
CA VAL A 59 9.32 -2.80 2.51
C VAL A 59 9.36 -4.23 1.95
N GLY A 60 9.91 -5.15 2.75
CA GLY A 60 9.97 -6.54 2.36
C GLY A 60 8.59 -7.16 2.26
N GLN A 61 7.68 -6.74 3.15
CA GLN A 61 6.30 -7.23 3.16
C GLN A 61 5.63 -6.85 1.85
N ARG A 62 5.85 -5.61 1.42
CA ARG A 62 5.27 -5.10 0.21
C ARG A 62 5.93 -5.73 -1.01
N ARG A 63 7.24 -5.92 -0.94
CA ARG A 63 8.00 -6.51 -2.04
C ARG A 63 7.63 -7.98 -2.28
N ARG A 64 7.43 -8.74 -1.21
CA ARG A 64 7.08 -10.16 -1.35
C ARG A 64 5.57 -10.35 -1.56
N LEU A 65 4.80 -9.33 -1.23
CA LEU A 65 3.34 -9.40 -1.33
C LEU A 65 2.84 -9.58 -2.77
N LEU A 66 3.62 -9.11 -3.74
CA LEU A 66 3.25 -9.28 -5.15
C LEU A 66 3.21 -10.77 -5.48
N ARG A 67 4.22 -11.49 -4.98
CA ARG A 67 4.35 -12.93 -5.21
C ARG A 67 3.27 -13.68 -4.41
N TYR A 68 2.97 -13.15 -3.25
CA TYR A 68 1.97 -13.71 -2.35
C TYR A 68 0.56 -13.67 -2.96
N LEU A 69 0.12 -12.47 -3.36
CA LEU A 69 -1.22 -12.31 -3.93
C LEU A 69 -1.30 -13.00 -5.30
N GLN A 70 -0.17 -13.06 -5.99
CA GLN A 70 -0.08 -13.74 -7.29
C GLN A 70 -0.48 -15.21 -7.16
N ARG A 71 -0.17 -15.78 -6.00
CA ARG A 71 -0.44 -17.19 -5.74
C ARG A 71 -1.92 -17.52 -5.53
N GLU A 72 -2.68 -16.64 -4.88
CA GLU A 72 -4.09 -16.98 -4.61
C GLU A 72 -5.03 -16.53 -5.74
N ASP A 73 -4.45 -15.88 -6.73
CA ASP A 73 -5.17 -15.39 -7.90
C ASP A 73 -4.17 -14.66 -8.79
N PRO A 74 -3.88 -15.21 -9.99
CA PRO A 74 -2.94 -14.59 -10.91
C PRO A 74 -3.39 -13.18 -11.28
N GLU A 75 -4.69 -12.96 -11.25
CA GLU A 75 -5.23 -11.66 -11.60
C GLU A 75 -4.91 -10.64 -10.51
N ARG A 76 -4.79 -11.07 -9.27
CA ARG A 76 -4.45 -10.13 -8.19
C ARG A 76 -3.03 -9.61 -8.39
N TYR A 77 -2.18 -10.40 -9.02
CA TYR A 77 -0.80 -9.95 -9.29
C TYR A 77 -0.88 -8.81 -10.28
N ARG A 78 -1.68 -9.04 -11.32
CA ARG A 78 -1.89 -8.10 -12.38
C ARG A 78 -2.58 -6.85 -11.88
N ALA A 79 -3.55 -7.02 -11.01
CA ALA A 79 -4.26 -5.87 -10.50
C ALA A 79 -3.42 -5.14 -9.45
N LEU A 80 -2.53 -5.85 -8.77
CA LEU A 80 -1.67 -5.18 -7.81
C LEU A 80 -0.65 -4.32 -8.57
N ILE A 81 -0.30 -4.72 -9.79
CA ILE A 81 0.65 -3.91 -10.56
C ILE A 81 -0.09 -2.66 -11.06
N GLU A 82 -1.39 -2.80 -11.22
CA GLU A 82 -2.25 -1.68 -11.58
C GLU A 82 -2.51 -0.79 -10.35
N LYS A 83 -2.75 -1.42 -9.18
CA LYS A 83 -3.01 -0.66 -7.93
C LYS A 83 -1.76 0.14 -7.53
N LEU A 84 -0.59 -0.44 -7.73
CA LEU A 84 0.66 0.25 -7.42
C LEU A 84 1.00 1.24 -8.53
N GLY A 85 0.69 0.88 -9.76
CA GLY A 85 1.02 1.72 -10.89
C GLY A 85 2.42 1.42 -11.35
N ILE A 86 2.62 0.16 -11.66
CA ILE A 86 3.92 -0.33 -12.06
C ILE A 86 4.19 -0.12 -13.55
N ARG A 87 3.15 -0.20 -14.39
CA ARG A 87 3.31 0.03 -15.87
C ARG A 87 2.80 1.45 -16.23
N GLY A 88 2.09 1.82 -15.17
CA GLY A 88 1.33 3.03 -14.92
C GLY A 88 -0.11 2.92 -15.28
N PRO A 1 -4.18 3.77 7.65
CA PRO A 1 -4.85 5.08 7.51
C PRO A 1 -5.06 5.66 8.89
N ILE A 2 -4.52 6.83 9.15
CA ILE A 2 -4.62 7.43 10.47
C ILE A 2 -5.88 8.29 10.62
N THR A 3 -5.98 9.30 9.78
CA THR A 3 -7.08 10.25 9.83
C THR A 3 -8.44 9.65 9.44
N LYS A 4 -9.54 10.26 9.91
CA LYS A 4 -10.88 9.78 9.56
C LYS A 4 -11.16 10.02 8.08
N GLU A 5 -10.47 10.98 7.49
CA GLU A 5 -10.59 11.27 6.07
C GLU A 5 -9.76 10.25 5.31
N GLU A 6 -8.74 9.75 6.03
CA GLU A 6 -7.85 8.75 5.51
C GLU A 6 -8.64 7.46 5.47
N LYS A 7 -9.37 7.27 6.54
CA LYS A 7 -10.24 6.16 6.71
C LYS A 7 -11.36 6.22 5.67
N GLN A 8 -11.94 7.40 5.51
CA GLN A 8 -13.04 7.58 4.60
C GLN A 8 -12.70 7.22 3.16
N LYS A 9 -11.65 7.82 2.63
CA LYS A 9 -11.28 7.58 1.24
C LYS A 9 -10.79 6.15 1.00
N VAL A 10 -10.01 5.60 1.92
CA VAL A 10 -9.49 4.24 1.75
C VAL A 10 -10.60 3.19 1.87
N ILE A 11 -11.52 3.42 2.78
CA ILE A 11 -12.64 2.50 3.00
C ILE A 11 -13.69 2.69 1.91
N GLN A 12 -13.62 3.85 1.29
CA GLN A 12 -14.48 4.17 0.18
C GLN A 12 -14.10 3.34 -1.05
N GLU A 13 -12.84 3.40 -1.43
CA GLU A 13 -12.38 2.72 -2.65
C GLU A 13 -11.79 1.31 -2.42
N PHE A 14 -11.04 1.10 -1.35
CA PHE A 14 -10.44 -0.23 -1.11
C PHE A 14 -11.26 -1.08 -0.15
N ALA A 15 -11.21 -0.71 1.13
CA ALA A 15 -11.93 -1.42 2.18
C ALA A 15 -13.39 -1.01 2.16
N ARG A 16 -14.11 -1.47 1.15
CA ARG A 16 -15.47 -1.01 0.92
C ARG A 16 -16.57 -1.55 1.87
N PHE A 17 -16.16 -2.00 3.05
CA PHE A 17 -17.06 -2.40 4.13
C PHE A 17 -16.25 -2.88 5.33
N PRO A 18 -16.74 -2.63 6.57
CA PRO A 18 -16.07 -3.11 7.77
C PRO A 18 -15.87 -4.61 7.67
N GLY A 19 -14.66 -4.98 7.40
CA GLY A 19 -14.32 -6.36 7.18
C GLY A 19 -13.19 -6.44 6.18
N ASP A 20 -13.23 -5.56 5.17
CA ASP A 20 -12.13 -5.51 4.21
C ASP A 20 -11.15 -4.39 4.58
N THR A 21 -11.30 -3.88 5.81
CA THR A 21 -10.46 -2.77 6.26
C THR A 21 -9.14 -3.29 6.83
N GLY A 22 -9.06 -4.59 7.04
CA GLY A 22 -7.84 -5.22 7.49
C GLY A 22 -7.31 -6.15 6.41
N SER A 23 -7.95 -6.07 5.24
CA SER A 23 -7.59 -6.92 4.10
C SER A 23 -6.25 -6.51 3.46
N THR A 24 -5.67 -7.46 2.75
CA THR A 24 -4.36 -7.32 2.11
C THR A 24 -4.24 -6.09 1.20
N GLU A 25 -5.21 -5.91 0.30
CA GLU A 25 -5.21 -4.77 -0.63
C GLU A 25 -5.05 -3.45 0.11
N VAL A 26 -5.90 -3.29 1.10
CA VAL A 26 -5.93 -2.11 1.95
C VAL A 26 -4.65 -1.95 2.75
N GLN A 27 -4.11 -3.07 3.17
CA GLN A 27 -2.90 -3.07 3.96
C GLN A 27 -1.67 -2.74 3.11
N VAL A 28 -1.61 -3.23 1.89
CA VAL A 28 -0.49 -2.87 1.00
C VAL A 28 -0.64 -1.41 0.62
N ALA A 29 -1.89 -0.96 0.54
CA ALA A 29 -2.16 0.43 0.24
C ALA A 29 -1.65 1.30 1.39
N LEU A 30 -1.89 0.85 2.62
CA LEU A 30 -1.43 1.60 3.78
C LEU A 30 0.08 1.39 4.00
N LEU A 31 0.60 0.23 3.58
CA LEU A 31 2.01 -0.07 3.73
C LEU A 31 2.81 0.84 2.78
N THR A 32 2.29 1.03 1.58
CA THR A 32 2.92 1.91 0.60
C THR A 32 2.73 3.38 1.02
N LEU A 33 1.58 3.68 1.63
CA LEU A 33 1.30 5.03 2.14
C LEU A 33 2.23 5.33 3.32
N ARG A 34 2.54 4.30 4.09
CA ARG A 34 3.48 4.38 5.21
C ARG A 34 4.86 4.77 4.67
N ILE A 35 5.30 4.06 3.61
CA ILE A 35 6.57 4.36 2.93
C ILE A 35 6.54 5.78 2.37
N ASN A 36 5.43 6.09 1.68
CA ASN A 36 5.18 7.40 1.08
C ASN A 36 5.38 8.53 2.10
N ARG A 37 4.70 8.45 3.23
CA ARG A 37 4.79 9.53 4.21
C ARG A 37 6.04 9.41 5.06
N LEU A 38 6.72 8.28 4.96
CA LEU A 38 7.98 8.11 5.65
C LEU A 38 9.03 8.88 4.87
N SER A 39 8.95 8.78 3.55
CA SER A 39 9.85 9.51 2.70
C SER A 39 9.64 11.02 2.91
N GLU A 40 8.39 11.46 3.03
CA GLU A 40 8.11 12.89 3.26
C GLU A 40 8.58 13.28 4.68
N HIS A 41 8.57 12.29 5.56
CA HIS A 41 9.04 12.48 6.93
C HIS A 41 10.55 12.69 6.90
N LEU A 42 11.24 11.81 6.16
CA LEU A 42 12.70 11.87 6.01
C LEU A 42 13.17 13.09 5.18
N LYS A 43 12.26 13.67 4.38
CA LYS A 43 12.61 14.86 3.56
C LYS A 43 12.63 16.12 4.41
N VAL A 44 12.47 15.89 5.70
CA VAL A 44 12.52 16.92 6.72
C VAL A 44 13.47 16.38 7.79
N HIS A 45 13.12 15.18 8.27
CA HIS A 45 13.93 14.47 9.25
C HIS A 45 15.16 13.89 8.59
N LYS A 46 16.22 14.67 8.59
CA LYS A 46 17.48 14.25 7.99
C LYS A 46 18.26 13.34 8.95
N LYS A 47 17.76 13.27 10.18
CA LYS A 47 18.30 12.34 11.19
C LYS A 47 17.46 11.06 11.14
N ASP A 48 16.41 11.13 10.30
CA ASP A 48 15.41 10.05 10.11
C ASP A 48 14.54 9.94 11.37
N HIS A 49 15.12 9.27 12.36
CA HIS A 49 14.48 8.93 13.63
C HIS A 49 15.07 7.57 14.03
N HIS A 50 15.55 6.90 12.98
CA HIS A 50 16.09 5.53 13.02
C HIS A 50 14.91 4.59 12.98
N SER A 51 13.94 5.05 12.23
CA SER A 51 12.70 4.35 12.08
C SER A 51 12.80 3.27 11.02
N HIS A 52 12.33 2.09 11.37
CA HIS A 52 12.35 0.94 10.48
C HIS A 52 10.95 0.77 9.86
N ARG A 53 10.17 1.84 9.96
CA ARG A 53 8.79 1.89 9.51
C ARG A 53 8.61 1.43 8.07
N GLY A 54 9.38 2.00 7.18
CA GLY A 54 9.25 1.64 5.79
C GLY A 54 10.57 1.55 5.07
N LEU A 55 11.51 0.90 5.70
CA LEU A 55 12.80 0.70 5.09
C LEU A 55 12.75 -0.53 4.16
N LEU A 56 13.91 -0.96 3.68
CA LEU A 56 14.02 -2.12 2.78
C LEU A 56 13.25 -3.34 3.29
N MET A 57 13.23 -3.53 4.61
CA MET A 57 12.52 -4.65 5.21
C MET A 57 11.04 -4.68 4.79
N MET A 58 10.36 -3.54 4.85
CA MET A 58 8.95 -3.54 4.48
C MET A 58 8.79 -3.44 2.96
N VAL A 59 9.77 -2.84 2.30
CA VAL A 59 9.75 -2.76 0.83
C VAL A 59 9.83 -4.17 0.27
N GLY A 60 10.75 -4.96 0.82
CA GLY A 60 10.88 -6.35 0.42
C GLY A 60 9.68 -7.16 0.84
N GLN A 61 9.09 -6.79 1.99
CA GLN A 61 7.91 -7.47 2.51
C GLN A 61 6.75 -7.25 1.55
N ARG A 62 6.73 -6.07 0.93
CA ARG A 62 5.72 -5.72 -0.04
C ARG A 62 5.89 -6.59 -1.27
N ARG A 63 7.14 -6.80 -1.68
CA ARG A 63 7.43 -7.62 -2.84
C ARG A 63 7.04 -9.08 -2.59
N ARG A 64 7.17 -9.56 -1.36
CA ARG A 64 6.73 -10.92 -1.05
C ARG A 64 5.20 -10.94 -0.91
N LEU A 65 4.65 -9.90 -0.31
CA LEU A 65 3.20 -9.82 -0.07
C LEU A 65 2.40 -9.58 -1.36
N LEU A 66 2.96 -8.84 -2.33
CA LEU A 66 2.23 -8.64 -3.58
C LEU A 66 2.19 -9.95 -4.37
N ARG A 67 3.21 -10.78 -4.18
CA ARG A 67 3.25 -12.10 -4.82
C ARG A 67 2.24 -13.02 -4.12
N TYR A 68 2.06 -12.79 -2.83
CA TYR A 68 1.09 -13.54 -2.03
C TYR A 68 -0.34 -13.11 -2.40
N LEU A 69 -0.53 -11.80 -2.51
CA LEU A 69 -1.82 -11.20 -2.90
C LEU A 69 -2.19 -11.71 -4.30
N GLN A 70 -1.19 -11.78 -5.16
CA GLN A 70 -1.33 -12.28 -6.53
C GLN A 70 -1.82 -13.73 -6.55
N ARG A 71 -1.49 -14.46 -5.50
CA ARG A 71 -1.88 -15.85 -5.39
C ARG A 71 -3.36 -16.05 -5.04
N GLU A 72 -3.82 -15.43 -3.95
CA GLU A 72 -5.19 -15.69 -3.48
C GLU A 72 -6.28 -15.06 -4.37
N ASP A 73 -5.85 -14.30 -5.35
CA ASP A 73 -6.72 -13.69 -6.34
C ASP A 73 -5.84 -12.95 -7.33
N PRO A 74 -5.54 -13.57 -8.49
CA PRO A 74 -4.68 -12.99 -9.51
C PRO A 74 -5.28 -11.72 -10.12
N GLU A 75 -6.60 -11.63 -10.04
CA GLU A 75 -7.32 -10.46 -10.55
C GLU A 75 -7.00 -9.26 -9.70
N ARG A 76 -6.90 -9.53 -8.41
CA ARG A 76 -6.58 -8.54 -7.39
C ARG A 76 -5.20 -7.93 -7.64
N TYR A 77 -4.27 -8.78 -8.04
CA TYR A 77 -2.88 -8.36 -8.30
C TYR A 77 -2.88 -7.22 -9.29
N ARG A 78 -3.52 -7.53 -10.40
CA ARG A 78 -3.63 -6.67 -11.53
C ARG A 78 -4.18 -5.32 -11.18
N ALA A 79 -5.34 -5.31 -10.56
CA ALA A 79 -5.97 -4.05 -10.27
C ALA A 79 -5.31 -3.30 -9.12
N LEU A 80 -4.70 -4.00 -8.18
CA LEU A 80 -4.06 -3.30 -7.08
C LEU A 80 -2.77 -2.62 -7.59
N ILE A 81 -2.16 -3.18 -8.63
CA ILE A 81 -0.95 -2.58 -9.13
C ILE A 81 -1.30 -1.37 -9.99
N GLU A 82 -2.51 -1.42 -10.56
CA GLU A 82 -3.05 -0.31 -11.32
C GLU A 82 -3.57 0.77 -10.36
N LYS A 83 -4.15 0.36 -9.21
CA LYS A 83 -4.68 1.33 -8.24
C LYS A 83 -3.55 2.13 -7.57
N LEU A 84 -2.48 1.46 -7.21
CA LEU A 84 -1.36 2.14 -6.59
C LEU A 84 -0.46 2.83 -7.62
N GLY A 85 -0.31 2.21 -8.78
CA GLY A 85 0.56 2.78 -9.81
C GLY A 85 1.94 2.18 -9.66
N ILE A 86 1.97 0.88 -9.70
CA ILE A 86 3.19 0.13 -9.53
C ILE A 86 3.93 -0.08 -10.87
N ARG A 87 3.24 0.20 -11.98
CA ARG A 87 3.83 0.14 -13.30
C ARG A 87 4.69 1.32 -13.45
N GLY A 88 4.55 2.26 -12.60
CA GLY A 88 5.49 3.25 -12.83
C GLY A 88 6.32 3.59 -11.63
N PRO A 1 -4.22 10.31 7.38
CA PRO A 1 -3.24 9.95 6.32
C PRO A 1 -3.83 10.27 4.95
N ILE A 2 -5.00 9.74 4.70
CA ILE A 2 -5.68 9.99 3.45
C ILE A 2 -6.79 11.02 3.66
N THR A 3 -6.79 12.05 2.84
CA THR A 3 -7.78 13.12 2.96
C THR A 3 -9.15 12.68 2.38
N LYS A 4 -10.20 13.44 2.67
CA LYS A 4 -11.59 13.13 2.25
C LYS A 4 -11.72 12.58 0.82
N GLU A 5 -11.39 13.38 -0.18
CA GLU A 5 -11.51 12.93 -1.56
C GLU A 5 -10.27 12.18 -2.00
N GLU A 6 -9.32 12.08 -1.10
CA GLU A 6 -8.10 11.34 -1.38
C GLU A 6 -8.41 9.89 -1.13
N LYS A 7 -9.23 9.71 -0.09
CA LYS A 7 -9.75 8.44 0.31
C LYS A 7 -10.72 7.96 -0.76
N GLN A 8 -11.58 8.87 -1.21
CA GLN A 8 -12.54 8.56 -2.26
C GLN A 8 -11.83 8.18 -3.56
N LYS A 9 -10.68 8.81 -3.84
CA LYS A 9 -9.93 8.46 -5.04
C LYS A 9 -9.32 7.05 -4.92
N VAL A 10 -8.94 6.66 -3.69
CA VAL A 10 -8.41 5.30 -3.45
C VAL A 10 -9.48 4.27 -3.83
N ILE A 11 -10.70 4.57 -3.43
CA ILE A 11 -11.85 3.72 -3.70
C ILE A 11 -12.22 3.81 -5.20
N GLN A 12 -11.99 4.99 -5.74
CA GLN A 12 -12.24 5.27 -7.15
C GLN A 12 -11.31 4.45 -8.05
N GLU A 13 -10.03 4.39 -7.70
CA GLU A 13 -9.05 3.65 -8.50
C GLU A 13 -9.13 2.14 -8.29
N PHE A 14 -9.17 1.73 -7.05
CA PHE A 14 -9.15 0.30 -6.71
C PHE A 14 -10.53 -0.36 -6.64
N ALA A 15 -11.32 0.05 -5.66
CA ALA A 15 -12.65 -0.52 -5.44
C ALA A 15 -13.53 -0.46 -6.69
N ARG A 16 -14.19 -1.55 -7.02
CA ARG A 16 -15.09 -1.56 -8.18
C ARG A 16 -16.49 -1.96 -7.74
N PHE A 17 -16.62 -2.14 -6.44
CA PHE A 17 -17.85 -2.50 -5.80
C PHE A 17 -17.91 -1.79 -4.46
N PRO A 18 -19.09 -1.55 -3.89
CA PRO A 18 -19.18 -0.92 -2.56
C PRO A 18 -18.47 -1.79 -1.53
N GLY A 19 -18.44 -3.07 -1.82
CA GLY A 19 -17.80 -4.04 -0.95
C GLY A 19 -16.28 -4.03 -1.08
N ASP A 20 -15.74 -3.41 -2.14
CA ASP A 20 -14.27 -3.39 -2.31
C ASP A 20 -13.63 -2.37 -1.39
N THR A 21 -14.48 -1.75 -0.59
CA THR A 21 -14.05 -0.79 0.39
C THR A 21 -13.57 -1.58 1.60
N GLY A 22 -13.88 -2.87 1.56
CA GLY A 22 -13.46 -3.81 2.57
C GLY A 22 -12.59 -4.89 1.94
N SER A 23 -12.17 -4.63 0.70
CA SER A 23 -11.34 -5.57 -0.03
C SER A 23 -9.86 -5.22 0.12
N THR A 24 -9.06 -6.27 0.05
CA THR A 24 -7.60 -6.20 0.17
C THR A 24 -6.98 -5.10 -0.71
N GLU A 25 -7.52 -4.93 -1.90
CA GLU A 25 -7.01 -3.95 -2.86
C GLU A 25 -6.94 -2.53 -2.27
N VAL A 26 -8.05 -2.07 -1.70
CA VAL A 26 -8.09 -0.74 -1.09
C VAL A 26 -7.23 -0.68 0.18
N GLN A 27 -7.13 -1.79 0.88
CA GLN A 27 -6.35 -1.83 2.12
C GLN A 27 -4.84 -1.84 1.83
N VAL A 28 -4.43 -2.53 0.76
CA VAL A 28 -3.03 -2.53 0.36
C VAL A 28 -2.72 -1.17 -0.25
N ALA A 29 -3.75 -0.56 -0.83
CA ALA A 29 -3.62 0.77 -1.38
C ALA A 29 -3.35 1.75 -0.24
N LEU A 30 -4.11 1.62 0.84
CA LEU A 30 -3.93 2.48 1.98
C LEU A 30 -2.64 2.11 2.74
N LEU A 31 -2.23 0.84 2.64
CA LEU A 31 -1.01 0.40 3.28
C LEU A 31 0.20 0.98 2.50
N THR A 32 0.07 1.02 1.18
CA THR A 32 1.11 1.58 0.32
C THR A 32 1.20 3.10 0.53
N LEU A 33 0.06 3.78 0.63
CA LEU A 33 0.05 5.22 0.90
C LEU A 33 0.65 5.49 2.28
N ARG A 34 0.36 4.61 3.24
CA ARG A 34 0.92 4.70 4.58
C ARG A 34 2.46 4.60 4.50
N ILE A 35 2.95 3.57 3.79
CA ILE A 35 4.39 3.37 3.60
C ILE A 35 5.02 4.61 2.96
N ASN A 36 4.34 5.18 1.96
CA ASN A 36 4.85 6.38 1.31
C ASN A 36 4.87 7.58 2.27
N ARG A 37 3.88 7.66 3.18
CA ARG A 37 3.86 8.78 4.14
C ARG A 37 5.05 8.64 5.07
N LEU A 38 5.32 7.40 5.48
CA LEU A 38 6.44 7.13 6.36
C LEU A 38 7.75 7.40 5.60
N SER A 39 7.77 7.03 4.32
CA SER A 39 8.93 7.27 3.46
C SER A 39 9.21 8.77 3.33
N GLU A 40 8.18 9.58 3.08
CA GLU A 40 8.36 11.03 2.91
C GLU A 40 8.64 11.71 4.26
N HIS A 41 8.44 10.99 5.35
CA HIS A 41 8.78 11.50 6.66
C HIS A 41 10.21 11.07 7.02
N LEU A 42 10.55 9.81 6.72
CA LEU A 42 11.90 9.29 7.01
C LEU A 42 12.96 10.01 6.16
N LYS A 43 12.55 10.57 5.03
CA LYS A 43 13.45 11.33 4.17
C LYS A 43 13.50 12.80 4.62
N VAL A 44 12.95 13.04 5.81
CA VAL A 44 12.94 14.35 6.46
C VAL A 44 13.50 14.16 7.88
N HIS A 45 13.25 12.95 8.43
CA HIS A 45 13.77 12.55 9.73
C HIS A 45 15.31 12.62 9.72
N LYS A 46 15.79 13.73 10.19
CA LYS A 46 17.21 14.02 10.26
C LYS A 46 17.65 14.08 11.73
N LYS A 47 16.68 14.35 12.59
CA LYS A 47 16.90 14.39 14.03
C LYS A 47 16.34 13.12 14.67
N ASP A 48 16.03 12.18 13.80
CA ASP A 48 15.47 10.89 14.16
C ASP A 48 16.02 9.92 13.13
N HIS A 49 17.03 9.18 13.54
CA HIS A 49 17.72 8.31 12.61
C HIS A 49 17.04 6.96 12.35
N HIS A 50 15.71 6.95 12.32
CA HIS A 50 14.98 5.74 11.98
C HIS A 50 14.79 5.72 10.48
N SER A 51 15.53 6.62 9.86
CA SER A 51 15.54 6.84 8.43
C SER A 51 15.86 5.55 7.67
N HIS A 52 14.78 4.86 7.29
CA HIS A 52 14.85 3.60 6.52
C HIS A 52 15.57 2.49 7.31
N ARG A 53 15.62 2.66 8.64
CA ARG A 53 16.31 1.74 9.58
C ARG A 53 16.12 0.26 9.20
N GLY A 54 14.91 -0.22 9.30
CA GLY A 54 14.61 -1.58 8.89
C GLY A 54 13.45 -1.55 7.93
N LEU A 55 13.27 -0.40 7.29
CA LEU A 55 12.15 -0.23 6.38
C LEU A 55 12.54 -0.64 4.97
N LEU A 56 13.80 -1.03 4.82
CA LEU A 56 14.30 -1.46 3.53
C LEU A 56 13.72 -2.84 3.22
N MET A 57 13.70 -3.69 4.23
CA MET A 57 13.15 -5.03 4.12
C MET A 57 11.68 -4.99 3.76
N MET A 58 10.92 -4.10 4.41
CA MET A 58 9.49 -4.03 4.14
C MET A 58 9.17 -3.30 2.83
N VAL A 59 9.96 -2.30 2.41
CA VAL A 59 9.72 -1.66 1.11
C VAL A 59 10.05 -2.68 0.01
N GLY A 60 11.07 -3.49 0.26
CA GLY A 60 11.43 -4.56 -0.66
C GLY A 60 10.35 -5.64 -0.68
N GLN A 61 9.80 -5.94 0.50
CA GLN A 61 8.74 -6.95 0.61
C GLN A 61 7.42 -6.40 0.06
N ARG A 62 7.37 -5.07 -0.14
CA ARG A 62 6.23 -4.41 -0.73
C ARG A 62 6.47 -4.31 -2.24
N ARG A 63 7.71 -4.49 -2.64
CA ARG A 63 8.06 -4.50 -4.04
C ARG A 63 7.82 -5.91 -4.58
N ARG A 64 8.01 -6.91 -3.71
CA ARG A 64 7.75 -8.30 -4.08
C ARG A 64 6.29 -8.69 -3.74
N LEU A 65 5.75 -8.14 -2.63
CA LEU A 65 4.33 -8.32 -2.20
C LEU A 65 3.91 -9.78 -2.01
N LEU A 66 4.87 -10.66 -1.89
CA LEU A 66 4.63 -12.08 -1.79
C LEU A 66 3.77 -12.51 -0.58
N ARG A 67 4.26 -12.28 0.61
CA ARG A 67 3.57 -12.75 1.82
C ARG A 67 2.32 -11.97 2.20
N TYR A 68 1.92 -11.03 1.38
CA TYR A 68 0.72 -10.28 1.69
C TYR A 68 -0.35 -10.56 0.64
N LEU A 69 0.02 -10.37 -0.62
CA LEU A 69 -0.90 -10.59 -1.72
C LEU A 69 -0.99 -12.06 -2.14
N GLN A 70 0.16 -12.66 -2.44
CA GLN A 70 0.21 -14.06 -2.93
C GLN A 70 -0.28 -15.03 -1.87
N ARG A 71 -0.07 -14.66 -0.63
CA ARG A 71 -0.50 -15.44 0.51
C ARG A 71 -2.00 -15.64 0.55
N GLU A 72 -2.72 -14.56 0.30
CA GLU A 72 -4.17 -14.56 0.36
C GLU A 72 -4.80 -15.18 -0.88
N ASP A 73 -4.09 -15.05 -1.99
CA ASP A 73 -4.55 -15.54 -3.27
C ASP A 73 -3.45 -15.31 -4.32
N PRO A 74 -2.83 -16.39 -4.81
CA PRO A 74 -1.76 -16.30 -5.83
C PRO A 74 -2.25 -15.75 -7.17
N GLU A 75 -3.56 -15.75 -7.40
CA GLU A 75 -4.13 -15.22 -8.63
C GLU A 75 -4.24 -13.72 -8.48
N ARG A 76 -4.81 -13.30 -7.35
CA ARG A 76 -4.95 -11.89 -7.07
C ARG A 76 -3.59 -11.25 -6.79
N TYR A 77 -2.57 -12.09 -6.52
CA TYR A 77 -1.19 -11.59 -6.38
C TYR A 77 -0.91 -10.78 -7.62
N ARG A 78 -1.14 -11.46 -8.74
CA ARG A 78 -0.93 -10.90 -10.05
C ARG A 78 -1.80 -9.68 -10.29
N ALA A 79 -3.09 -9.80 -10.01
CA ALA A 79 -3.97 -8.69 -10.30
C ALA A 79 -3.72 -7.47 -9.42
N LEU A 80 -3.37 -7.64 -8.16
CA LEU A 80 -3.13 -6.46 -7.33
C LEU A 80 -1.73 -5.88 -7.63
N ILE A 81 -0.85 -6.66 -8.26
CA ILE A 81 0.46 -6.09 -8.61
C ILE A 81 0.33 -5.32 -9.92
N GLU A 82 -0.68 -5.72 -10.69
CA GLU A 82 -1.01 -5.04 -11.91
C GLU A 82 -1.75 -3.73 -11.55
N LYS A 83 -2.42 -3.73 -10.39
CA LYS A 83 -3.10 -2.52 -9.92
C LYS A 83 -2.07 -1.52 -9.37
N LEU A 84 -1.20 -2.02 -8.47
CA LEU A 84 -0.18 -1.17 -7.85
C LEU A 84 0.93 -0.77 -8.84
N GLY A 85 1.08 -1.54 -9.90
CA GLY A 85 2.09 -1.22 -10.91
C GLY A 85 3.45 -1.75 -10.55
N ILE A 86 3.53 -3.02 -10.27
CA ILE A 86 4.79 -3.64 -9.89
C ILE A 86 5.55 -4.13 -11.13
N ARG A 87 4.85 -4.57 -12.18
CA ARG A 87 5.51 -5.06 -13.46
C ARG A 87 5.61 -3.92 -14.47
N GLY A 88 4.77 -2.95 -14.02
CA GLY A 88 4.41 -1.68 -14.62
C GLY A 88 3.27 -1.70 -15.57
N PRO A 1 -22.07 11.80 -9.07
CA PRO A 1 -21.91 10.65 -8.17
C PRO A 1 -23.18 10.43 -7.37
N ILE A 2 -23.58 9.19 -7.21
CA ILE A 2 -24.78 8.89 -6.45
C ILE A 2 -24.44 8.59 -4.98
N THR A 3 -23.83 7.43 -4.75
CA THR A 3 -23.44 6.93 -3.41
C THR A 3 -23.48 5.41 -3.42
N LYS A 4 -23.88 4.85 -4.56
CA LYS A 4 -24.02 3.42 -4.69
C LYS A 4 -22.70 2.80 -5.16
N GLU A 5 -22.34 3.01 -6.41
CA GLU A 5 -21.09 2.42 -6.90
C GLU A 5 -19.91 3.29 -6.48
N GLU A 6 -20.24 4.43 -5.89
CA GLU A 6 -19.27 5.34 -5.35
C GLU A 6 -18.58 4.60 -4.21
N LYS A 7 -19.43 4.24 -3.28
CA LYS A 7 -19.09 3.51 -2.10
C LYS A 7 -18.57 2.12 -2.47
N GLN A 8 -19.36 1.44 -3.28
CA GLN A 8 -19.05 0.07 -3.68
C GLN A 8 -17.70 -0.06 -4.37
N LYS A 9 -17.43 0.79 -5.35
CA LYS A 9 -16.15 0.69 -6.06
C LYS A 9 -14.97 1.02 -5.16
N VAL A 10 -15.04 2.10 -4.40
CA VAL A 10 -13.90 2.47 -3.53
C VAL A 10 -13.64 1.40 -2.46
N ILE A 11 -14.70 0.79 -1.97
CA ILE A 11 -14.60 -0.25 -0.94
C ILE A 11 -14.01 -1.53 -1.53
N GLN A 12 -14.31 -1.74 -2.79
CA GLN A 12 -13.82 -2.89 -3.52
C GLN A 12 -12.42 -2.63 -4.08
N GLU A 13 -12.16 -1.39 -4.46
CA GLU A 13 -10.85 -1.00 -5.01
C GLU A 13 -9.80 -0.99 -3.89
N PHE A 14 -10.22 -0.57 -2.72
CA PHE A 14 -9.35 -0.63 -1.55
C PHE A 14 -10.20 -1.02 -0.32
N ALA A 15 -10.86 0.01 0.20
CA ALA A 15 -11.74 0.03 1.38
C ALA A 15 -11.54 1.41 2.00
N ARG A 16 -10.60 1.49 2.96
CA ARG A 16 -10.19 2.75 3.61
C ARG A 16 -11.32 3.52 4.27
N PHE A 17 -12.38 2.82 4.59
CA PHE A 17 -13.51 3.46 5.25
C PHE A 17 -13.97 2.64 6.43
N PRO A 18 -14.64 3.27 7.40
CA PRO A 18 -15.26 2.55 8.48
C PRO A 18 -16.33 1.67 7.84
N GLY A 19 -15.98 0.44 7.63
CA GLY A 19 -16.85 -0.47 6.93
C GLY A 19 -15.99 -1.38 6.08
N ASP A 20 -14.67 -1.05 6.10
CA ASP A 20 -13.65 -1.86 5.43
C ASP A 20 -14.04 -3.31 5.44
N THR A 21 -14.11 -3.79 4.24
CA THR A 21 -14.57 -5.10 3.98
C THR A 21 -13.45 -6.11 3.98
N GLY A 22 -12.26 -5.67 4.34
CA GLY A 22 -11.13 -6.59 4.41
C GLY A 22 -10.67 -7.02 3.05
N SER A 23 -10.58 -6.06 2.16
CA SER A 23 -10.10 -6.35 0.83
C SER A 23 -8.58 -6.44 0.86
N THR A 24 -7.98 -7.36 0.11
CA THR A 24 -6.52 -7.43 0.03
C THR A 24 -6.03 -6.09 -0.51
N GLU A 25 -6.92 -5.49 -1.30
CA GLU A 25 -6.74 -4.18 -1.91
C GLU A 25 -6.38 -3.12 -0.87
N VAL A 26 -7.22 -3.00 0.17
CA VAL A 26 -7.03 -2.00 1.23
C VAL A 26 -5.69 -2.18 1.94
N GLN A 27 -5.21 -3.41 2.02
CA GLN A 27 -3.96 -3.68 2.72
C GLN A 27 -2.76 -3.27 1.89
N VAL A 28 -2.82 -3.50 0.58
CA VAL A 28 -1.76 -3.07 -0.30
C VAL A 28 -1.85 -1.55 -0.43
N ALA A 29 -3.08 -1.05 -0.31
CA ALA A 29 -3.32 0.39 -0.32
C ALA A 29 -2.68 1.02 0.92
N LEU A 30 -2.88 0.38 2.07
CA LEU A 30 -2.30 0.88 3.30
C LEU A 30 -0.79 0.63 3.32
N LEU A 31 -0.34 -0.40 2.61
CA LEU A 31 1.07 -0.69 2.54
C LEU A 31 1.75 0.45 1.74
N THR A 32 1.17 0.78 0.59
CA THR A 32 1.69 1.84 -0.28
C THR A 32 1.58 3.22 0.38
N LEU A 33 0.46 3.47 1.05
CA LEU A 33 0.24 4.74 1.75
C LEU A 33 1.28 4.87 2.88
N ARG A 34 1.56 3.75 3.54
CA ARG A 34 2.57 3.72 4.60
C ARG A 34 3.96 3.97 3.99
N ILE A 35 4.30 3.23 2.91
CA ILE A 35 5.59 3.38 2.22
C ILE A 35 5.82 4.84 1.86
N ASN A 36 4.80 5.46 1.27
CA ASN A 36 4.88 6.87 0.86
C ASN A 36 5.04 7.80 2.06
N ARG A 37 4.20 7.68 3.08
CA ARG A 37 4.29 8.63 4.18
C ARG A 37 5.55 8.45 5.01
N LEU A 38 6.06 7.22 5.11
CA LEU A 38 7.28 7.01 5.87
C LEU A 38 8.45 7.70 5.19
N SER A 39 8.62 7.43 3.91
CA SER A 39 9.71 8.01 3.16
C SER A 39 9.52 9.52 2.95
N GLU A 40 8.29 9.97 2.68
CA GLU A 40 8.06 11.40 2.46
C GLU A 40 8.10 12.18 3.78
N HIS A 41 8.04 11.49 4.92
CA HIS A 41 8.19 12.17 6.19
C HIS A 41 9.68 12.36 6.45
N LEU A 42 10.49 11.37 6.05
CA LEU A 42 11.95 11.50 6.20
C LEU A 42 12.49 12.49 5.15
N LYS A 43 11.64 12.80 4.15
CA LYS A 43 11.96 13.78 3.12
C LYS A 43 11.81 15.19 3.71
N VAL A 44 11.21 15.20 4.89
CA VAL A 44 10.99 16.40 5.67
C VAL A 44 12.03 16.44 6.79
N HIS A 45 12.13 15.31 7.49
CA HIS A 45 13.08 15.14 8.59
C HIS A 45 14.53 15.35 8.13
N LYS A 46 15.36 15.79 9.05
CA LYS A 46 16.77 16.02 8.74
C LYS A 46 17.55 14.72 8.90
N LYS A 47 17.50 14.16 10.10
CA LYS A 47 18.23 12.94 10.38
C LYS A 47 17.33 11.85 10.97
N ASP A 48 17.04 12.01 12.27
CA ASP A 48 16.26 11.03 13.07
C ASP A 48 16.94 9.66 12.94
N HIS A 49 17.83 9.45 13.90
CA HIS A 49 18.75 8.30 13.95
C HIS A 49 18.12 6.90 14.11
N HIS A 50 17.39 6.50 13.08
CA HIS A 50 16.81 5.16 12.91
C HIS A 50 16.31 5.09 11.46
N SER A 51 16.89 6.00 10.66
CA SER A 51 16.53 6.20 9.26
C SER A 51 16.39 4.92 8.42
N HIS A 52 15.13 4.46 8.31
CA HIS A 52 14.73 3.26 7.53
C HIS A 52 15.44 1.97 7.98
N ARG A 53 16.17 2.02 9.10
CA ARG A 53 16.93 0.85 9.59
C ARG A 53 16.01 -0.27 10.08
N GLY A 54 14.92 0.10 10.72
CA GLY A 54 13.96 -0.89 11.17
C GLY A 54 12.84 -1.04 10.17
N LEU A 55 12.83 -0.14 9.18
CA LEU A 55 11.79 -0.15 8.17
C LEU A 55 12.17 -1.04 6.99
N LEU A 56 13.27 -1.75 7.14
CA LEU A 56 13.72 -2.69 6.14
C LEU A 56 12.66 -3.77 6.01
N MET A 57 12.04 -4.05 7.17
CA MET A 57 10.95 -5.00 7.27
C MET A 57 9.75 -4.55 6.41
N MET A 58 9.46 -3.23 6.35
CA MET A 58 8.32 -2.79 5.54
C MET A 58 8.64 -2.88 4.05
N VAL A 59 9.91 -2.72 3.70
CA VAL A 59 10.34 -2.86 2.32
C VAL A 59 10.11 -4.31 1.88
N GLY A 60 10.47 -5.24 2.77
CA GLY A 60 10.27 -6.65 2.51
C GLY A 60 8.79 -7.04 2.54
N GLN A 61 8.03 -6.43 3.46
CA GLN A 61 6.59 -6.70 3.59
C GLN A 61 5.87 -6.21 2.34
N ARG A 62 6.42 -5.17 1.73
CA ARG A 62 5.85 -4.61 0.52
C ARG A 62 5.97 -5.62 -0.61
N ARG A 63 7.18 -6.13 -0.83
CA ARG A 63 7.37 -7.13 -1.86
C ARG A 63 6.53 -8.37 -1.56
N ARG A 64 6.48 -8.71 -0.27
CA ARG A 64 5.69 -9.86 0.21
C ARG A 64 4.22 -9.74 -0.17
N LEU A 65 3.61 -8.61 0.16
CA LEU A 65 2.18 -8.42 -0.12
C LEU A 65 1.90 -8.25 -1.61
N LEU A 66 2.82 -7.64 -2.34
CA LEU A 66 2.64 -7.47 -3.79
C LEU A 66 2.70 -8.85 -4.45
N ARG A 67 3.63 -9.68 -4.00
CA ARG A 67 3.77 -11.05 -4.51
C ARG A 67 2.52 -11.87 -4.13
N TYR A 68 2.08 -11.70 -2.88
CA TYR A 68 0.88 -12.39 -2.37
C TYR A 68 -0.33 -12.04 -3.25
N LEU A 69 -0.52 -10.75 -3.47
CA LEU A 69 -1.61 -10.25 -4.31
C LEU A 69 -1.52 -10.85 -5.72
N GLN A 70 -0.32 -10.79 -6.27
CA GLN A 70 -0.02 -11.30 -7.62
C GLN A 70 -0.28 -12.79 -7.75
N ARG A 71 -0.05 -13.55 -6.70
CA ARG A 71 -0.25 -14.99 -6.76
C ARG A 71 -1.73 -15.36 -6.59
N GLU A 72 -2.51 -14.54 -5.91
CA GLU A 72 -3.93 -14.89 -5.71
C GLU A 72 -4.80 -14.35 -6.86
N ASP A 73 -4.13 -13.69 -7.80
CA ASP A 73 -4.72 -13.12 -9.01
C ASP A 73 -3.63 -12.28 -9.68
N PRO A 74 -3.06 -12.79 -10.77
CA PRO A 74 -1.96 -12.11 -11.46
C PRO A 74 -2.38 -10.82 -12.18
N GLU A 75 -3.66 -10.70 -12.49
CA GLU A 75 -4.15 -9.52 -13.20
C GLU A 75 -4.48 -8.43 -12.19
N ARG A 76 -4.95 -8.86 -11.04
CA ARG A 76 -5.25 -7.98 -9.93
C ARG A 76 -3.97 -7.26 -9.47
N TYR A 77 -2.83 -7.98 -9.54
CA TYR A 77 -1.52 -7.40 -9.18
C TYR A 77 -1.33 -6.13 -9.98
N ARG A 78 -1.45 -6.33 -11.28
CA ARG A 78 -1.26 -5.31 -12.27
C ARG A 78 -2.15 -4.10 -12.08
N ALA A 79 -3.42 -4.34 -11.89
CA ALA A 79 -4.33 -3.21 -11.80
C ALA A 79 -4.26 -2.48 -10.48
N LEU A 80 -3.94 -3.15 -9.38
CA LEU A 80 -3.85 -2.44 -8.13
C LEU A 80 -2.50 -1.71 -8.04
N ILE A 81 -1.51 -2.16 -8.80
CA ILE A 81 -0.22 -1.48 -8.74
C ILE A 81 -0.28 -0.22 -9.60
N GLU A 82 -1.11 -0.29 -10.63
CA GLU A 82 -1.36 0.85 -11.48
C GLU A 82 -2.31 1.82 -10.78
N LYS A 83 -3.31 1.27 -10.11
CA LYS A 83 -4.30 2.06 -9.38
C LYS A 83 -3.64 2.89 -8.29
N LEU A 84 -2.78 2.25 -7.50
CA LEU A 84 -2.08 2.93 -6.43
C LEU A 84 -0.93 3.79 -6.98
N GLY A 85 -0.35 3.36 -8.09
CA GLY A 85 0.77 4.09 -8.63
C GLY A 85 2.03 3.69 -7.91
N ILE A 86 2.28 2.41 -7.97
CA ILE A 86 3.43 1.83 -7.29
C ILE A 86 4.66 1.91 -8.18
N ARG A 87 4.48 1.77 -9.49
CA ARG A 87 5.62 1.88 -10.48
C ARG A 87 5.65 3.33 -11.03
N GLY A 88 4.54 3.92 -10.69
CA GLY A 88 3.95 5.19 -11.01
C GLY A 88 3.53 5.28 -12.44
N PRO A 1 -2.32 5.48 10.68
CA PRO A 1 -3.68 5.93 11.03
C PRO A 1 -4.32 6.54 9.80
N ILE A 2 -5.63 6.54 9.77
CA ILE A 2 -6.41 7.11 8.68
C ILE A 2 -7.68 7.64 9.34
N THR A 3 -8.31 8.67 8.81
CA THR A 3 -9.51 9.13 9.50
C THR A 3 -10.78 8.45 8.96
N LYS A 4 -11.91 8.68 9.63
CA LYS A 4 -13.17 7.97 9.31
C LYS A 4 -13.59 7.97 7.84
N GLU A 5 -13.78 9.13 7.24
CA GLU A 5 -14.23 9.16 5.85
C GLU A 5 -13.05 8.98 4.90
N GLU A 6 -11.88 8.96 5.50
CA GLU A 6 -10.64 8.74 4.77
C GLU A 6 -10.54 7.25 4.51
N LYS A 7 -10.82 6.54 5.59
CA LYS A 7 -10.83 5.10 5.62
C LYS A 7 -11.93 4.58 4.71
N GLN A 8 -13.10 5.19 4.81
CA GLN A 8 -14.22 4.81 3.97
C GLN A 8 -13.89 4.91 2.50
N LYS A 9 -13.30 6.04 2.09
CA LYS A 9 -12.94 6.24 0.69
C LYS A 9 -11.95 5.17 0.18
N VAL A 10 -11.02 4.75 1.04
CA VAL A 10 -10.04 3.72 0.67
C VAL A 10 -10.74 2.37 0.40
N ILE A 11 -11.67 2.06 1.27
CA ILE A 11 -12.44 0.80 1.21
C ILE A 11 -13.34 0.81 -0.02
N GLN A 12 -13.84 1.98 -0.34
CA GLN A 12 -14.70 2.17 -1.50
C GLN A 12 -13.90 2.10 -2.81
N GLU A 13 -12.67 2.61 -2.78
CA GLU A 13 -11.85 2.63 -3.99
C GLU A 13 -11.24 1.27 -4.32
N PHE A 14 -10.73 0.56 -3.34
CA PHE A 14 -10.10 -0.72 -3.62
C PHE A 14 -11.14 -1.83 -3.84
N ALA A 15 -11.75 -2.34 -2.76
CA ALA A 15 -12.82 -3.38 -2.83
C ALA A 15 -12.66 -4.40 -3.99
N ARG A 16 -12.03 -5.54 -3.72
CA ARG A 16 -11.84 -6.54 -4.79
C ARG A 16 -13.08 -7.41 -4.98
N PHE A 17 -14.06 -7.05 -4.21
CA PHE A 17 -15.40 -7.60 -4.20
C PHE A 17 -16.22 -6.47 -3.59
N PRO A 18 -17.45 -6.22 -4.03
CA PRO A 18 -18.26 -5.10 -3.49
C PRO A 18 -18.53 -5.19 -1.99
N GLY A 19 -18.38 -6.38 -1.42
CA GLY A 19 -18.59 -6.55 0.01
C GLY A 19 -17.28 -6.55 0.77
N ASP A 20 -16.21 -6.59 0.01
CA ASP A 20 -14.90 -6.60 0.58
C ASP A 20 -14.42 -5.18 0.67
N THR A 21 -13.27 -5.06 1.21
CA THR A 21 -12.63 -3.81 1.42
C THR A 21 -11.50 -3.69 0.42
N GLY A 22 -11.05 -4.84 -0.02
CA GLY A 22 -9.94 -4.93 -0.94
C GLY A 22 -9.00 -6.03 -0.49
N SER A 23 -9.22 -6.46 0.76
CA SER A 23 -8.48 -7.56 1.38
C SER A 23 -6.98 -7.28 1.53
N THR A 24 -6.21 -7.70 0.57
CA THR A 24 -4.77 -7.52 0.64
C THR A 24 -4.34 -6.20 0.00
N GLU A 25 -4.88 -5.92 -1.17
CA GLU A 25 -4.59 -4.69 -1.91
C GLU A 25 -4.84 -3.46 -1.05
N VAL A 26 -5.97 -3.46 -0.35
CA VAL A 26 -6.35 -2.34 0.51
C VAL A 26 -5.34 -2.12 1.65
N GLN A 27 -4.71 -3.19 2.09
CA GLN A 27 -3.76 -3.11 3.19
C GLN A 27 -2.39 -2.65 2.70
N VAL A 28 -2.01 -3.10 1.52
CA VAL A 28 -0.77 -2.66 0.90
C VAL A 28 -0.92 -1.19 0.53
N ALA A 29 -2.16 -0.79 0.28
CA ALA A 29 -2.48 0.59 -0.01
C ALA A 29 -2.23 1.42 1.23
N LEU A 30 -2.64 0.91 2.39
CA LEU A 30 -2.42 1.62 3.63
C LEU A 30 -0.95 1.51 4.06
N LEU A 31 -0.28 0.42 3.68
CA LEU A 31 1.14 0.25 3.99
C LEU A 31 1.95 1.29 3.19
N THR A 32 1.48 1.56 1.98
CA THR A 32 2.11 2.56 1.12
C THR A 32 1.80 3.98 1.63
N LEU A 33 0.59 4.20 2.13
CA LEU A 33 0.21 5.50 2.72
C LEU A 33 1.14 5.75 3.92
N ARG A 34 1.38 4.69 4.69
CA ARG A 34 2.31 4.75 5.84
C ARG A 34 3.71 5.17 5.36
N ILE A 35 4.25 4.40 4.40
CA ILE A 35 5.59 4.69 3.84
C ILE A 35 5.66 6.09 3.24
N ASN A 36 4.64 6.45 2.48
CA ASN A 36 4.62 7.73 1.79
C ASN A 36 4.70 8.92 2.75
N ARG A 37 3.85 8.99 3.77
CA ARG A 37 3.95 10.16 4.64
C ARG A 37 5.11 10.04 5.61
N LEU A 38 5.64 8.84 5.75
CA LEU A 38 6.82 8.64 6.55
C LEU A 38 7.99 9.22 5.76
N SER A 39 7.93 9.04 4.45
CA SER A 39 8.93 9.59 3.55
C SER A 39 8.83 11.11 3.54
N GLU A 40 7.62 11.64 3.80
CA GLU A 40 7.41 13.09 3.88
C GLU A 40 8.07 13.61 5.16
N HIS A 41 8.13 12.72 6.13
CA HIS A 41 8.77 12.99 7.40
C HIS A 41 10.29 12.86 7.22
N LEU A 42 10.72 11.86 6.44
CA LEU A 42 12.14 11.65 6.12
C LEU A 42 12.59 12.64 5.03
N LYS A 43 11.65 13.43 4.52
CA LYS A 43 11.93 14.48 3.55
C LYS A 43 12.40 15.72 4.34
N VAL A 44 12.38 15.51 5.64
CA VAL A 44 12.84 16.45 6.64
C VAL A 44 14.01 15.77 7.34
N HIS A 45 13.69 14.63 7.94
CA HIS A 45 14.67 13.77 8.58
C HIS A 45 15.30 12.93 7.46
N LYS A 46 16.06 13.60 6.60
CA LYS A 46 16.62 12.96 5.40
C LYS A 46 17.57 11.79 5.67
N LYS A 47 18.40 11.92 6.68
CA LYS A 47 19.32 10.85 6.99
C LYS A 47 19.48 10.70 8.48
N ASP A 48 18.38 10.29 9.08
CA ASP A 48 18.35 10.00 10.50
C ASP A 48 18.43 8.48 10.63
N HIS A 49 17.63 7.81 9.80
CA HIS A 49 17.57 6.35 9.73
C HIS A 49 17.23 5.72 11.09
N HIS A 50 17.41 4.40 11.19
CA HIS A 50 17.20 3.66 12.45
C HIS A 50 15.77 3.79 12.97
N SER A 51 14.85 3.97 12.06
CA SER A 51 13.46 4.14 12.41
C SER A 51 12.64 2.85 12.28
N HIS A 52 13.07 1.98 11.34
CA HIS A 52 12.41 0.67 11.03
C HIS A 52 11.02 0.84 10.37
N ARG A 53 10.23 1.79 10.91
CA ARG A 53 8.84 2.09 10.49
C ARG A 53 8.49 1.72 9.04
N GLY A 54 9.25 2.24 8.11
CA GLY A 54 9.01 1.96 6.71
C GLY A 54 10.31 1.80 5.97
N LEU A 55 11.24 1.13 6.61
CA LEU A 55 12.53 0.89 6.00
C LEU A 55 12.50 -0.40 5.18
N LEU A 56 13.66 -0.81 4.70
CA LEU A 56 13.83 -1.99 3.84
C LEU A 56 13.02 -3.21 4.31
N MET A 57 12.95 -3.43 5.62
CA MET A 57 12.18 -4.54 6.18
C MET A 57 10.71 -4.48 5.77
N MET A 58 10.09 -3.35 6.03
CA MET A 58 8.67 -3.17 5.74
C MET A 58 8.46 -2.97 4.22
N VAL A 59 9.44 -2.38 3.55
CA VAL A 59 9.39 -2.24 2.09
C VAL A 59 9.46 -3.64 1.48
N GLY A 60 10.20 -4.51 2.17
CA GLY A 60 10.32 -5.89 1.76
C GLY A 60 9.02 -6.63 2.03
N GLN A 61 8.28 -6.19 3.06
CA GLN A 61 7.00 -6.81 3.38
C GLN A 61 6.00 -6.47 2.26
N ARG A 62 6.24 -5.31 1.64
CA ARG A 62 5.45 -4.86 0.50
C ARG A 62 5.71 -5.81 -0.67
N ARG A 63 6.99 -6.03 -0.94
CA ARG A 63 7.43 -6.92 -2.00
C ARG A 63 6.96 -8.35 -1.73
N ARG A 64 6.96 -8.71 -0.46
CA ARG A 64 6.52 -10.02 0.00
C ARG A 64 5.02 -10.19 -0.24
N LEU A 65 4.23 -9.12 -0.01
CA LEU A 65 2.79 -9.17 -0.27
C LEU A 65 2.56 -9.30 -1.78
N LEU A 66 3.36 -8.57 -2.56
CA LEU A 66 3.28 -8.65 -4.01
C LEU A 66 3.54 -10.10 -4.45
N ARG A 67 4.60 -10.68 -3.90
CA ARG A 67 4.98 -12.08 -4.15
C ARG A 67 3.82 -13.02 -3.79
N TYR A 68 3.15 -12.69 -2.69
CA TYR A 68 2.03 -13.48 -2.19
C TYR A 68 0.83 -13.43 -3.15
N LEU A 69 0.48 -12.25 -3.64
CA LEU A 69 -0.68 -12.15 -4.55
C LEU A 69 -0.32 -12.54 -6.00
N GLN A 70 0.85 -12.14 -6.49
CA GLN A 70 1.26 -12.40 -7.89
C GLN A 70 1.27 -13.88 -8.26
N ARG A 71 1.60 -14.71 -7.28
CA ARG A 71 1.74 -16.14 -7.50
C ARG A 71 0.41 -16.85 -7.76
N GLU A 72 -0.67 -16.31 -7.24
CA GLU A 72 -1.95 -16.98 -7.39
C GLU A 72 -2.96 -16.15 -8.20
N ASP A 73 -2.42 -15.13 -8.84
CA ASP A 73 -3.13 -14.23 -9.73
C ASP A 73 -2.11 -13.23 -10.28
N PRO A 74 -1.62 -13.46 -11.50
CA PRO A 74 -0.61 -12.60 -12.11
C PRO A 74 -1.16 -11.23 -12.52
N GLU A 75 -2.47 -11.16 -12.73
CA GLU A 75 -3.11 -9.91 -13.14
C GLU A 75 -3.17 -8.96 -11.96
N ARG A 76 -3.39 -9.55 -10.81
CA ARG A 76 -3.45 -8.85 -9.56
C ARG A 76 -2.09 -8.23 -9.26
N TYR A 77 -1.02 -8.89 -9.70
CA TYR A 77 0.34 -8.38 -9.51
C TYR A 77 0.45 -7.07 -10.26
N ARG A 78 0.07 -7.17 -11.53
CA ARG A 78 0.12 -6.06 -12.46
C ARG A 78 -0.73 -4.89 -12.01
N ALA A 79 -1.94 -5.15 -11.52
CA ALA A 79 -2.80 -4.06 -11.11
C ALA A 79 -2.43 -3.46 -9.76
N LEU A 80 -1.87 -4.25 -8.87
CA LEU A 80 -1.47 -3.70 -7.59
C LEU A 80 -0.19 -2.90 -7.76
N ILE A 81 0.61 -3.20 -8.79
CA ILE A 81 1.83 -2.44 -8.99
C ILE A 81 1.47 -1.16 -9.73
N GLU A 82 0.36 -1.22 -10.44
CA GLU A 82 -0.20 -0.05 -11.07
C GLU A 82 -0.68 0.89 -9.96
N LYS A 83 -1.42 0.34 -8.99
CA LYS A 83 -1.97 1.15 -7.90
C LYS A 83 -0.92 1.54 -6.84
N LEU A 84 0.21 0.84 -6.78
CA LEU A 84 1.26 1.25 -5.85
C LEU A 84 2.09 2.35 -6.51
N GLY A 85 2.10 2.36 -7.83
CA GLY A 85 2.86 3.38 -8.54
C GLY A 85 4.19 2.87 -9.01
N ILE A 86 4.21 1.63 -9.38
CA ILE A 86 5.40 0.99 -9.86
C ILE A 86 5.54 1.27 -11.37
N ARG A 87 4.40 1.52 -11.98
CA ARG A 87 4.35 1.91 -13.35
C ARG A 87 4.32 3.37 -13.39
N GLY A 88 4.27 4.01 -12.27
CA GLY A 88 4.24 5.39 -12.49
C GLY A 88 5.53 6.09 -12.27
N PRO A 1 -13.67 15.33 -6.26
CA PRO A 1 -14.79 15.55 -5.33
C PRO A 1 -15.19 14.23 -4.72
N ILE A 2 -16.04 14.26 -3.74
CA ILE A 2 -16.52 13.01 -3.18
C ILE A 2 -17.96 12.87 -3.57
N THR A 3 -18.19 11.80 -4.26
CA THR A 3 -19.47 11.50 -4.82
C THR A 3 -19.78 10.02 -4.61
N LYS A 4 -21.02 9.60 -4.84
CA LYS A 4 -21.33 8.18 -4.66
C LYS A 4 -20.59 7.31 -5.68
N GLU A 5 -20.45 7.77 -6.94
CA GLU A 5 -19.69 6.99 -7.96
C GLU A 5 -18.21 7.12 -7.65
N GLU A 6 -17.88 8.13 -6.85
CA GLU A 6 -16.52 8.37 -6.47
C GLU A 6 -16.17 7.43 -5.35
N LYS A 7 -17.17 7.14 -4.54
CA LYS A 7 -17.03 6.22 -3.47
C LYS A 7 -17.01 4.80 -4.05
N GLN A 8 -17.84 4.56 -5.07
CA GLN A 8 -17.86 3.25 -5.72
C GLN A 8 -16.50 2.98 -6.36
N LYS A 9 -15.92 4.03 -6.92
CA LYS A 9 -14.60 3.96 -7.53
C LYS A 9 -13.55 3.59 -6.48
N VAL A 10 -13.68 4.17 -5.28
CA VAL A 10 -12.76 3.91 -4.17
C VAL A 10 -12.83 2.44 -3.72
N ILE A 11 -14.04 1.94 -3.68
CA ILE A 11 -14.33 0.55 -3.31
C ILE A 11 -13.74 -0.41 -4.33
N GLN A 12 -13.93 -0.02 -5.57
CA GLN A 12 -13.45 -0.77 -6.69
C GLN A 12 -11.92 -0.82 -6.71
N GLU A 13 -11.30 0.33 -6.51
CA GLU A 13 -9.84 0.41 -6.52
C GLU A 13 -9.24 -0.23 -5.28
N PHE A 14 -9.72 0.14 -4.11
CA PHE A 14 -9.21 -0.48 -2.90
C PHE A 14 -10.36 -0.92 -1.98
N ALA A 15 -10.84 0.05 -1.21
CA ALA A 15 -11.91 -0.10 -0.22
C ALA A 15 -11.74 1.07 0.76
N ARG A 16 -10.55 1.03 1.36
CA ARG A 16 -10.06 2.05 2.31
C ARG A 16 -10.79 2.05 3.65
N PHE A 17 -11.41 0.92 3.91
CA PHE A 17 -12.07 0.63 5.16
C PHE A 17 -11.60 -0.78 5.50
N PRO A 18 -11.16 -1.04 6.74
CA PRO A 18 -10.63 -2.36 7.15
C PRO A 18 -11.39 -3.56 6.60
N GLY A 19 -10.87 -4.13 5.51
CA GLY A 19 -11.48 -5.28 4.88
C GLY A 19 -12.94 -5.07 4.48
N ASP A 20 -13.31 -3.83 4.13
CA ASP A 20 -14.72 -3.52 3.77
C ASP A 20 -15.18 -4.36 2.60
N THR A 21 -14.47 -4.20 1.52
CA THR A 21 -14.76 -4.90 0.31
C THR A 21 -14.01 -6.23 0.30
N GLY A 22 -13.35 -6.53 1.42
CA GLY A 22 -12.53 -7.73 1.54
C GLY A 22 -11.41 -7.72 0.53
N SER A 23 -10.93 -6.53 0.26
CA SER A 23 -9.89 -6.33 -0.72
C SER A 23 -8.51 -6.49 -0.11
N THR A 24 -7.57 -6.85 -0.92
CA THR A 24 -6.19 -6.94 -0.49
C THR A 24 -5.62 -5.55 -0.72
N GLU A 25 -6.26 -4.90 -1.69
CA GLU A 25 -5.99 -3.53 -2.11
C GLU A 25 -6.10 -2.56 -0.94
N VAL A 26 -7.04 -2.86 -0.02
CA VAL A 26 -7.25 -2.01 1.15
C VAL A 26 -5.98 -1.87 1.99
N GLN A 27 -5.23 -2.97 2.16
CA GLN A 27 -3.99 -2.89 2.94
C GLN A 27 -2.84 -2.40 2.06
N VAL A 28 -3.07 -2.46 0.76
CA VAL A 28 -2.12 -1.93 -0.19
C VAL A 28 -2.25 -0.40 -0.18
N ALA A 29 -3.49 0.07 0.04
CA ALA A 29 -3.75 1.50 0.17
C ALA A 29 -3.07 2.03 1.42
N LEU A 30 -3.12 1.25 2.49
CA LEU A 30 -2.46 1.66 3.71
C LEU A 30 -0.93 1.42 3.62
N LEU A 31 -0.51 0.50 2.74
CA LEU A 31 0.93 0.23 2.55
C LEU A 31 1.57 1.49 2.01
N THR A 32 0.91 2.03 1.00
CA THR A 32 1.38 3.20 0.31
C THR A 32 1.26 4.44 1.19
N LEU A 33 0.20 4.54 1.96
CA LEU A 33 0.03 5.68 2.84
C LEU A 33 1.13 5.68 3.91
N ARG A 34 1.40 4.53 4.52
CA ARG A 34 2.46 4.45 5.53
C ARG A 34 3.84 4.69 4.89
N ILE A 35 4.14 4.00 3.80
CA ILE A 35 5.44 4.17 3.14
C ILE A 35 5.62 5.60 2.62
N ASN A 36 4.58 6.17 2.02
CA ASN A 36 4.69 7.54 1.50
C ASN A 36 4.77 8.57 2.63
N ARG A 37 4.01 8.41 3.70
CA ARG A 37 4.05 9.41 4.76
C ARG A 37 5.35 9.29 5.56
N LEU A 38 5.96 8.10 5.55
CA LEU A 38 7.23 7.94 6.21
C LEU A 38 8.31 8.52 5.29
N SER A 39 8.07 8.44 3.98
CA SER A 39 8.97 9.06 3.01
C SER A 39 8.90 10.58 3.13
N GLU A 40 7.68 11.13 3.30
CA GLU A 40 7.52 12.58 3.46
C GLU A 40 8.02 13.00 4.86
N HIS A 41 8.09 12.02 5.78
CA HIS A 41 8.65 12.24 7.09
C HIS A 41 10.16 12.43 6.90
N LEU A 42 10.73 11.56 6.07
CA LEU A 42 12.15 11.61 5.76
C LEU A 42 12.49 12.77 4.81
N LYS A 43 11.46 13.43 4.25
CA LYS A 43 11.72 14.60 3.40
C LYS A 43 12.02 15.78 4.31
N VAL A 44 11.39 15.75 5.49
CA VAL A 44 11.58 16.77 6.48
C VAL A 44 12.80 16.43 7.32
N HIS A 45 12.86 15.17 7.71
CA HIS A 45 13.94 14.65 8.52
C HIS A 45 15.21 14.41 7.70
N LYS A 46 16.29 14.08 8.39
CA LYS A 46 17.60 13.87 7.76
C LYS A 46 18.62 13.37 8.78
N LYS A 47 19.21 12.22 8.46
CA LYS A 47 20.25 11.60 9.30
C LYS A 47 19.72 11.23 10.69
N ASP A 48 18.46 10.84 10.77
CA ASP A 48 17.84 10.47 12.05
C ASP A 48 18.22 9.04 12.48
N HIS A 49 18.89 8.31 11.57
CA HIS A 49 19.35 6.91 11.79
C HIS A 49 18.18 5.93 11.79
N HIS A 50 17.04 6.38 12.29
CA HIS A 50 15.81 5.60 12.36
C HIS A 50 15.03 5.79 11.08
N SER A 51 15.77 6.07 10.02
CA SER A 51 15.21 6.36 8.72
C SER A 51 14.55 5.15 8.06
N HIS A 52 15.33 4.14 7.73
CA HIS A 52 14.80 2.95 7.08
C HIS A 52 14.53 1.80 8.06
N ARG A 53 14.70 2.10 9.35
CA ARG A 53 14.53 1.12 10.44
C ARG A 53 13.33 0.20 10.25
N GLY A 54 12.15 0.76 10.18
CA GLY A 54 10.96 -0.05 10.01
C GLY A 54 10.61 -0.28 8.55
N LEU A 55 11.02 0.63 7.67
CA LEU A 55 10.65 0.56 6.25
C LEU A 55 11.29 -0.63 5.55
N LEU A 56 12.37 -1.17 6.11
CA LEU A 56 13.02 -2.32 5.52
C LEU A 56 12.14 -3.56 5.72
N MET A 57 11.53 -3.65 6.90
CA MET A 57 10.65 -4.76 7.22
C MET A 57 9.33 -4.55 6.48
N MET A 58 8.95 -3.28 6.35
CA MET A 58 7.75 -2.91 5.64
C MET A 58 7.86 -3.31 4.17
N VAL A 59 8.94 -2.87 3.51
CA VAL A 59 9.16 -3.20 2.08
C VAL A 59 9.39 -4.71 1.93
N GLY A 60 10.12 -5.29 2.88
CA GLY A 60 10.39 -6.72 2.85
C GLY A 60 9.12 -7.56 2.83
N GLN A 61 8.23 -7.34 3.80
CA GLN A 61 6.99 -8.10 3.89
C GLN A 61 6.02 -7.67 2.79
N ARG A 62 6.17 -6.43 2.33
CA ARG A 62 5.30 -5.90 1.33
C ARG A 62 5.59 -6.52 -0.04
N ARG A 63 6.86 -6.66 -0.35
CA ARG A 63 7.25 -7.28 -1.60
C ARG A 63 6.95 -8.78 -1.55
N ARG A 64 7.04 -9.38 -0.36
CA ARG A 64 6.69 -10.80 -0.20
C ARG A 64 5.19 -10.95 -0.44
N LEU A 65 4.43 -9.97 0.05
CA LEU A 65 2.98 -9.93 -0.13
C LEU A 65 2.67 -9.80 -1.62
N LEU A 66 3.39 -8.90 -2.31
CA LEU A 66 3.20 -8.67 -3.73
C LEU A 66 3.53 -9.94 -4.54
N ARG A 67 4.64 -10.61 -4.24
CA ARG A 67 4.97 -11.83 -4.99
C ARG A 67 4.13 -13.02 -4.52
N TYR A 68 3.42 -12.86 -3.40
CA TYR A 68 2.52 -13.90 -2.95
C TYR A 68 1.21 -13.72 -3.74
N LEU A 69 0.76 -12.47 -3.83
CA LEU A 69 -0.46 -12.14 -4.56
C LEU A 69 -0.32 -12.44 -6.05
N GLN A 70 0.87 -12.25 -6.64
CA GLN A 70 1.06 -12.55 -8.07
C GLN A 70 0.76 -14.01 -8.37
N ARG A 71 0.96 -14.84 -7.36
CA ARG A 71 0.75 -16.27 -7.50
C ARG A 71 -0.73 -16.65 -7.39
N GLU A 72 -1.40 -16.26 -6.32
CA GLU A 72 -2.81 -16.64 -6.15
C GLU A 72 -3.80 -15.64 -6.78
N ASP A 73 -3.27 -14.74 -7.59
CA ASP A 73 -4.05 -13.76 -8.33
C ASP A 73 -3.09 -13.09 -9.32
N PRO A 74 -2.93 -13.69 -10.51
CA PRO A 74 -2.00 -13.19 -11.51
C PRO A 74 -2.35 -11.82 -12.07
N GLU A 75 -3.57 -11.38 -11.85
CA GLU A 75 -3.93 -10.07 -12.33
C GLU A 75 -3.55 -9.03 -11.28
N ARG A 76 -3.63 -9.42 -10.02
CA ARG A 76 -3.29 -8.52 -8.93
C ARG A 76 -1.84 -8.08 -8.91
N TYR A 77 -0.90 -8.91 -9.36
CA TYR A 77 0.49 -8.45 -9.35
C TYR A 77 0.60 -7.27 -10.26
N ARG A 78 0.11 -7.52 -11.46
CA ARG A 78 0.12 -6.59 -12.54
C ARG A 78 -0.70 -5.35 -12.24
N ALA A 79 -1.90 -5.53 -11.73
CA ALA A 79 -2.74 -4.38 -11.50
C ALA A 79 -2.36 -3.61 -10.23
N LEU A 80 -1.74 -4.24 -9.24
CA LEU A 80 -1.34 -3.47 -8.08
C LEU A 80 -0.10 -2.65 -8.43
N ILE A 81 0.69 -3.12 -9.39
CA ILE A 81 1.87 -2.35 -9.75
C ILE A 81 1.47 -1.19 -10.66
N GLU A 82 0.38 -1.38 -11.38
CA GLU A 82 -0.16 -0.33 -12.22
C GLU A 82 -1.01 0.65 -11.41
N LYS A 83 -1.74 0.13 -10.44
CA LYS A 83 -2.62 0.97 -9.61
C LYS A 83 -1.81 1.84 -8.65
N LEU A 84 -0.68 1.34 -8.18
CA LEU A 84 0.20 2.15 -7.34
C LEU A 84 1.03 3.08 -8.22
N GLY A 85 1.38 2.58 -9.39
CA GLY A 85 2.18 3.37 -10.32
C GLY A 85 3.64 3.10 -10.16
N ILE A 86 3.95 1.84 -10.16
CA ILE A 86 5.30 1.38 -9.98
C ILE A 86 6.03 1.34 -11.33
N ARG A 87 5.30 1.22 -12.40
CA ARG A 87 5.86 1.20 -13.78
C ARG A 87 6.32 2.62 -14.17
N GLY A 88 5.17 3.30 -14.25
CA GLY A 88 4.97 4.71 -14.54
C GLY A 88 4.13 4.89 -15.80
#